data_8TZ4
#
_entry.id   8TZ4
#
_cell.length_a   1.00
_cell.length_b   1.00
_cell.length_c   1.00
_cell.angle_alpha   90.00
_cell.angle_beta   90.00
_cell.angle_gamma   90.00
#
_symmetry.space_group_name_H-M   'P 1'
#
loop_
_entity.id
_entity.type
_entity.pdbx_description
1 polymer 'Sodium/nucleoside cotransporter'
2 non-polymer (2~{R},3~{R},4~{S},5~{R})-2-(4-azanylpyrrolo[2,1-f][1,2,4]triazin-7-yl)-5-(hydroxymethyl)-3,4-bis(oxidanyl)oxolane-2-carbonitrile
#
_entity_poly.entity_id   1
_entity_poly.type   'polypeptide(L)'
_entity_poly.pdbx_seq_one_letter_code
;MDYKDDDDKLEATMAMSSKISVELQRVAALPAQGCSNTGFQNDEDGFENQNPSGNDHSLRNRVVQNREHENGKQVEEHIT
IGQDSLRKDEEEEDDQETHRKGCLERMCGRMSDFCREHKTTLRYIIWGILIAGYLALVIAACVMNFHRALPLFVITVVAI
FFVVWDHLMAKYESQIARFLSPGQRLLDSHWFWLKWVIWGCLILGVILWLVFDTAKLGQQQLVSFGGLIIYTSLTFLFSK
HPTKVYWRPVFWGIGLQFLLGLLILRTEPGFMAFDWLGKQVQTFLGYSDAGASFVFGEKYTDHFFAFKVLPIVIFFSTVM
SMLYYLGLMQWIIRKVGWVMLVTMGTSPVESVVASGNIFIGQTESPLLVRPYLPYVTKSELHAIMTAGFSTIAGSVLGAY
ISFGVSSSHLLTASVMSAPAALAISKLFWPETETPKINLKNAMKMESGDSRNLLEAATQGASSSISLVANIAVNLIAFLA
LLSFMNSALSWLGNMFDYPQLSFEVICSYVFMPFAFMMGVDWQDSFMVAKLIGYKTFFNEFVAYQQLSKLISLRQVGGPK
FVDGVQQYMSMRSEAISTYALCGFANFGSLGIVIGGLTSMAPSRKRDITAGAMRALIAGTIACFLTACIAGMLTNTPVDI
NCHHILENAFNSGLVRNTTNVVSCCQGLLSSAVVKGPGEVIPTGNHSLYSLKNCCNLLNTPTLNCSWIPNVLSNS
;
_entity_poly.pdbx_strand_id   A,C,B
#
loop_
_chem_comp.id
_chem_comp.type
_chem_comp.name
_chem_comp.formula
U08 non-polymer (2~{R},3~{R},4~{S},5~{R})-2-(4-azanylpyrrolo[2,1-f][1,2,4]triazin-7-yl)-5-(hydroxymethyl)-3,4-bis(oxidanyl)oxolane-2-carbonitrile 'C12 H13 N5 O4'
#
# COMPACT_ATOMS: atom_id res chain seq x y z
N GLU A 105 18.07 47.88 -15.38
CA GLU A 105 17.79 47.33 -14.06
C GLU A 105 18.87 47.74 -13.07
N ARG A 106 19.22 49.03 -13.08
CA ARG A 106 20.22 49.53 -12.14
C ARG A 106 19.77 49.36 -10.70
N MET A 107 18.49 49.61 -10.43
CA MET A 107 17.97 49.44 -9.07
C MET A 107 18.10 48.00 -8.62
N CYS A 108 17.79 47.04 -9.51
CA CYS A 108 17.94 45.63 -9.16
C CYS A 108 19.39 45.29 -8.86
N GLY A 109 20.31 45.80 -9.67
CA GLY A 109 21.72 45.55 -9.42
C GLY A 109 22.19 46.12 -8.09
N ARG A 110 21.75 47.34 -7.77
CA ARG A 110 22.12 47.94 -6.50
C ARG A 110 21.57 47.14 -5.33
N MET A 111 20.31 46.70 -5.44
CA MET A 111 19.73 45.90 -4.37
C MET A 111 20.49 44.59 -4.18
N SER A 112 20.85 43.93 -5.28
CA SER A 112 21.60 42.69 -5.19
C SER A 112 22.97 42.93 -4.55
N ASP A 113 23.64 44.01 -4.93
CA ASP A 113 24.93 44.33 -4.33
C ASP A 113 24.79 44.57 -2.84
N PHE A 114 23.76 45.31 -2.43
CA PHE A 114 23.53 45.56 -1.02
C PHE A 114 23.32 44.25 -0.27
N CYS A 115 22.48 43.37 -0.82
CA CYS A 115 22.21 42.10 -0.16
C CYS A 115 23.49 41.27 -0.02
N ARG A 116 24.29 41.21 -1.08
CA ARG A 116 25.52 40.44 -1.03
C ARG A 116 26.50 41.02 -0.01
N GLU A 117 26.60 42.35 0.05
CA GLU A 117 27.63 42.97 0.87
C GLU A 117 27.42 42.69 2.35
N HIS A 118 26.17 42.71 2.81
CA HIS A 118 25.84 42.61 4.24
C HIS A 118 24.79 41.53 4.46
N LYS A 119 25.01 40.36 3.86
CA LYS A 119 24.08 39.26 4.03
C LYS A 119 24.02 38.80 5.49
N THR A 120 25.18 38.72 6.15
CA THR A 120 25.23 38.20 7.51
C THR A 120 24.46 39.09 8.49
N THR A 121 24.62 40.41 8.36
CA THR A 121 24.00 41.31 9.33
C THR A 121 22.49 41.40 9.14
N LEU A 122 22.02 41.24 7.90
CA LEU A 122 20.59 41.40 7.64
C LEU A 122 19.79 40.28 8.27
N ARG A 123 20.22 39.03 8.07
CA ARG A 123 19.48 37.91 8.63
C ARG A 123 19.61 37.88 10.15
N TYR A 124 20.78 38.24 10.67
CA TYR A 124 20.95 38.32 12.12
C TYR A 124 20.02 39.36 12.72
N ILE A 125 19.89 40.52 12.05
CA ILE A 125 18.98 41.55 12.54
C ILE A 125 17.54 41.07 12.49
N ILE A 126 17.15 40.37 11.42
CA ILE A 126 15.79 39.86 11.32
C ILE A 126 15.50 38.89 12.46
N TRP A 127 16.43 37.96 12.71
CA TRP A 127 16.24 37.01 13.80
C TRP A 127 16.19 37.72 15.14
N GLY A 128 17.05 38.73 15.34
CA GLY A 128 16.99 39.49 16.58
C GLY A 128 15.65 40.19 16.76
N ILE A 129 15.10 40.72 15.68
CA ILE A 129 13.79 41.36 15.76
C ILE A 129 12.72 40.35 16.14
N LEU A 130 12.76 39.16 15.53
CA LEU A 130 11.79 38.12 15.88
C LEU A 130 11.91 37.73 17.36
N ILE A 131 13.14 37.56 17.84
CA ILE A 131 13.35 37.20 19.24
C ILE A 131 12.85 38.30 20.15
N ALA A 132 13.11 39.55 19.78
CA ALA A 132 12.62 40.68 20.59
C ALA A 132 11.10 40.70 20.62
N GLY A 133 10.45 40.42 19.49
CA GLY A 133 8.99 40.35 19.49
C GLY A 133 8.47 39.24 20.38
N TYR A 134 9.10 38.07 20.33
CA TYR A 134 8.67 36.98 21.20
C TYR A 134 8.85 37.35 22.67
N LEU A 135 9.99 37.96 23.02
CA LEU A 135 10.22 38.36 24.40
C LEU A 135 9.22 39.43 24.83
N ALA A 136 8.88 40.35 23.93
CA ALA A 136 7.87 41.35 24.23
C ALA A 136 6.52 40.71 24.50
N LEU A 137 6.15 39.71 23.69
CA LEU A 137 4.89 39.01 23.94
C LEU A 137 4.91 38.33 25.29
N VAL A 138 6.02 37.68 25.64
CA VAL A 138 6.11 36.96 26.90
C VAL A 138 6.01 37.92 28.07
N ILE A 139 6.76 39.02 28.03
CA ILE A 139 6.74 39.98 29.13
C ILE A 139 5.38 40.63 29.26
N ALA A 140 4.73 40.94 28.13
CA ALA A 140 3.39 41.50 28.20
C ALA A 140 2.41 40.53 28.83
N ALA A 141 2.47 39.26 28.44
CA ALA A 141 1.58 38.26 29.03
C ALA A 141 1.83 38.13 30.53
N CYS A 142 3.10 38.16 30.94
CA CYS A 142 3.41 38.09 32.37
C CYS A 142 2.90 39.32 33.11
N VAL A 143 3.00 40.49 32.50
CA VAL A 143 2.55 41.73 33.15
C VAL A 143 1.04 41.70 33.35
N MET A 144 0.31 41.31 32.30
CA MET A 144 -1.15 41.30 32.41
C MET A 144 -1.61 40.35 33.50
N ASN A 145 -1.00 39.17 33.58
CA ASN A 145 -1.30 38.21 34.64
C ASN A 145 -0.16 37.22 34.72
N PHE A 146 0.38 37.04 35.93
CA PHE A 146 1.56 36.19 36.10
C PHE A 146 1.20 34.73 36.31
N HIS A 147 0.24 34.45 37.20
CA HIS A 147 -0.14 33.07 37.45
C HIS A 147 -0.68 32.40 36.19
N ARG A 148 -1.35 33.16 35.33
CA ARG A 148 -1.91 32.58 34.11
C ARG A 148 -0.83 32.34 33.06
N ALA A 149 0.23 33.15 33.07
CA ALA A 149 1.30 33.06 32.07
C ALA A 149 2.53 32.33 32.59
N LEU A 150 2.43 31.65 33.73
CA LEU A 150 3.60 31.00 34.31
C LEU A 150 4.24 29.98 33.39
N PRO A 151 3.51 29.03 32.80
CA PRO A 151 4.20 28.01 31.99
C PRO A 151 4.97 28.57 30.82
N LEU A 152 4.45 29.61 30.18
CA LEU A 152 5.19 30.24 29.08
C LEU A 152 6.50 30.83 29.59
N PHE A 153 6.48 31.48 30.75
CA PHE A 153 7.69 32.03 31.33
C PHE A 153 8.69 30.92 31.65
N VAL A 154 8.21 29.80 32.19
CA VAL A 154 9.10 28.70 32.52
C VAL A 154 9.75 28.15 31.26
N ILE A 155 8.95 27.94 30.21
CA ILE A 155 9.48 27.42 28.96
C ILE A 155 10.53 28.36 28.39
N THR A 156 10.24 29.67 28.38
CA THR A 156 11.21 30.62 27.87
C THR A 156 12.49 30.61 28.68
N VAL A 157 12.37 30.54 30.01
CA VAL A 157 13.55 30.55 30.86
C VAL A 157 14.42 29.32 30.59
N VAL A 158 13.79 28.15 30.50
CA VAL A 158 14.58 26.93 30.28
C VAL A 158 15.21 26.95 28.90
N ALA A 159 14.50 27.45 27.89
CA ALA A 159 15.07 27.54 26.56
C ALA A 159 16.28 28.46 26.53
N ILE A 160 16.17 29.63 27.17
CA ILE A 160 17.29 30.55 27.22
C ILE A 160 18.47 29.93 27.96
N PHE A 161 18.19 29.26 29.08
CA PHE A 161 19.25 28.63 29.84
C PHE A 161 19.99 27.60 29.01
N PHE A 162 19.24 26.74 28.29
CA PHE A 162 19.87 25.71 27.48
C PHE A 162 20.68 26.31 26.33
N VAL A 163 20.15 27.35 25.69
CA VAL A 163 20.87 27.99 24.59
C VAL A 163 22.18 28.57 25.09
N VAL A 164 22.13 29.30 26.21
CA VAL A 164 23.35 29.89 26.77
C VAL A 164 24.34 28.81 27.17
N TRP A 165 23.85 27.75 27.81
CA TRP A 165 24.72 26.65 28.21
C TRP A 165 25.41 26.03 27.00
N ASP A 166 24.64 25.76 25.94
CA ASP A 166 25.23 25.17 24.75
C ASP A 166 26.29 26.09 24.14
N HIS A 167 25.99 27.39 24.06
CA HIS A 167 26.97 28.32 23.51
C HIS A 167 28.24 28.34 24.35
N LEU A 168 28.10 28.38 25.68
CA LEU A 168 29.28 28.44 26.54
C LEU A 168 30.11 27.16 26.43
N MET A 169 29.46 26.00 26.40
CA MET A 169 30.20 24.75 26.25
C MET A 169 30.91 24.70 24.91
N ALA A 170 30.25 25.16 23.86
CA ALA A 170 30.88 25.17 22.54
C ALA A 170 32.10 26.09 22.50
N LYS A 171 32.00 27.25 23.15
CA LYS A 171 33.05 28.26 23.03
C LYS A 171 34.23 27.98 23.97
N TYR A 172 33.95 27.58 25.20
CA TYR A 172 34.99 27.46 26.23
C TYR A 172 35.33 26.02 26.56
N GLU A 173 35.20 25.10 25.61
CA GLU A 173 35.45 23.68 25.90
C GLU A 173 36.88 23.46 26.35
N SER A 174 37.85 24.02 25.62
CA SER A 174 39.26 23.79 25.94
C SER A 174 39.60 24.33 27.32
N GLN A 175 39.12 25.54 27.63
CA GLN A 175 39.42 26.14 28.93
C GLN A 175 38.86 25.29 30.07
N ILE A 176 37.62 24.83 29.92
CA ILE A 176 36.99 24.01 30.95
C ILE A 176 37.76 22.69 31.10
N ALA A 177 38.15 22.08 29.98
CA ALA A 177 38.89 20.82 30.06
C ALA A 177 40.21 21.01 30.79
N ARG A 178 40.94 22.08 30.47
CA ARG A 178 42.21 22.35 31.14
C ARG A 178 41.98 22.60 32.62
N PHE A 179 40.93 23.34 32.97
CA PHE A 179 40.64 23.60 34.37
C PHE A 179 40.31 22.31 35.12
N LEU A 180 39.62 21.38 34.46
CA LEU A 180 39.28 20.12 35.10
C LEU A 180 40.48 19.18 35.20
N SER A 181 41.46 19.33 34.31
CA SER A 181 42.55 18.35 34.22
C SER A 181 43.25 18.09 35.54
N PRO A 182 43.69 19.09 36.31
CA PRO A 182 44.44 18.78 37.54
C PRO A 182 43.68 17.89 38.51
N GLY A 183 42.37 18.11 38.66
CA GLY A 183 41.58 17.25 39.52
C GLY A 183 41.58 15.81 39.05
N GLN A 184 41.48 15.61 37.74
CA GLN A 184 41.55 14.26 37.19
C GLN A 184 42.89 13.61 37.50
N ARG A 185 43.98 14.38 37.37
CA ARG A 185 45.30 13.83 37.67
C ARG A 185 45.40 13.42 39.13
N LEU A 186 44.94 14.27 40.05
CA LEU A 186 44.99 13.92 41.46
C LEU A 186 44.14 12.68 41.75
N LEU A 187 42.95 12.60 41.16
CA LEU A 187 42.10 11.44 41.38
C LEU A 187 42.75 10.18 40.83
N ASP A 188 43.38 10.26 39.66
CA ASP A 188 44.11 9.11 39.14
C ASP A 188 45.24 8.71 40.07
N SER A 189 45.93 9.70 40.63
CA SER A 189 47.05 9.40 41.53
C SER A 189 46.57 8.65 42.78
N HIS A 190 45.44 9.06 43.35
CA HIS A 190 44.95 8.47 44.58
C HIS A 190 43.96 7.33 44.35
N TRP A 191 43.64 7.00 43.10
CA TRP A 191 42.61 6.01 42.83
C TRP A 191 42.99 4.61 43.29
N PHE A 192 44.28 4.25 43.24
CA PHE A 192 44.66 2.87 43.57
C PHE A 192 44.18 2.50 44.97
N TRP A 193 44.14 3.47 45.88
CA TRP A 193 43.62 3.24 47.22
C TRP A 193 42.19 3.75 47.43
N LEU A 194 41.76 4.76 46.69
CA LEU A 194 40.41 5.29 46.87
C LEU A 194 39.34 4.41 46.26
N LYS A 195 39.69 3.52 45.32
CA LYS A 195 38.68 2.69 44.69
C LYS A 195 38.04 1.74 45.69
N TRP A 196 38.84 1.18 46.60
CA TRP A 196 38.29 0.27 47.59
C TRP A 196 37.33 1.01 48.52
N VAL A 197 37.67 2.23 48.91
CA VAL A 197 36.78 3.01 49.77
C VAL A 197 35.47 3.28 49.05
N ILE A 198 35.54 3.71 47.79
CA ILE A 198 34.32 4.03 47.05
C ILE A 198 33.45 2.78 46.90
N TRP A 199 34.07 1.66 46.52
CA TRP A 199 33.30 0.43 46.33
C TRP A 199 32.68 -0.05 47.63
N GLY A 200 33.43 0.01 48.73
CA GLY A 200 32.88 -0.36 50.02
C GLY A 200 31.71 0.52 50.42
N CYS A 201 31.82 1.83 50.17
CA CYS A 201 30.71 2.73 50.47
C CYS A 201 29.49 2.39 49.64
N LEU A 202 29.68 2.10 48.35
CA LEU A 202 28.54 1.75 47.51
C LEU A 202 27.88 0.45 47.97
N ILE A 203 28.69 -0.56 48.32
CA ILE A 203 28.14 -1.83 48.78
C ILE A 203 27.38 -1.63 50.09
N LEU A 204 27.95 -0.85 51.01
CA LEU A 204 27.28 -0.57 52.27
C LEU A 204 25.96 0.15 52.03
N GLY A 205 25.94 1.11 51.10
CA GLY A 205 24.69 1.79 50.78
C GLY A 205 23.65 0.84 50.23
N VAL A 206 24.06 -0.07 49.34
CA VAL A 206 23.13 -1.05 48.80
C VAL A 206 22.57 -1.92 49.92
N ILE A 207 23.44 -2.39 50.82
CA ILE A 207 22.98 -3.25 51.91
C ILE A 207 22.02 -2.51 52.81
N LEU A 208 22.36 -1.26 53.17
CA LEU A 208 21.48 -0.49 54.04
C LEU A 208 20.14 -0.23 53.39
N TRP A 209 20.13 0.12 52.09
CA TRP A 209 18.87 0.33 51.40
C TRP A 209 18.04 -0.95 51.38
N LEU A 210 18.67 -2.09 51.08
CA LEU A 210 17.94 -3.33 51.10
C LEU A 210 17.30 -3.56 52.47
N VAL A 211 18.10 -3.47 53.52
CA VAL A 211 17.64 -3.86 54.85
C VAL A 211 16.54 -2.92 55.33
N PHE A 212 16.65 -1.63 55.04
CA PHE A 212 15.73 -0.66 55.61
C PHE A 212 14.56 -0.29 54.72
N ASP A 213 14.55 -0.70 53.45
CA ASP A 213 13.41 -0.47 52.58
C ASP A 213 12.82 -1.78 52.05
N THR A 214 13.63 -2.62 51.41
CA THR A 214 13.09 -3.79 50.73
C THR A 214 12.45 -4.76 51.71
N ALA A 215 13.17 -5.06 52.81
CA ALA A 215 12.62 -5.94 53.83
C ALA A 215 11.31 -5.40 54.39
N LYS A 216 11.25 -4.08 54.58
CA LYS A 216 10.01 -3.47 55.07
C LYS A 216 8.87 -3.64 54.07
N LEU A 217 9.16 -3.46 52.78
CA LEU A 217 8.11 -3.52 51.77
C LEU A 217 7.48 -4.91 51.72
N GLY A 218 8.31 -5.95 51.75
CA GLY A 218 7.80 -7.31 51.75
C GLY A 218 8.79 -8.25 51.10
N GLN A 219 8.37 -9.52 51.01
CA GLN A 219 9.20 -10.54 50.41
C GLN A 219 9.37 -10.33 48.91
N GLN A 220 8.31 -9.84 48.25
CA GLN A 220 8.31 -9.80 46.79
C GLN A 220 9.41 -8.91 46.23
N GLN A 221 9.74 -7.83 46.93
CA GLN A 221 10.81 -6.96 46.44
C GLN A 221 12.18 -7.61 46.61
N LEU A 222 12.37 -8.35 47.70
CA LEU A 222 13.58 -9.14 47.84
C LEU A 222 13.67 -10.18 46.72
N VAL A 223 12.54 -10.78 46.36
CA VAL A 223 12.54 -11.72 45.25
C VAL A 223 12.88 -11.02 43.94
N SER A 224 12.43 -9.77 43.78
CA SER A 224 12.79 -8.99 42.61
C SER A 224 14.30 -8.76 42.54
N PHE A 225 14.90 -8.40 43.68
CA PHE A 225 16.35 -8.20 43.72
C PHE A 225 17.09 -9.50 43.41
N GLY A 226 16.62 -10.61 43.99
CA GLY A 226 17.22 -11.90 43.69
C GLY A 226 17.09 -12.25 42.22
N GLY A 227 15.94 -11.95 41.61
CA GLY A 227 15.76 -12.18 40.20
C GLY A 227 16.69 -11.34 39.35
N LEU A 228 16.92 -10.08 39.74
CA LEU A 228 17.88 -9.27 39.03
C LEU A 228 19.27 -9.89 39.09
N ILE A 229 19.67 -10.33 40.29
CA ILE A 229 20.98 -10.98 40.42
C ILE A 229 21.05 -12.23 39.56
N ILE A 230 19.96 -13.01 39.55
CA ILE A 230 19.94 -14.26 38.80
C ILE A 230 20.00 -13.99 37.30
N TYR A 231 19.29 -12.97 36.83
CA TYR A 231 19.34 -12.63 35.41
C TYR A 231 20.74 -12.17 35.02
N THR A 232 21.40 -11.39 35.88
CA THR A 232 22.77 -10.99 35.57
C THR A 232 23.71 -12.19 35.55
N SER A 233 23.56 -13.10 36.53
CA SER A 233 24.39 -14.30 36.55
C SER A 233 24.18 -15.16 35.31
N LEU A 234 22.92 -15.35 34.91
CA LEU A 234 22.63 -16.14 33.73
C LEU A 234 23.20 -15.48 32.48
N THR A 235 23.09 -14.15 32.37
CA THR A 235 23.68 -13.46 31.23
C THR A 235 25.19 -13.67 31.20
N PHE A 236 25.83 -13.61 32.37
CA PHE A 236 27.28 -13.79 32.41
C PHE A 236 27.67 -15.22 32.04
N LEU A 237 26.93 -16.21 32.54
CA LEU A 237 27.32 -17.60 32.33
C LEU A 237 27.26 -17.99 30.85
N PHE A 238 26.26 -17.51 30.13
CA PHE A 238 26.11 -17.82 28.71
C PHE A 238 26.67 -16.72 27.82
N SER A 239 27.71 -16.02 28.29
CA SER A 239 28.29 -14.93 27.54
C SER A 239 29.16 -15.45 26.40
N LYS A 240 29.26 -14.65 25.34
CA LYS A 240 30.06 -15.04 24.18
C LYS A 240 31.53 -15.18 24.56
N HIS A 241 32.06 -14.24 25.35
CA HIS A 241 33.45 -14.25 25.78
C HIS A 241 33.49 -14.01 27.29
N PRO A 242 33.21 -15.03 28.08
CA PRO A 242 33.11 -14.81 29.53
C PRO A 242 34.38 -14.27 30.17
N THR A 243 35.54 -14.50 29.56
CA THR A 243 36.80 -14.02 30.12
C THR A 243 37.18 -12.62 29.68
N LYS A 244 36.44 -12.03 28.74
CA LYS A 244 36.74 -10.70 28.21
C LYS A 244 35.75 -9.65 28.70
N VAL A 245 35.04 -9.92 29.79
CA VAL A 245 33.99 -9.04 30.26
C VAL A 245 34.58 -7.80 30.90
N TYR A 246 34.15 -6.63 30.43
CA TYR A 246 34.48 -5.35 31.04
C TYR A 246 33.33 -4.96 31.95
N TRP A 247 33.58 -4.96 33.26
CA TRP A 247 32.50 -4.87 34.25
C TRP A 247 32.06 -3.44 34.53
N ARG A 248 32.78 -2.43 34.07
CA ARG A 248 32.33 -1.05 34.30
C ARG A 248 30.96 -0.78 33.71
N PRO A 249 30.71 -1.04 32.42
CA PRO A 249 29.40 -0.71 31.86
C PRO A 249 28.25 -1.43 32.52
N VAL A 250 28.42 -2.68 32.94
CA VAL A 250 27.30 -3.43 33.51
C VAL A 250 26.86 -2.79 34.83
N PHE A 251 27.81 -2.54 35.72
CA PHE A 251 27.46 -1.96 37.02
C PHE A 251 26.98 -0.53 36.84
N TRP A 252 27.56 0.23 35.91
CA TRP A 252 27.11 1.59 35.72
C TRP A 252 25.69 1.64 35.14
N GLY A 253 25.38 0.75 34.20
CA GLY A 253 24.02 0.70 33.67
C GLY A 253 23.01 0.31 34.73
N ILE A 254 23.34 -0.69 35.55
CA ILE A 254 22.43 -1.07 36.62
C ILE A 254 22.25 0.07 37.60
N GLY A 255 23.34 0.77 37.94
CA GLY A 255 23.22 1.90 38.85
C GLY A 255 22.39 3.03 38.27
N LEU A 256 22.54 3.30 36.98
CA LEU A 256 21.73 4.33 36.34
C LEU A 256 20.26 3.95 36.33
N GLN A 257 19.96 2.66 36.07
CA GLN A 257 18.57 2.22 36.15
C GLN A 257 18.03 2.40 37.56
N PHE A 258 18.82 2.04 38.58
CA PHE A 258 18.35 2.16 39.95
C PHE A 258 18.14 3.62 40.34
N LEU A 259 19.03 4.51 39.88
CA LEU A 259 18.85 5.93 40.16
C LEU A 259 17.61 6.49 39.49
N LEU A 260 17.38 6.11 38.23
CA LEU A 260 16.17 6.55 37.56
C LEU A 260 14.93 6.04 38.26
N GLY A 261 14.94 4.77 38.70
CA GLY A 261 13.81 4.24 39.42
C GLY A 261 13.55 4.98 40.72
N LEU A 262 14.61 5.25 41.48
CA LEU A 262 14.43 6.02 42.71
C LEU A 262 13.88 7.41 42.43
N LEU A 263 14.42 8.08 41.40
CA LEU A 263 14.00 9.44 41.11
C LEU A 263 12.54 9.50 40.68
N ILE A 264 12.11 8.56 39.85
CA ILE A 264 10.79 8.66 39.25
C ILE A 264 9.70 7.98 40.09
N LEU A 265 10.02 6.90 40.79
CA LEU A 265 9.03 6.11 41.52
C LEU A 265 9.03 6.35 43.02
N ARG A 266 10.04 7.05 43.55
CA ARG A 266 10.20 7.17 45.00
C ARG A 266 10.40 8.62 45.44
N THR A 267 10.04 9.59 44.60
CA THR A 267 10.17 11.00 44.96
C THR A 267 8.99 11.77 44.39
N GLU A 268 8.47 12.70 45.18
CA GLU A 268 7.34 13.51 44.72
C GLU A 268 7.69 14.34 43.48
N PRO A 269 8.83 15.03 43.41
CA PRO A 269 9.13 15.80 42.19
C PRO A 269 9.11 14.95 40.93
N GLY A 270 9.86 13.84 40.91
CA GLY A 270 9.90 13.01 39.72
C GLY A 270 8.56 12.37 39.42
N PHE A 271 7.85 11.92 40.45
CA PHE A 271 6.54 11.31 40.24
C PHE A 271 5.58 12.30 39.60
N MET A 272 5.53 13.52 40.14
CA MET A 272 4.66 14.53 39.56
C MET A 272 5.07 14.89 38.14
N ALA A 273 6.38 15.01 37.91
CA ALA A 273 6.86 15.37 36.58
C ALA A 273 6.45 14.33 35.56
N PHE A 274 6.63 13.04 35.88
CA PHE A 274 6.31 12.01 34.90
C PHE A 274 4.81 11.79 34.77
N ASP A 275 4.04 11.97 35.86
CA ASP A 275 2.59 11.91 35.72
C ASP A 275 2.10 13.03 34.80
N TRP A 276 2.64 14.24 34.97
CA TRP A 276 2.27 15.34 34.07
C TRP A 276 2.67 15.03 32.64
N LEU A 277 3.88 14.52 32.44
CA LEU A 277 4.35 14.23 31.09
C LEU A 277 3.46 13.18 30.41
N GLY A 278 3.05 12.15 31.16
CA GLY A 278 2.13 11.18 30.62
C GLY A 278 0.77 11.78 30.31
N LYS A 279 0.28 12.65 31.19
CA LYS A 279 -1.02 13.28 30.96
C LYS A 279 -1.02 14.17 29.73
N GLN A 280 0.12 14.80 29.42
CA GLN A 280 0.20 15.62 28.22
C GLN A 280 0.04 14.76 26.96
N VAL A 281 0.62 13.56 26.97
CA VAL A 281 0.54 12.70 25.78
C VAL A 281 -0.90 12.29 25.53
N GLN A 282 -1.67 12.05 26.59
CA GLN A 282 -3.08 11.69 26.41
C GLN A 282 -3.85 12.83 25.77
N THR A 283 -3.57 14.07 26.16
CA THR A 283 -4.17 15.20 25.48
C THR A 283 -3.74 15.26 24.02
N PHE A 284 -2.46 14.99 23.76
CA PHE A 284 -1.95 15.12 22.40
C PHE A 284 -2.53 14.09 21.46
N LEU A 285 -2.75 12.86 21.92
CA LEU A 285 -3.27 11.83 21.04
C LEU A 285 -4.73 12.04 20.67
N GLY A 286 -5.44 12.95 21.34
CA GLY A 286 -6.81 13.23 21.01
C GLY A 286 -7.00 14.05 19.76
N TYR A 287 -5.93 14.73 19.32
CA TYR A 287 -6.06 15.63 18.17
C TYR A 287 -6.31 14.87 16.87
N SER A 288 -5.86 13.61 16.79
CA SER A 288 -6.07 12.83 15.57
C SER A 288 -7.54 12.60 15.28
N ASP A 289 -8.40 12.77 16.28
CA ASP A 289 -9.84 12.61 16.06
C ASP A 289 -10.35 13.59 15.02
N ALA A 290 -9.75 14.78 14.91
CA ALA A 290 -10.21 15.74 13.93
C ALA A 290 -10.09 15.19 12.52
N GLY A 291 -8.93 14.62 12.18
CA GLY A 291 -8.78 13.99 10.88
C GLY A 291 -9.59 12.72 10.74
N ALA A 292 -9.64 11.91 11.80
CA ALA A 292 -10.34 10.63 11.71
C ALA A 292 -11.82 10.82 11.44
N SER A 293 -12.43 11.82 12.09
CA SER A 293 -13.85 12.08 11.88
C SER A 293 -14.13 12.47 10.44
N PHE A 294 -13.27 13.31 9.85
CA PHE A 294 -13.50 13.74 8.48
C PHE A 294 -13.30 12.60 7.49
N VAL A 295 -12.18 11.89 7.60
CA VAL A 295 -11.88 10.86 6.61
C VAL A 295 -12.88 9.71 6.72
N PHE A 296 -13.20 9.28 7.94
CA PHE A 296 -14.06 8.13 8.16
C PHE A 296 -15.45 8.49 8.63
N GLY A 297 -15.79 9.77 8.68
CA GLY A 297 -17.13 10.19 9.08
C GLY A 297 -17.30 10.23 10.59
N GLU A 298 -18.51 10.59 11.00
CA GLU A 298 -18.83 10.64 12.43
C GLU A 298 -19.07 9.26 13.02
N LYS A 299 -19.16 8.22 12.19
CA LYS A 299 -19.30 6.85 12.64
C LYS A 299 -17.97 6.12 12.69
N TYR A 300 -16.86 6.86 12.71
CA TYR A 300 -15.55 6.23 12.75
C TYR A 300 -15.34 5.42 14.03
N THR A 301 -16.13 5.68 15.07
CA THR A 301 -16.04 4.90 16.30
C THR A 301 -16.73 3.55 16.19
N ASP A 302 -17.46 3.29 15.11
CA ASP A 302 -18.03 1.96 14.90
C ASP A 302 -16.95 0.91 14.69
N HIS A 303 -15.78 1.31 14.17
CA HIS A 303 -14.62 0.44 14.04
C HIS A 303 -13.50 1.13 14.80
N PHE A 304 -13.39 0.82 16.09
CA PHE A 304 -12.55 1.62 16.97
C PHE A 304 -11.08 1.54 16.56
N PHE A 305 -10.54 0.34 16.43
CA PHE A 305 -9.10 0.21 16.22
C PHE A 305 -8.66 0.82 14.90
N ALA A 306 -9.29 0.40 13.81
CA ALA A 306 -8.80 0.78 12.48
C ALA A 306 -9.00 2.26 12.21
N PHE A 307 -10.12 2.82 12.64
CA PHE A 307 -10.49 4.19 12.30
C PHE A 307 -10.21 5.18 13.41
N LYS A 308 -9.68 4.76 14.56
CA LYS A 308 -9.33 5.70 15.63
C LYS A 308 -7.92 5.50 16.16
N VAL A 309 -7.43 4.28 16.25
CA VAL A 309 -6.11 4.05 16.84
C VAL A 309 -5.00 4.28 15.83
N LEU A 310 -5.13 3.70 14.63
CA LEU A 310 -4.10 3.89 13.61
C LEU A 310 -3.89 5.36 13.25
N PRO A 311 -4.92 6.20 13.14
CA PRO A 311 -4.67 7.63 12.92
C PRO A 311 -3.80 8.25 13.99
N ILE A 312 -3.87 7.77 15.23
CA ILE A 312 -2.94 8.23 16.25
C ILE A 312 -1.51 7.91 15.84
N VAL A 313 -1.29 6.71 15.31
CA VAL A 313 0.04 6.34 14.84
C VAL A 313 0.48 7.25 13.71
N ILE A 314 -0.42 7.57 12.78
CA ILE A 314 -0.08 8.44 11.67
C ILE A 314 0.32 9.82 12.19
N PHE A 315 -0.49 10.37 13.10
CA PHE A 315 -0.22 11.71 13.63
C PHE A 315 1.10 11.74 14.39
N PHE A 316 1.36 10.70 15.19
CA PHE A 316 2.61 10.66 15.95
C PHE A 316 3.81 10.52 15.01
N SER A 317 3.68 9.72 13.95
CA SER A 317 4.77 9.63 12.98
C SER A 317 5.03 10.99 12.33
N THR A 318 3.96 11.71 11.97
CA THR A 318 4.12 13.03 11.38
C THR A 318 4.81 13.99 12.34
N VAL A 319 4.40 13.97 13.62
CA VAL A 319 5.00 14.87 14.60
C VAL A 319 6.46 14.51 14.83
N MET A 320 6.77 13.21 14.86
CA MET A 320 8.16 12.80 15.01
C MET A 320 9.00 13.26 13.84
N SER A 321 8.46 13.17 12.62
CA SER A 321 9.22 13.66 11.46
C SER A 321 9.44 15.16 11.54
N MET A 322 8.43 15.91 11.96
CA MET A 322 8.58 17.36 12.10
C MET A 322 9.63 17.68 13.16
N LEU A 323 9.61 16.97 14.28
CA LEU A 323 10.60 17.21 15.33
C LEU A 323 12.01 16.88 14.83
N TYR A 324 12.16 15.77 14.09
CA TYR A 324 13.46 15.43 13.55
C TYR A 324 13.95 16.50 12.59
N TYR A 325 13.05 17.05 11.78
CA TYR A 325 13.43 18.17 10.92
C TYR A 325 13.88 19.36 11.75
N LEU A 326 13.15 19.67 12.83
CA LEU A 326 13.50 20.82 13.66
C LEU A 326 14.80 20.61 14.43
N GLY A 327 15.25 19.37 14.57
CA GLY A 327 16.51 19.09 15.21
C GLY A 327 16.50 19.00 16.72
N LEU A 328 15.33 19.04 17.36
CA LEU A 328 15.27 18.84 18.81
C LEU A 328 15.58 17.40 19.18
N MET A 329 15.15 16.45 18.34
CA MET A 329 15.36 15.05 18.68
C MET A 329 16.83 14.71 18.74
N GLN A 330 17.63 15.24 17.79
CA GLN A 330 19.06 15.02 17.85
C GLN A 330 19.67 15.69 19.08
N TRP A 331 19.16 16.86 19.46
CA TRP A 331 19.65 17.52 20.66
C TRP A 331 19.47 16.63 21.89
N ILE A 332 18.26 16.11 22.08
CA ILE A 332 17.99 15.27 23.24
C ILE A 332 18.80 13.98 23.16
N ILE A 333 18.87 13.38 21.98
CA ILE A 333 19.64 12.15 21.79
C ILE A 333 21.10 12.38 22.15
N ARG A 334 21.67 13.51 21.70
CA ARG A 334 23.06 13.81 22.02
C ARG A 334 23.25 13.98 23.52
N LYS A 335 22.33 14.67 24.19
CA LYS A 335 22.46 14.85 25.63
C LYS A 335 22.48 13.50 26.35
N VAL A 336 21.48 12.66 26.08
CA VAL A 336 21.40 11.38 26.78
C VAL A 336 22.56 10.49 26.41
N GLY A 337 22.96 10.48 25.14
CA GLY A 337 24.08 9.66 24.72
C GLY A 337 25.39 10.09 25.33
N TRP A 338 25.62 11.40 25.47
CA TRP A 338 26.82 11.85 26.14
C TRP A 338 26.80 11.44 27.60
N VAL A 339 25.64 11.53 28.26
CA VAL A 339 25.57 11.10 29.65
C VAL A 339 25.96 9.63 29.77
N MET A 340 25.35 8.78 28.94
CA MET A 340 25.65 7.35 28.99
C MET A 340 27.12 7.08 28.65
N LEU A 341 27.65 7.76 27.64
CA LEU A 341 29.03 7.52 27.22
C LEU A 341 30.01 7.91 28.33
N VAL A 342 29.76 9.04 29.01
CA VAL A 342 30.69 9.47 30.04
C VAL A 342 30.56 8.59 31.28
N THR A 343 29.37 8.04 31.54
CA THR A 343 29.20 7.22 32.73
C THR A 343 29.62 5.77 32.51
N MET A 344 29.10 5.13 31.45
CA MET A 344 29.33 3.71 31.22
C MET A 344 30.59 3.43 30.41
N GLY A 345 31.18 4.42 29.76
CA GLY A 345 32.36 4.20 28.97
C GLY A 345 32.12 3.44 27.68
N THR A 346 30.90 3.46 27.16
CA THR A 346 30.56 2.76 25.93
C THR A 346 31.03 3.55 24.71
N SER A 347 31.05 2.87 23.57
CA SER A 347 31.49 3.51 22.34
C SER A 347 30.49 4.58 21.92
N PRO A 348 30.95 5.63 21.23
CA PRO A 348 30.02 6.68 20.82
C PRO A 348 28.88 6.19 19.95
N VAL A 349 29.15 5.26 19.03
CA VAL A 349 28.12 4.81 18.10
C VAL A 349 27.03 4.05 18.84
N GLU A 350 27.41 3.11 19.70
CA GLU A 350 26.40 2.32 20.41
C GLU A 350 25.66 3.18 21.42
N SER A 351 26.34 4.12 22.07
CA SER A 351 25.67 5.03 22.99
C SER A 351 24.64 5.88 22.25
N VAL A 352 25.01 6.41 21.09
CA VAL A 352 24.09 7.25 20.33
C VAL A 352 22.90 6.44 19.86
N VAL A 353 23.13 5.20 19.40
CA VAL A 353 22.02 4.39 18.92
C VAL A 353 21.10 3.99 20.06
N ALA A 354 21.66 3.69 21.24
CA ALA A 354 20.83 3.36 22.38
C ALA A 354 19.98 4.55 22.81
N SER A 355 20.59 5.74 22.86
CA SER A 355 19.83 6.94 23.21
C SER A 355 18.73 7.21 22.19
N GLY A 356 19.04 7.06 20.90
CA GLY A 356 18.03 7.29 19.88
C GLY A 356 16.89 6.30 19.94
N ASN A 357 17.19 5.04 20.28
CA ASN A 357 16.16 4.01 20.27
C ASN A 357 15.06 4.28 21.30
N ILE A 358 15.30 5.16 22.26
CA ILE A 358 14.26 5.53 23.21
C ILE A 358 13.05 6.10 22.48
N PHE A 359 13.28 6.84 21.40
CA PHE A 359 12.22 7.50 20.64
C PHE A 359 11.96 6.85 19.30
N ILE A 360 13.01 6.54 18.55
CA ILE A 360 12.88 6.04 17.19
C ILE A 360 12.75 4.52 17.24
N GLY A 361 12.18 3.96 16.18
CA GLY A 361 11.95 2.53 16.10
C GLY A 361 13.22 1.76 15.81
N GLN A 362 13.09 0.43 15.85
CA GLN A 362 14.25 -0.44 15.68
C GLN A 362 14.83 -0.32 14.27
N THR A 363 13.97 -0.22 13.26
CA THR A 363 14.45 -0.23 11.87
C THR A 363 14.97 1.12 11.41
N GLU A 364 14.63 2.20 12.11
CA GLU A 364 14.99 3.55 11.70
C GLU A 364 15.97 4.20 12.67
N SER A 365 16.38 3.50 13.72
CA SER A 365 17.35 4.04 14.66
C SER A 365 18.76 3.97 14.08
N PRO A 366 19.15 2.87 13.43
CA PRO A 366 20.51 2.80 12.88
C PRO A 366 20.80 3.85 11.82
N LEU A 367 19.76 4.43 11.20
CA LEU A 367 19.99 5.46 10.19
C LEU A 367 20.71 6.67 10.75
N LEU A 368 20.71 6.84 12.07
CA LEU A 368 21.45 7.95 12.68
C LEU A 368 22.95 7.83 12.46
N VAL A 369 23.47 6.62 12.26
CA VAL A 369 24.90 6.39 12.07
C VAL A 369 25.12 5.59 10.80
N ARG A 370 24.24 5.78 9.81
CA ARG A 370 24.29 4.95 8.61
C ARG A 370 25.65 4.96 7.94
N PRO A 371 26.31 6.10 7.73
CA PRO A 371 27.59 6.06 7.00
C PRO A 371 28.65 5.21 7.68
N TYR A 372 28.64 5.13 9.01
CA TYR A 372 29.69 4.47 9.77
C TYR A 372 29.36 3.04 10.13
N LEU A 373 28.25 2.50 9.65
CA LEU A 373 27.85 1.14 10.01
C LEU A 373 28.86 0.11 9.52
N PRO A 374 29.41 0.24 8.31
CA PRO A 374 30.31 -0.81 7.81
C PRO A 374 31.57 -0.99 8.64
N TYR A 375 31.99 0.02 9.42
CA TYR A 375 33.24 -0.02 10.15
C TYR A 375 33.08 -0.36 11.62
N VAL A 376 31.86 -0.64 12.07
CA VAL A 376 31.64 -0.99 13.48
C VAL A 376 32.13 -2.41 13.74
N THR A 377 32.40 -2.70 15.01
CA THR A 377 32.84 -4.02 15.41
C THR A 377 31.62 -4.93 15.62
N LYS A 378 31.88 -6.19 15.92
CA LYS A 378 30.79 -7.12 16.18
C LYS A 378 30.04 -6.75 17.45
N SER A 379 30.76 -6.33 18.48
CA SER A 379 30.11 -5.97 19.74
C SER A 379 29.21 -4.77 19.55
N GLU A 380 29.66 -3.76 18.79
CA GLU A 380 28.81 -2.60 18.56
C GLU A 380 27.57 -2.97 17.76
N LEU A 381 27.71 -3.85 16.77
CA LEU A 381 26.55 -4.31 16.02
C LEU A 381 25.56 -5.04 16.91
N HIS A 382 26.07 -5.91 17.78
CA HIS A 382 25.19 -6.62 18.70
C HIS A 382 24.49 -5.64 19.64
N ALA A 383 25.22 -4.63 20.12
CA ALA A 383 24.60 -3.62 20.99
C ALA A 383 23.52 -2.85 20.26
N ILE A 384 23.77 -2.51 18.99
CA ILE A 384 22.76 -1.82 18.20
C ILE A 384 21.49 -2.66 18.09
N MET A 385 21.65 -3.95 17.79
CA MET A 385 20.48 -4.80 17.66
C MET A 385 19.77 -4.98 19.00
N THR A 386 20.53 -5.13 20.08
CA THR A 386 19.91 -5.27 21.40
C THR A 386 19.11 -4.02 21.77
N ALA A 387 19.68 -2.85 21.54
CA ALA A 387 18.97 -1.61 21.82
C ALA A 387 17.71 -1.50 20.97
N GLY A 388 17.80 -1.89 19.69
CA GLY A 388 16.61 -1.89 18.87
C GLY A 388 15.52 -2.81 19.40
N PHE A 389 15.91 -3.97 19.92
CA PHE A 389 14.94 -4.94 20.40
C PHE A 389 14.37 -4.61 21.77
N SER A 390 15.04 -3.76 22.55
CA SER A 390 14.67 -3.54 23.95
C SER A 390 13.81 -2.31 24.18
N THR A 391 13.43 -1.59 23.12
CA THR A 391 12.69 -0.35 23.27
C THR A 391 11.53 -0.32 22.29
N ILE A 392 10.66 0.68 22.45
CA ILE A 392 9.50 0.88 21.59
C ILE A 392 9.59 2.28 21.00
N ALA A 393 9.05 2.44 19.80
CA ALA A 393 9.10 3.71 19.11
C ALA A 393 8.08 4.67 19.73
N GLY A 394 8.15 5.93 19.31
CA GLY A 394 7.22 6.93 19.79
C GLY A 394 5.98 6.98 18.93
N SER A 395 6.06 6.43 17.73
CA SER A 395 4.89 6.36 16.85
C SER A 395 3.81 5.48 17.45
N VAL A 396 4.19 4.40 18.12
CA VAL A 396 3.26 3.36 18.55
C VAL A 396 3.11 3.40 20.07
N LEU A 397 3.27 4.58 20.66
CA LEU A 397 3.01 4.79 22.08
C LEU A 397 1.59 5.26 22.34
N GLY A 398 1.06 6.15 21.50
CA GLY A 398 -0.33 6.53 21.64
C GLY A 398 -1.26 5.35 21.46
N ALA A 399 -0.90 4.42 20.58
CA ALA A 399 -1.71 3.22 20.40
C ALA A 399 -1.78 2.40 21.67
N TYR A 400 -0.66 2.26 22.37
CA TYR A 400 -0.67 1.53 23.64
C TYR A 400 -1.43 2.29 24.72
N ILE A 401 -1.28 3.61 24.75
CA ILE A 401 -1.97 4.39 25.79
C ILE A 401 -3.48 4.32 25.57
N SER A 402 -3.93 4.28 24.31
CA SER A 402 -5.36 4.22 24.04
C SER A 402 -5.98 2.95 24.61
N PHE A 403 -5.23 1.84 24.63
CA PHE A 403 -5.78 0.61 25.19
C PHE A 403 -6.11 0.77 26.67
N GLY A 404 -5.26 1.47 27.41
CA GLY A 404 -5.47 1.66 28.83
C GLY A 404 -4.22 1.46 29.66
N VAL A 405 -3.09 1.27 29.00
CA VAL A 405 -1.82 1.07 29.68
C VAL A 405 -1.33 2.40 30.22
N SER A 406 -0.72 2.38 31.41
CA SER A 406 -0.25 3.60 32.03
C SER A 406 0.80 4.27 31.16
N SER A 407 0.59 5.57 30.90
CA SER A 407 1.56 6.31 30.09
C SER A 407 2.84 6.58 30.86
N SER A 408 2.73 6.91 32.15
CA SER A 408 3.92 7.19 32.95
C SER A 408 4.82 5.96 33.03
N HIS A 409 4.24 4.78 33.25
CA HIS A 409 5.04 3.57 33.30
C HIS A 409 5.69 3.28 31.96
N LEU A 410 4.96 3.51 30.85
CA LEU A 410 5.55 3.30 29.53
C LEU A 410 6.74 4.22 29.32
N LEU A 411 6.60 5.49 29.67
CA LEU A 411 7.70 6.43 29.50
C LEU A 411 8.89 6.05 30.37
N THR A 412 8.63 5.65 31.62
CA THR A 412 9.71 5.27 32.51
C THR A 412 10.44 4.03 32.00
N ALA A 413 9.70 3.03 31.53
CA ALA A 413 10.34 1.84 30.98
C ALA A 413 11.14 2.17 29.73
N SER A 414 10.61 3.03 28.86
CA SER A 414 11.35 3.41 27.67
C SER A 414 12.66 4.12 28.05
N VAL A 415 12.60 5.00 29.05
CA VAL A 415 13.82 5.69 29.48
C VAL A 415 14.81 4.71 30.09
N MET A 416 14.32 3.79 30.93
CA MET A 416 15.21 2.87 31.63
C MET A 416 15.78 1.80 30.72
N SER A 417 15.16 1.52 29.57
CA SER A 417 15.58 0.41 28.74
C SER A 417 16.98 0.63 28.16
N ALA A 418 17.33 1.86 27.80
CA ALA A 418 18.59 2.10 27.12
C ALA A 418 19.80 1.67 27.93
N PRO A 419 19.99 2.12 29.17
CA PRO A 419 21.13 1.62 29.95
C PRO A 419 21.07 0.13 30.18
N ALA A 420 19.88 -0.43 30.38
CA ALA A 420 19.76 -1.88 30.53
C ALA A 420 20.20 -2.58 29.25
N ALA A 421 19.77 -2.06 28.10
CA ALA A 421 20.16 -2.68 26.84
C ALA A 421 21.67 -2.64 26.66
N LEU A 422 22.31 -1.51 26.97
CA LEU A 422 23.75 -1.42 26.79
C LEU A 422 24.49 -2.33 27.76
N ALA A 423 24.06 -2.37 29.02
CA ALA A 423 24.73 -3.23 30.00
C ALA A 423 24.60 -4.70 29.63
N ILE A 424 23.41 -5.12 29.22
CA ILE A 424 23.21 -6.53 28.88
C ILE A 424 23.97 -6.86 27.60
N SER A 425 24.02 -5.93 26.64
CA SER A 425 24.80 -6.17 25.44
C SER A 425 26.29 -6.32 25.75
N LYS A 426 26.81 -5.46 26.62
CA LYS A 426 28.23 -5.52 26.95
C LYS A 426 28.57 -6.78 27.72
N LEU A 427 27.68 -7.21 28.62
CA LEU A 427 27.95 -8.43 29.38
C LEU A 427 27.80 -9.67 28.49
N PHE A 428 26.76 -9.72 27.67
CA PHE A 428 26.50 -10.89 26.85
C PHE A 428 27.53 -11.03 25.73
N TRP A 429 27.89 -9.93 25.08
CA TRP A 429 28.85 -9.92 23.99
C TRP A 429 29.84 -8.80 24.23
N PRO A 430 30.89 -9.04 25.01
CA PRO A 430 31.84 -7.98 25.33
C PRO A 430 32.73 -7.64 24.15
N GLU A 431 33.39 -6.50 24.24
CA GLU A 431 34.22 -5.99 23.16
C GLU A 431 35.59 -6.66 23.20
N THR A 432 36.03 -7.18 22.05
CA THR A 432 37.36 -7.77 21.90
C THR A 432 38.14 -7.14 20.76
N GLU A 433 37.69 -6.00 20.23
CA GLU A 433 38.33 -5.33 19.11
C GLU A 433 38.53 -3.86 19.45
N THR A 434 39.14 -3.13 18.51
CA THR A 434 39.40 -1.71 18.70
C THR A 434 38.37 -0.89 17.94
N PRO A 435 37.57 -0.06 18.62
CA PRO A 435 36.60 0.75 17.87
C PRO A 435 37.29 1.79 17.00
N LYS A 436 36.72 2.01 15.82
CA LYS A 436 37.28 2.92 14.83
C LYS A 436 36.62 4.30 14.84
N ILE A 437 35.30 4.36 15.03
CA ILE A 437 34.57 5.61 14.93
C ILE A 437 34.75 6.41 16.22
N ASN A 438 34.73 7.73 16.09
CA ASN A 438 35.01 8.65 17.19
C ASN A 438 33.74 9.41 17.57
N LEU A 439 33.84 10.20 18.64
CA LEU A 439 32.67 10.89 19.17
C LEU A 439 32.10 11.90 18.18
N LYS A 440 32.96 12.67 17.52
CA LYS A 440 32.47 13.69 16.61
C LYS A 440 31.70 13.08 15.45
N ASN A 441 32.21 11.99 14.88
CA ASN A 441 31.52 11.34 13.78
C ASN A 441 30.21 10.71 14.24
N ALA A 442 30.21 10.11 15.42
CA ALA A 442 28.99 9.46 15.92
C ALA A 442 27.91 10.49 16.22
N MET A 443 28.28 11.66 16.75
CA MET A 443 27.29 12.63 17.20
C MET A 443 26.62 13.37 16.04
N LYS A 444 27.33 13.58 14.93
CA LYS A 444 26.70 14.23 13.78
C LYS A 444 25.69 13.27 13.15
N MET A 445 24.44 13.73 13.06
CA MET A 445 23.34 12.92 12.53
C MET A 445 22.79 13.60 11.29
N GLU A 446 23.15 13.06 10.12
CA GLU A 446 22.69 13.62 8.86
C GLU A 446 21.17 13.70 8.84
N SER A 447 20.63 14.91 8.76
CA SER A 447 19.19 15.10 8.75
C SER A 447 18.62 14.73 7.39
N GLY A 448 17.31 14.55 7.35
CA GLY A 448 16.64 14.16 6.12
C GLY A 448 16.58 15.29 5.12
N ASP A 449 16.16 14.94 3.91
CA ASP A 449 16.09 15.88 2.79
C ASP A 449 14.68 16.46 2.73
N SER A 450 14.41 17.39 3.64
CA SER A 450 13.14 18.10 3.70
C SER A 450 13.42 19.60 3.63
N ARG A 451 12.80 20.27 2.66
CA ARG A 451 13.08 21.68 2.44
C ARG A 451 12.41 22.57 3.48
N ASN A 452 11.26 22.17 4.00
CA ASN A 452 10.53 23.00 4.95
C ASN A 452 9.72 22.10 5.87
N LEU A 453 9.09 22.72 6.87
CA LEU A 453 8.40 21.94 7.90
C LEU A 453 7.22 21.16 7.32
N LEU A 454 6.46 21.78 6.40
CA LEU A 454 5.30 21.10 5.84
C LEU A 454 5.70 19.90 5.00
N GLU A 455 6.82 20.00 4.27
CA GLU A 455 7.31 18.85 3.52
C GLU A 455 7.72 17.73 4.47
N ALA A 456 8.35 18.08 5.59
CA ALA A 456 8.69 17.06 6.58
C ALA A 456 7.44 16.40 7.13
N ALA A 457 6.39 17.18 7.37
CA ALA A 457 5.14 16.60 7.86
C ALA A 457 4.55 15.65 6.83
N THR A 458 4.57 16.03 5.55
CA THR A 458 4.02 15.17 4.52
C THR A 458 4.84 13.89 4.37
N GLN A 459 6.16 14.00 4.50
CA GLN A 459 7.01 12.80 4.40
C GLN A 459 6.76 11.86 5.58
N GLY A 460 6.60 12.41 6.78
CA GLY A 460 6.25 11.57 7.92
C GLY A 460 4.90 10.92 7.74
N ALA A 461 3.93 11.66 7.22
CA ALA A 461 2.61 11.10 6.96
C ALA A 461 2.69 9.95 5.96
N SER A 462 3.44 10.14 4.86
CA SER A 462 3.51 9.12 3.82
C SER A 462 4.14 7.84 4.35
N SER A 463 5.18 7.96 5.18
CA SER A 463 5.87 6.78 5.66
C SER A 463 4.96 5.89 6.51
N SER A 464 3.95 6.47 7.16
CA SER A 464 3.11 5.72 8.08
C SER A 464 2.24 4.69 7.38
N ILE A 465 2.08 4.78 6.05
CA ILE A 465 1.17 3.89 5.35
C ILE A 465 1.58 2.44 5.54
N SER A 466 2.86 2.14 5.33
CA SER A 466 3.32 0.77 5.46
C SER A 466 3.24 0.30 6.91
N LEU A 467 3.62 1.17 7.85
CA LEU A 467 3.56 0.79 9.26
C LEU A 467 2.13 0.43 9.68
N VAL A 468 1.16 1.27 9.32
CA VAL A 468 -0.21 1.03 9.77
C VAL A 468 -0.82 -0.14 9.03
N ALA A 469 -0.41 -0.39 7.79
CA ALA A 469 -0.91 -1.56 7.08
C ALA A 469 -0.38 -2.84 7.73
N ASN A 470 0.92 -2.89 8.00
CA ASN A 470 1.49 -4.08 8.63
C ASN A 470 0.89 -4.30 10.01
N ILE A 471 0.68 -3.23 10.78
CA ILE A 471 0.17 -3.39 12.14
C ILE A 471 -1.17 -4.10 12.14
N ALA A 472 -2.00 -3.84 11.13
CA ALA A 472 -3.30 -4.50 11.05
C ALA A 472 -3.22 -5.89 10.45
N VAL A 473 -2.38 -6.07 9.42
CA VAL A 473 -2.33 -7.38 8.76
C VAL A 473 -1.72 -8.41 9.69
N ASN A 474 -0.63 -8.05 10.38
CA ASN A 474 -0.02 -8.96 11.33
C ASN A 474 -0.98 -9.31 12.46
N LEU A 475 -1.74 -8.32 12.96
CA LEU A 475 -2.71 -8.62 14.00
C LEU A 475 -3.78 -9.59 13.52
N ILE A 476 -4.29 -9.38 12.31
CA ILE A 476 -5.30 -10.30 11.78
C ILE A 476 -4.73 -11.71 11.71
N ALA A 477 -3.55 -11.85 11.12
CA ALA A 477 -2.97 -13.18 10.94
C ALA A 477 -2.70 -13.85 12.28
N PHE A 478 -2.12 -13.11 13.23
CA PHE A 478 -1.77 -13.70 14.52
C PHE A 478 -3.00 -14.09 15.32
N LEU A 479 -4.05 -13.25 15.29
CA LEU A 479 -5.26 -13.62 16.02
C LEU A 479 -5.95 -14.81 15.38
N ALA A 480 -5.92 -14.92 14.04
CA ALA A 480 -6.49 -16.09 13.41
C ALA A 480 -5.70 -17.34 13.76
N LEU A 481 -4.37 -17.25 13.77
CA LEU A 481 -3.55 -18.38 14.15
C LEU A 481 -3.77 -18.77 15.61
N LEU A 482 -3.96 -17.78 16.48
CA LEU A 482 -4.22 -18.09 17.89
C LEU A 482 -5.55 -18.81 18.04
N SER A 483 -6.60 -18.36 17.33
CA SER A 483 -7.87 -19.06 17.42
C SER A 483 -7.76 -20.48 16.88
N PHE A 484 -7.07 -20.65 15.75
CA PHE A 484 -6.91 -22.00 15.20
C PHE A 484 -6.14 -22.90 16.14
N MET A 485 -5.06 -22.38 16.73
CA MET A 485 -4.27 -23.19 17.66
C MET A 485 -5.07 -23.55 18.90
N ASN A 486 -5.85 -22.61 19.42
CA ASN A 486 -6.68 -22.93 20.58
C ASN A 486 -7.70 -24.01 20.25
N SER A 487 -8.31 -23.93 19.06
CA SER A 487 -9.27 -24.95 18.68
C SER A 487 -8.60 -26.31 18.48
N ALA A 488 -7.41 -26.33 17.87
CA ALA A 488 -6.69 -27.58 17.68
C ALA A 488 -6.27 -28.20 19.00
N LEU A 489 -5.82 -27.38 19.96
CA LEU A 489 -5.43 -27.90 21.26
C LEU A 489 -6.63 -28.38 22.06
N SER A 490 -7.77 -27.70 21.93
CA SER A 490 -8.98 -28.22 22.55
C SER A 490 -9.39 -29.56 21.94
N TRP A 491 -9.27 -29.69 20.61
CA TRP A 491 -9.57 -30.96 19.98
C TRP A 491 -8.63 -32.07 20.48
N LEU A 492 -7.34 -31.76 20.59
CA LEU A 492 -6.40 -32.76 21.11
C LEU A 492 -6.61 -33.01 22.59
N GLY A 493 -6.91 -31.95 23.35
CA GLY A 493 -7.07 -32.10 24.79
C GLY A 493 -8.25 -32.98 25.17
N ASN A 494 -9.33 -32.94 24.38
CA ASN A 494 -10.53 -33.70 24.72
C ASN A 494 -10.28 -35.19 24.71
N MET A 495 -9.23 -35.66 24.04
CA MET A 495 -8.94 -37.09 24.01
C MET A 495 -8.40 -37.59 25.34
N PHE A 496 -8.02 -36.69 26.25
CA PHE A 496 -7.59 -37.05 27.60
C PHE A 496 -8.57 -36.52 28.65
N ASP A 497 -9.80 -36.22 28.25
CA ASP A 497 -10.81 -35.66 29.15
C ASP A 497 -10.36 -34.32 29.72
N TYR A 498 -9.58 -33.58 28.93
CA TYR A 498 -9.10 -32.26 29.31
C TYR A 498 -9.30 -31.30 28.14
N PRO A 499 -10.55 -30.97 27.82
CA PRO A 499 -10.81 -30.04 26.71
C PRO A 499 -10.42 -28.61 27.00
N GLN A 500 -9.89 -28.31 28.18
CA GLN A 500 -9.48 -26.95 28.53
C GLN A 500 -8.06 -26.64 28.08
N LEU A 501 -7.34 -27.61 27.51
CA LEU A 501 -5.99 -27.35 27.03
C LEU A 501 -6.00 -26.22 26.02
N SER A 502 -5.09 -25.26 26.19
CA SER A 502 -5.03 -24.10 25.32
C SER A 502 -3.62 -23.53 25.35
N PHE A 503 -3.38 -22.58 24.44
CA PHE A 503 -2.09 -21.90 24.40
C PHE A 503 -1.84 -21.13 25.69
N GLU A 504 -2.88 -20.47 26.22
CA GLU A 504 -2.72 -19.73 27.46
C GLU A 504 -2.37 -20.65 28.62
N VAL A 505 -2.99 -21.83 28.68
CA VAL A 505 -2.72 -22.75 29.78
C VAL A 505 -1.27 -23.20 29.75
N ILE A 506 -0.75 -23.50 28.56
CA ILE A 506 0.65 -23.94 28.47
C ILE A 506 1.59 -22.80 28.82
N CYS A 507 1.30 -21.58 28.34
CA CYS A 507 2.16 -20.45 28.65
C CYS A 507 2.16 -20.15 30.15
N SER A 508 1.01 -20.32 30.81
CA SER A 508 0.93 -20.02 32.23
C SER A 508 1.94 -20.82 33.04
N TYR A 509 2.32 -22.00 32.55
CA TYR A 509 3.30 -22.85 33.22
C TYR A 509 4.70 -22.69 32.65
N VAL A 510 4.84 -22.52 31.33
CA VAL A 510 6.17 -22.44 30.74
C VAL A 510 6.90 -21.20 31.22
N PHE A 511 6.23 -20.05 31.23
CA PHE A 511 6.86 -18.77 31.52
C PHE A 511 6.65 -18.30 32.96
N MET A 512 6.01 -19.10 33.80
CA MET A 512 5.79 -18.69 35.19
C MET A 512 7.09 -18.42 35.93
N PRO A 513 8.14 -19.24 35.81
CA PRO A 513 9.38 -18.93 36.55
C PRO A 513 9.97 -17.58 36.22
N PHE A 514 9.89 -17.13 34.96
CA PHE A 514 10.40 -15.82 34.62
C PHE A 514 9.61 -14.72 35.32
N ALA A 515 8.29 -14.86 35.40
CA ALA A 515 7.48 -13.86 36.09
C ALA A 515 7.74 -13.86 37.58
N PHE A 516 7.93 -15.04 38.17
CA PHE A 516 8.15 -15.10 39.61
C PHE A 516 9.45 -14.41 40.01
N MET A 517 10.51 -14.59 39.22
CA MET A 517 11.77 -13.95 39.55
C MET A 517 11.67 -12.43 39.46
N MET A 518 10.73 -11.92 38.66
CA MET A 518 10.52 -10.48 38.55
C MET A 518 9.79 -9.91 39.76
N GLY A 519 9.35 -10.74 40.70
CA GLY A 519 8.71 -10.28 41.91
C GLY A 519 7.21 -10.35 41.94
N VAL A 520 6.58 -10.94 40.92
CA VAL A 520 5.14 -11.11 40.92
C VAL A 520 4.77 -12.22 41.89
N ASP A 521 3.69 -12.02 42.65
CA ASP A 521 3.28 -13.02 43.62
C ASP A 521 2.90 -14.32 42.92
N TRP A 522 2.75 -15.38 43.71
CA TRP A 522 2.53 -16.71 43.15
C TRP A 522 1.29 -16.74 42.26
N GLN A 523 0.18 -16.17 42.74
CA GLN A 523 -1.07 -16.24 41.98
C GLN A 523 -0.97 -15.50 40.66
N ASP A 524 -0.41 -14.29 40.69
CA ASP A 524 -0.37 -13.46 39.49
C ASP A 524 0.76 -13.83 38.55
N SER A 525 1.72 -14.64 38.99
CA SER A 525 2.80 -15.06 38.09
C SER A 525 2.25 -15.87 36.93
N PHE A 526 1.25 -16.72 37.18
CA PHE A 526 0.67 -17.51 36.11
C PHE A 526 -0.06 -16.63 35.10
N MET A 527 -0.67 -15.54 35.56
CA MET A 527 -1.34 -14.64 34.63
C MET A 527 -0.34 -13.81 33.84
N VAL A 528 0.76 -13.39 34.48
CA VAL A 528 1.79 -12.65 33.78
C VAL A 528 2.48 -13.54 32.76
N ALA A 529 2.58 -14.84 33.05
CA ALA A 529 3.20 -15.77 32.11
C ALA A 529 2.45 -15.78 30.78
N LYS A 530 1.11 -15.67 30.82
CA LYS A 530 0.36 -15.64 29.58
C LYS A 530 0.72 -14.42 28.74
N LEU A 531 0.86 -13.26 29.38
CA LEU A 531 1.26 -12.06 28.66
C LEU A 531 2.67 -12.20 28.11
N ILE A 532 3.57 -12.80 28.90
CA ILE A 532 4.93 -13.02 28.42
C ILE A 532 4.93 -13.90 27.19
N GLY A 533 4.13 -14.95 27.20
CA GLY A 533 4.04 -15.81 26.02
C GLY A 533 3.46 -15.08 24.82
N TYR A 534 2.41 -14.28 25.04
CA TYR A 534 1.84 -13.50 23.95
C TYR A 534 2.89 -12.60 23.32
N LYS A 535 3.65 -11.89 24.16
CA LYS A 535 4.68 -10.99 23.62
C LYS A 535 5.76 -11.78 22.89
N THR A 536 6.21 -12.89 23.49
CA THR A 536 7.30 -13.65 22.90
C THR A 536 6.94 -14.22 21.55
N PHE A 537 5.71 -14.71 21.38
CA PHE A 537 5.36 -15.44 20.17
C PHE A 537 4.74 -14.57 19.09
N PHE A 538 3.74 -13.74 19.41
CA PHE A 538 3.08 -12.97 18.37
C PHE A 538 3.66 -11.57 18.24
N ASN A 539 3.47 -10.74 19.27
CA ASN A 539 4.02 -9.39 19.31
C ASN A 539 3.54 -8.73 20.59
N GLU A 540 3.98 -7.48 20.79
CA GLU A 540 3.59 -6.75 22.00
C GLU A 540 2.16 -6.22 21.93
N PHE A 541 1.62 -6.02 20.74
CA PHE A 541 0.26 -5.51 20.63
C PHE A 541 -0.74 -6.48 21.21
N VAL A 542 -0.58 -7.77 20.92
CA VAL A 542 -1.49 -8.78 21.45
C VAL A 542 -1.37 -8.85 22.96
N ALA A 543 -0.17 -8.68 23.49
CA ALA A 543 0.02 -8.72 24.94
C ALA A 543 -0.56 -7.48 25.62
N TYR A 544 -0.37 -6.31 25.02
CA TYR A 544 -0.90 -5.09 25.62
C TYR A 544 -2.43 -5.07 25.55
N GLN A 545 -3.01 -5.67 24.51
CA GLN A 545 -4.48 -5.77 24.48
C GLN A 545 -4.99 -6.56 25.67
N GLN A 546 -4.37 -7.70 25.96
CA GLN A 546 -4.80 -8.51 27.10
C GLN A 546 -4.52 -7.79 28.41
N LEU A 547 -3.40 -7.08 28.49
CA LEU A 547 -3.10 -6.32 29.70
C LEU A 547 -4.16 -5.23 29.93
N SER A 548 -4.59 -4.56 28.86
CA SER A 548 -5.66 -3.57 29.00
C SER A 548 -6.97 -4.23 29.39
N LYS A 549 -7.24 -5.42 28.87
CA LYS A 549 -8.43 -6.16 29.31
C LYS A 549 -8.39 -6.39 30.81
N LEU A 550 -7.25 -6.86 31.31
CA LEU A 550 -7.13 -7.13 32.74
C LEU A 550 -7.23 -5.85 33.56
N ILE A 551 -6.62 -4.76 33.08
CA ILE A 551 -6.68 -3.49 33.80
C ILE A 551 -8.12 -3.00 33.89
N SER A 552 -8.87 -3.09 32.79
CA SER A 552 -10.27 -2.69 32.81
C SER A 552 -11.07 -3.58 33.73
N LEU A 553 -10.83 -4.90 33.70
CA LEU A 553 -11.55 -5.81 34.58
C LEU A 553 -11.30 -5.45 36.04
N ARG A 554 -10.05 -5.15 36.40
CA ARG A 554 -9.76 -4.73 37.75
C ARG A 554 -10.47 -3.41 38.08
N GLN A 555 -10.43 -2.45 37.16
CA GLN A 555 -11.02 -1.14 37.42
C GLN A 555 -12.53 -1.20 37.53
N VAL A 556 -13.17 -2.20 36.95
CA VAL A 556 -14.62 -2.32 37.08
C VAL A 556 -15.00 -2.61 38.53
N GLY A 557 -14.23 -3.46 39.20
CA GLY A 557 -14.48 -3.80 40.58
C GLY A 557 -15.26 -5.07 40.81
N GLY A 558 -15.50 -5.86 39.75
CA GLY A 558 -16.25 -7.07 39.90
C GLY A 558 -15.50 -8.12 40.70
N PRO A 559 -16.11 -9.29 40.84
CA PRO A 559 -15.47 -10.36 41.63
C PRO A 559 -14.12 -10.74 41.05
N LYS A 560 -13.17 -11.01 41.95
CA LYS A 560 -11.82 -11.36 41.52
C LYS A 560 -11.71 -12.82 41.11
N PHE A 561 -12.58 -13.69 41.62
CA PHE A 561 -12.62 -15.10 41.22
C PHE A 561 -14.05 -15.47 40.87
N VAL A 562 -14.24 -16.06 39.69
CA VAL A 562 -15.52 -16.56 39.25
C VAL A 562 -15.34 -18.02 38.87
N ASP A 563 -16.03 -18.92 39.57
CA ASP A 563 -15.92 -20.36 39.33
C ASP A 563 -14.47 -20.83 39.47
N GLY A 564 -13.71 -20.20 40.37
CA GLY A 564 -12.34 -20.59 40.60
C GLY A 564 -11.32 -20.02 39.65
N VAL A 565 -11.73 -19.19 38.69
CA VAL A 565 -10.83 -18.58 37.72
C VAL A 565 -10.59 -17.14 38.12
N GLN A 566 -9.31 -16.76 38.25
CA GLN A 566 -8.96 -15.38 38.59
C GLN A 566 -9.22 -14.47 37.40
N GLN A 567 -9.88 -13.33 37.65
CA GLN A 567 -10.26 -12.41 36.59
C GLN A 567 -9.24 -11.31 36.37
N TYR A 568 -8.65 -10.78 37.45
CA TYR A 568 -7.70 -9.69 37.33
C TYR A 568 -6.65 -9.83 38.43
N MET A 569 -5.54 -9.12 38.25
CA MET A 569 -4.40 -9.19 39.15
C MET A 569 -4.18 -7.83 39.80
N SER A 570 -3.24 -7.80 40.76
CA SER A 570 -2.97 -6.59 41.50
C SER A 570 -2.38 -5.51 40.59
N MET A 571 -2.33 -4.29 41.12
CA MET A 571 -1.83 -3.16 40.34
C MET A 571 -0.31 -3.19 40.22
N ARG A 572 0.38 -3.67 41.26
CA ARG A 572 1.83 -3.84 41.15
C ARG A 572 2.19 -4.86 40.09
N SER A 573 1.43 -5.96 40.02
CA SER A 573 1.65 -6.94 38.96
C SER A 573 1.40 -6.32 37.59
N GLU A 574 0.39 -5.46 37.48
CA GLU A 574 0.14 -4.78 36.22
C GLU A 574 1.31 -3.88 35.84
N ALA A 575 1.87 -3.16 36.81
CA ALA A 575 3.03 -2.31 36.54
C ALA A 575 4.21 -3.14 36.09
N ILE A 576 4.45 -4.27 36.76
CA ILE A 576 5.58 -5.13 36.39
C ILE A 576 5.39 -5.67 34.98
N SER A 577 4.15 -6.06 34.63
CA SER A 577 3.88 -6.52 33.28
C SER A 577 4.11 -5.41 32.26
N THR A 578 3.71 -4.18 32.59
CA THR A 578 3.93 -3.07 31.68
C THR A 578 5.42 -2.85 31.44
N TYR A 579 6.22 -2.94 32.50
CA TYR A 579 7.66 -2.80 32.33
C TYR A 579 8.23 -3.94 31.51
N ALA A 580 7.78 -5.18 31.77
CA ALA A 580 8.32 -6.34 31.07
C ALA A 580 7.97 -6.34 29.60
N LEU A 581 6.79 -5.83 29.24
CA LEU A 581 6.29 -5.92 27.87
C LEU A 581 6.70 -4.76 26.99
N CYS A 582 7.51 -3.82 27.50
CA CYS A 582 7.87 -2.62 26.75
C CYS A 582 9.08 -2.93 25.89
N GLY A 583 8.84 -3.46 24.69
CA GLY A 583 9.91 -3.77 23.77
C GLY A 583 9.37 -4.06 22.39
N PHE A 584 10.31 -4.31 21.46
CA PHE A 584 9.98 -4.70 20.09
C PHE A 584 10.47 -6.12 19.78
N ALA A 585 10.76 -6.91 20.80
CA ALA A 585 11.39 -8.21 20.61
C ALA A 585 10.34 -9.30 20.47
N ASN A 586 10.46 -10.08 19.41
CA ASN A 586 9.61 -11.25 19.23
C ASN A 586 10.24 -12.11 18.15
N PHE A 587 9.85 -13.40 18.14
CA PHE A 587 10.50 -14.33 17.24
C PHE A 587 10.19 -14.06 15.78
N GLY A 588 9.23 -13.20 15.47
CA GLY A 588 8.89 -12.86 14.12
C GLY A 588 9.52 -11.60 13.57
N SER A 589 10.22 -10.83 14.39
CA SER A 589 10.83 -9.57 13.95
C SER A 589 12.32 -9.72 13.67
N LEU A 590 12.84 -10.94 13.63
CA LEU A 590 14.26 -11.13 13.37
C LEU A 590 14.59 -10.91 11.89
N GLY A 591 13.72 -11.38 11.01
CA GLY A 591 13.98 -11.30 9.59
C GLY A 591 13.98 -9.88 9.07
N ILE A 592 13.02 -9.06 9.50
CA ILE A 592 12.96 -7.69 9.03
C ILE A 592 14.17 -6.90 9.54
N VAL A 593 14.57 -7.14 10.78
CA VAL A 593 15.75 -6.45 11.31
C VAL A 593 16.99 -6.83 10.52
N ILE A 594 17.17 -8.13 10.26
CA ILE A 594 18.34 -8.56 9.51
C ILE A 594 18.32 -7.96 8.10
N GLY A 595 17.16 -7.99 7.45
CA GLY A 595 17.06 -7.43 6.11
C GLY A 595 17.39 -5.95 6.08
N GLY A 596 16.82 -5.18 7.00
CA GLY A 596 17.07 -3.74 7.00
C GLY A 596 18.52 -3.42 7.30
N LEU A 597 19.12 -4.12 8.26
CA LEU A 597 20.50 -3.82 8.62
C LEU A 597 21.47 -4.23 7.52
N THR A 598 21.20 -5.35 6.84
CA THR A 598 22.00 -5.72 5.67
C THR A 598 21.82 -4.70 4.56
N SER A 599 20.60 -4.21 4.37
CA SER A 599 20.36 -3.20 3.34
C SER A 599 21.17 -1.94 3.61
N MET A 600 21.23 -1.52 4.88
CA MET A 600 22.06 -0.35 5.21
C MET A 600 23.54 -0.67 5.07
N ALA A 601 23.95 -1.89 5.42
CA ALA A 601 25.36 -2.31 5.37
C ALA A 601 25.45 -3.67 4.68
N PRO A 602 25.41 -3.71 3.36
CA PRO A 602 25.47 -5.01 2.66
C PRO A 602 26.73 -5.81 2.96
N SER A 603 27.87 -5.14 3.16
CA SER A 603 29.11 -5.87 3.35
C SER A 603 29.11 -6.69 4.64
N ARG A 604 28.31 -6.29 5.63
CA ARG A 604 28.30 -6.91 6.94
C ARG A 604 27.19 -7.94 7.09
N LYS A 605 26.73 -8.53 5.99
CA LYS A 605 25.62 -9.49 6.08
C LYS A 605 25.97 -10.67 6.97
N ARG A 606 27.19 -11.19 6.85
CA ARG A 606 27.56 -12.36 7.64
C ARG A 606 27.54 -12.04 9.13
N ASP A 607 28.06 -10.87 9.51
CA ASP A 607 28.11 -10.52 10.93
C ASP A 607 26.73 -10.25 11.49
N ILE A 608 25.86 -9.62 10.71
CA ILE A 608 24.53 -9.25 11.21
C ILE A 608 23.75 -10.50 11.59
N THR A 609 23.80 -11.53 10.74
CA THR A 609 23.03 -12.74 11.01
C THR A 609 23.51 -13.46 12.26
N ALA A 610 24.82 -13.41 12.53
CA ALA A 610 25.38 -14.22 13.60
C ALA A 610 24.82 -13.82 14.96
N GLY A 611 24.73 -12.52 15.24
CA GLY A 611 24.36 -12.05 16.56
C GLY A 611 22.92 -11.66 16.75
N ALA A 612 22.04 -11.92 15.78
CA ALA A 612 20.67 -11.43 15.88
C ALA A 612 19.91 -12.13 17.00
N MET A 613 20.04 -13.46 17.09
CA MET A 613 19.34 -14.18 18.16
C MET A 613 19.85 -13.77 19.54
N ARG A 614 21.16 -13.62 19.68
CA ARG A 614 21.71 -13.18 20.95
C ARG A 614 21.24 -11.77 21.30
N ALA A 615 21.13 -10.90 20.30
CA ALA A 615 20.61 -9.56 20.55
C ALA A 615 19.15 -9.60 20.97
N LEU A 616 18.36 -10.49 20.39
CA LEU A 616 16.96 -10.62 20.78
C LEU A 616 16.84 -11.12 22.22
N ILE A 617 17.66 -12.10 22.59
CA ILE A 617 17.62 -12.62 23.95
C ILE A 617 18.10 -11.54 24.93
N ALA A 618 19.12 -10.77 24.55
CA ALA A 618 19.60 -9.68 25.39
C ALA A 618 18.53 -8.62 25.57
N GLY A 619 17.78 -8.31 24.51
CA GLY A 619 16.68 -7.36 24.67
C GLY A 619 15.63 -7.85 25.62
N THR A 620 15.25 -9.13 25.51
CA THR A 620 14.28 -9.67 26.45
C THR A 620 14.81 -9.63 27.88
N ILE A 621 16.09 -9.95 28.07
CA ILE A 621 16.66 -9.94 29.41
C ILE A 621 16.71 -8.51 29.96
N ALA A 622 17.02 -7.54 29.12
CA ALA A 622 17.03 -6.15 29.56
C ALA A 622 15.64 -5.69 29.98
N CYS A 623 14.62 -6.09 29.21
CA CYS A 623 13.26 -5.76 29.62
C CYS A 623 12.92 -6.41 30.96
N PHE A 624 13.33 -7.67 31.14
CA PHE A 624 13.07 -8.33 32.42
C PHE A 624 13.81 -7.64 33.56
N LEU A 625 15.02 -7.12 33.31
CA LEU A 625 15.75 -6.43 34.36
C LEU A 625 15.08 -5.12 34.74
N THR A 626 14.58 -4.38 33.75
CA THR A 626 13.83 -3.18 34.06
C THR A 626 12.60 -3.52 34.88
N ALA A 627 11.90 -4.60 34.51
CA ALA A 627 10.76 -5.04 35.29
C ALA A 627 11.17 -5.43 36.70
N CYS A 628 12.33 -6.06 36.86
CA CYS A 628 12.81 -6.42 38.19
C CYS A 628 13.02 -5.18 39.05
N ILE A 629 13.64 -4.15 38.49
CA ILE A 629 13.87 -2.93 39.27
C ILE A 629 12.53 -2.28 39.63
N ALA A 630 11.62 -2.18 38.66
CA ALA A 630 10.31 -1.60 38.94
C ALA A 630 9.60 -2.37 40.04
N GLY A 631 9.66 -3.70 39.99
CA GLY A 631 9.03 -4.50 41.03
C GLY A 631 9.67 -4.30 42.39
N MET A 632 11.01 -4.23 42.43
CA MET A 632 11.67 -4.08 43.71
C MET A 632 11.48 -2.69 44.32
N LEU A 633 11.08 -1.70 43.51
CA LEU A 633 10.86 -0.36 44.05
C LEU A 633 9.40 -0.06 44.37
N THR A 634 8.45 -0.75 43.74
CA THR A 634 7.05 -0.54 44.04
C THR A 634 6.64 -1.28 45.32
N ASN A 635 5.57 -0.80 45.94
CA ASN A 635 5.06 -1.36 47.18
C ASN A 635 3.73 -2.08 46.95
N THR A 636 3.43 -3.02 47.82
CA THR A 636 2.18 -3.77 47.73
C THR A 636 1.05 -2.96 48.31
N PRO A 637 -0.01 -2.66 47.54
CA PRO A 637 -1.14 -1.91 48.11
C PRO A 637 -2.09 -2.78 48.92
N GLU B 105 37.47 -20.13 32.23
CA GLU B 105 36.30 -20.69 31.58
C GLU B 105 36.57 -22.10 31.09
N ARG B 106 37.22 -22.91 31.94
CA ARG B 106 37.51 -24.28 31.56
C ARG B 106 36.23 -25.08 31.37
N MET B 107 35.23 -24.85 32.21
CA MET B 107 33.96 -25.55 32.07
C MET B 107 33.32 -25.25 30.73
N CYS B 108 33.34 -23.98 30.32
CA CYS B 108 32.77 -23.62 29.02
C CYS B 108 33.50 -24.33 27.89
N GLY B 109 34.83 -24.37 27.96
CA GLY B 109 35.59 -25.06 26.93
C GLY B 109 35.27 -26.54 26.87
N ARG B 110 35.15 -27.19 28.03
CA ARG B 110 34.82 -28.60 28.06
C ARG B 110 33.43 -28.85 27.48
N MET B 111 32.46 -28.00 27.83
CA MET B 111 31.12 -28.15 27.27
C MET B 111 31.14 -27.98 25.76
N SER B 112 31.87 -26.99 25.26
CA SER B 112 31.95 -26.79 23.81
C SER B 112 32.59 -27.99 23.13
N ASP B 113 33.66 -28.53 23.72
CA ASP B 113 34.30 -29.71 23.14
C ASP B 113 33.34 -30.89 23.11
N PHE B 114 32.58 -31.10 24.19
CA PHE B 114 31.60 -32.18 24.22
C PHE B 114 30.56 -31.99 23.12
N CYS B 115 30.03 -30.77 22.99
CA CYS B 115 29.02 -30.52 21.97
C CYS B 115 29.57 -30.79 20.57
N ARG B 116 30.79 -30.32 20.29
CA ARG B 116 31.38 -30.54 18.98
C ARG B 116 31.61 -32.03 18.72
N GLU B 117 32.04 -32.77 19.74
CA GLU B 117 32.46 -34.16 19.52
C GLU B 117 31.29 -35.04 19.08
N HIS B 118 30.12 -34.85 19.66
CA HIS B 118 28.96 -35.72 19.43
C HIS B 118 27.72 -34.89 19.10
N LYS B 119 27.89 -33.94 18.19
CA LYS B 119 26.76 -33.10 17.79
C LYS B 119 25.66 -33.92 17.14
N THR B 120 26.04 -34.89 16.29
CA THR B 120 25.04 -35.66 15.56
C THR B 120 24.17 -36.49 16.50
N THR B 121 24.79 -37.12 17.51
CA THR B 121 24.02 -38.01 18.38
C THR B 121 23.13 -37.23 19.34
N LEU B 122 23.53 -36.02 19.73
CA LEU B 122 22.75 -35.26 20.69
C LEU B 122 21.42 -34.81 20.09
N ARG B 123 21.46 -34.23 18.89
CA ARG B 123 20.23 -33.77 18.27
C ARG B 123 19.36 -34.94 17.86
N TYR B 124 19.96 -36.04 17.40
CA TYR B 124 19.19 -37.23 17.07
C TYR B 124 18.48 -37.77 18.30
N ILE B 125 19.16 -37.78 19.45
CA ILE B 125 18.54 -38.25 20.68
C ILE B 125 17.39 -37.32 21.08
N ILE B 126 17.60 -36.01 20.95
CA ILE B 126 16.53 -35.07 21.32
C ILE B 126 15.30 -35.30 20.44
N TRP B 127 15.51 -35.45 19.13
CA TRP B 127 14.39 -35.70 18.23
C TRP B 127 13.72 -37.03 18.55
N GLY B 128 14.51 -38.06 18.86
CA GLY B 128 13.93 -39.33 19.25
C GLY B 128 13.09 -39.22 20.50
N ILE B 129 13.54 -38.43 21.47
CA ILE B 129 12.76 -38.23 22.70
C ILE B 129 11.44 -37.52 22.37
N LEU B 130 11.49 -36.51 21.50
CA LEU B 130 10.26 -35.83 21.13
C LEU B 130 9.28 -36.78 20.43
N ILE B 131 9.80 -37.62 19.52
CA ILE B 131 8.96 -38.57 18.83
C ILE B 131 8.36 -39.58 19.81
N ALA B 132 9.17 -40.03 20.76
CA ALA B 132 8.67 -40.95 21.77
C ALA B 132 7.57 -40.31 22.62
N GLY B 133 7.75 -39.04 22.97
CA GLY B 133 6.70 -38.35 23.71
C GLY B 133 5.41 -38.25 22.91
N TYR B 134 5.51 -37.91 21.63
CA TYR B 134 4.31 -37.84 20.79
C TYR B 134 3.62 -39.20 20.70
N LEU B 135 4.40 -40.26 20.50
CA LEU B 135 3.82 -41.60 20.41
C LEU B 135 3.18 -42.00 21.74
N ALA B 136 3.80 -41.63 22.86
CA ALA B 136 3.21 -41.90 24.15
C ALA B 136 1.88 -41.18 24.31
N LEU B 137 1.81 -39.92 23.88
CA LEU B 137 0.55 -39.19 23.95
C LEU B 137 -0.52 -39.87 23.11
N VAL B 138 -0.14 -40.31 21.90
CA VAL B 138 -1.11 -40.93 21.01
C VAL B 138 -1.62 -42.24 21.61
N ILE B 139 -0.71 -43.09 22.09
CA ILE B 139 -1.12 -44.37 22.63
C ILE B 139 -1.96 -44.18 23.89
N ALA B 140 -1.62 -43.19 24.72
CA ALA B 140 -2.43 -42.92 25.90
C ALA B 140 -3.84 -42.48 25.50
N ALA B 141 -3.95 -41.60 24.50
CA ALA B 141 -5.26 -41.18 24.04
C ALA B 141 -6.06 -42.37 23.51
N CYS B 142 -5.40 -43.26 22.77
CA CYS B 142 -6.09 -44.44 22.27
C CYS B 142 -6.54 -45.35 23.39
N VAL B 143 -5.71 -45.50 24.44
CA VAL B 143 -6.06 -46.38 25.55
C VAL B 143 -7.27 -45.84 26.31
N MET B 144 -7.25 -44.54 26.61
CA MET B 144 -8.35 -43.96 27.38
C MET B 144 -9.67 -44.11 26.63
N ASN B 145 -9.66 -43.84 25.33
CA ASN B 145 -10.86 -44.03 24.49
C ASN B 145 -10.40 -44.10 23.04
N PHE B 146 -10.83 -45.15 22.34
CA PHE B 146 -10.37 -45.39 20.98
C PHE B 146 -11.21 -44.67 19.94
N HIS B 147 -12.53 -44.78 20.05
CA HIS B 147 -13.41 -44.11 19.09
C HIS B 147 -13.20 -42.61 19.09
N ARG B 148 -12.90 -42.03 20.26
CA ARG B 148 -12.69 -40.59 20.34
C ARG B 148 -11.34 -40.18 19.75
N ALA B 149 -10.35 -41.05 19.83
CA ALA B 149 -8.99 -40.75 19.38
C ALA B 149 -8.69 -41.33 18.01
N LEU B 150 -9.69 -41.79 17.27
CA LEU B 150 -9.44 -42.44 15.99
C LEU B 150 -8.73 -41.54 14.99
N PRO B 151 -9.17 -40.30 14.72
CA PRO B 151 -8.49 -39.51 13.69
C PRO B 151 -7.03 -39.25 13.98
N LEU B 152 -6.66 -39.04 15.25
CA LEU B 152 -5.25 -38.86 15.58
C LEU B 152 -4.45 -40.10 15.24
N PHE B 153 -4.99 -41.28 15.55
CA PHE B 153 -4.32 -42.52 15.21
C PHE B 153 -4.16 -42.66 13.70
N VAL B 154 -5.21 -42.31 12.95
CA VAL B 154 -5.14 -42.41 11.49
C VAL B 154 -4.06 -41.49 10.95
N ILE B 155 -4.02 -40.25 11.44
CA ILE B 155 -3.00 -39.30 10.98
C ILE B 155 -1.61 -39.81 11.30
N THR B 156 -1.41 -40.32 12.51
CA THR B 156 -0.10 -40.84 12.88
C THR B 156 0.30 -42.01 11.98
N VAL B 157 -0.65 -42.93 11.72
CA VAL B 157 -0.35 -44.09 10.90
C VAL B 157 0.05 -43.67 9.49
N VAL B 158 -0.72 -42.74 8.90
CA VAL B 158 -0.41 -42.33 7.53
C VAL B 158 0.93 -41.60 7.49
N ALA B 159 1.21 -40.78 8.49
CA ALA B 159 2.51 -40.08 8.52
C ALA B 159 3.66 -41.07 8.62
N ILE B 160 3.53 -42.06 9.50
CA ILE B 160 4.59 -43.07 9.63
C ILE B 160 4.75 -43.83 8.32
N PHE B 161 3.64 -44.22 7.69
CA PHE B 161 3.72 -44.96 6.44
C PHE B 161 4.44 -44.15 5.37
N PHE B 162 4.09 -42.86 5.25
CA PHE B 162 4.73 -42.04 4.22
C PHE B 162 6.21 -41.83 4.52
N VAL B 163 6.56 -41.63 5.78
CA VAL B 163 7.97 -41.44 6.12
C VAL B 163 8.78 -42.69 5.78
N VAL B 164 8.25 -43.86 6.16
CA VAL B 164 8.95 -45.11 5.87
C VAL B 164 9.06 -45.32 4.37
N TRP B 165 7.97 -45.07 3.64
CA TRP B 165 7.99 -45.23 2.19
C TRP B 165 9.04 -44.33 1.56
N ASP B 166 9.08 -43.06 1.97
CA ASP B 166 10.07 -42.13 1.40
C ASP B 166 11.48 -42.59 1.69
N HIS B 167 11.74 -43.03 2.93
CA HIS B 167 13.08 -43.50 3.27
C HIS B 167 13.46 -44.71 2.42
N LEU B 168 12.54 -45.67 2.26
CA LEU B 168 12.84 -46.86 1.49
C LEU B 168 13.10 -46.53 0.03
N MET B 169 12.28 -45.66 -0.56
CA MET B 169 12.49 -45.27 -1.95
C MET B 169 13.82 -44.57 -2.11
N ALA B 170 14.18 -43.69 -1.16
CA ALA B 170 15.45 -42.99 -1.25
C ALA B 170 16.63 -43.96 -1.14
N LYS B 171 16.52 -44.97 -0.27
CA LYS B 171 17.66 -45.84 -0.02
C LYS B 171 17.81 -46.94 -1.06
N TYR B 172 16.70 -47.55 -1.48
CA TYR B 172 16.73 -48.73 -2.34
C TYR B 172 16.30 -48.41 -3.78
N GLU B 173 16.53 -47.19 -4.24
CA GLU B 173 16.08 -46.81 -5.59
C GLU B 173 16.76 -47.67 -6.65
N SER B 174 18.07 -47.84 -6.57
CA SER B 174 18.80 -48.60 -7.58
C SER B 174 18.34 -50.05 -7.62
N GLN B 175 18.17 -50.67 -6.44
CA GLN B 175 17.75 -52.06 -6.39
C GLN B 175 16.38 -52.24 -7.00
N ILE B 176 15.45 -51.34 -6.67
CA ILE B 176 14.10 -51.43 -7.21
C ILE B 176 14.12 -51.25 -8.72
N ALA B 177 14.91 -50.28 -9.20
CA ALA B 177 15.00 -50.07 -10.65
C ALA B 177 15.54 -51.31 -11.35
N ARG B 178 16.59 -51.92 -10.81
CA ARG B 178 17.15 -53.12 -11.40
C ARG B 178 16.14 -54.26 -11.40
N PHE B 179 15.40 -54.41 -10.31
CA PHE B 179 14.39 -55.45 -10.23
C PHE B 179 13.28 -55.23 -11.26
N LEU B 180 12.91 -53.96 -11.50
CA LEU B 180 11.87 -53.67 -12.47
C LEU B 180 12.36 -53.82 -13.90
N SER B 181 13.67 -53.66 -14.13
CA SER B 181 14.18 -53.60 -15.51
C SER B 181 13.76 -54.77 -16.38
N PRO B 182 13.89 -56.04 -15.96
CA PRO B 182 13.55 -57.14 -16.88
C PRO B 182 12.13 -57.09 -17.39
N GLY B 183 11.18 -56.73 -16.52
CA GLY B 183 9.80 -56.62 -16.96
C GLY B 183 9.61 -55.56 -18.04
N GLN B 184 10.29 -54.43 -17.87
CA GLN B 184 10.24 -53.38 -18.89
C GLN B 184 10.81 -53.88 -20.21
N ARG B 185 11.90 -54.66 -20.15
CA ARG B 185 12.48 -55.19 -21.38
C ARG B 185 11.50 -56.14 -22.07
N LEU B 186 10.86 -57.02 -21.32
CA LEU B 186 9.89 -57.94 -21.93
C LEU B 186 8.73 -57.17 -22.53
N LEU B 187 8.22 -56.16 -21.82
CA LEU B 187 7.12 -55.36 -22.33
C LEU B 187 7.52 -54.64 -23.61
N ASP B 188 8.73 -54.09 -23.65
CA ASP B 188 9.21 -53.45 -24.88
C ASP B 188 9.31 -54.47 -26.01
N SER B 189 9.75 -55.68 -25.70
CA SER B 189 9.87 -56.71 -26.73
C SER B 189 8.52 -57.05 -27.33
N HIS B 190 7.49 -57.17 -26.51
CA HIS B 190 6.17 -57.58 -26.98
C HIS B 190 5.25 -56.41 -27.31
N TRP B 191 5.72 -55.17 -27.14
CA TRP B 191 4.85 -54.01 -27.33
C TRP B 191 4.39 -53.85 -28.76
N PHE B 192 5.22 -54.20 -29.75
CA PHE B 192 4.85 -53.94 -31.14
C PHE B 192 3.51 -54.58 -31.48
N TRP B 193 3.19 -55.72 -30.85
CA TRP B 193 1.90 -56.36 -31.04
C TRP B 193 0.93 -56.12 -29.90
N LEU B 194 1.41 -55.89 -28.67
CA LEU B 194 0.52 -55.68 -27.55
C LEU B 194 -0.14 -54.30 -27.55
N LYS B 195 0.43 -53.33 -28.26
CA LYS B 195 -0.15 -51.99 -28.26
C LYS B 195 -1.53 -51.98 -28.90
N TRP B 196 -1.72 -52.74 -29.99
CA TRP B 196 -3.02 -52.79 -30.62
C TRP B 196 -4.05 -53.40 -29.70
N VAL B 197 -3.69 -54.46 -28.97
CA VAL B 197 -4.62 -55.08 -28.04
C VAL B 197 -5.00 -54.08 -26.94
N ILE B 198 -4.02 -53.39 -26.38
CA ILE B 198 -4.31 -52.45 -25.30
C ILE B 198 -5.21 -51.33 -25.80
N TRP B 199 -4.89 -50.76 -26.97
CA TRP B 199 -5.69 -49.67 -27.51
C TRP B 199 -7.11 -50.11 -27.83
N GLY B 200 -7.25 -51.31 -28.42
CA GLY B 200 -8.58 -51.82 -28.70
C GLY B 200 -9.38 -52.04 -27.43
N CYS B 201 -8.73 -52.55 -26.38
CA CYS B 201 -9.42 -52.73 -25.11
C CYS B 201 -9.87 -51.39 -24.54
N LEU B 202 -9.02 -50.37 -24.60
CA LEU B 202 -9.40 -49.06 -24.08
C LEU B 202 -10.56 -48.47 -24.87
N ILE B 203 -10.52 -48.60 -26.21
CA ILE B 203 -11.60 -48.07 -27.03
C ILE B 203 -12.91 -48.81 -26.73
N LEU B 204 -12.83 -50.13 -26.59
CA LEU B 204 -14.03 -50.90 -26.25
C LEU B 204 -14.58 -50.48 -24.90
N GLY B 205 -13.71 -50.26 -23.92
CA GLY B 205 -14.16 -49.79 -22.62
C GLY B 205 -14.85 -48.45 -22.70
N VAL B 206 -14.27 -47.51 -23.48
CA VAL B 206 -14.90 -46.21 -23.66
C VAL B 206 -16.28 -46.37 -24.28
N ILE B 207 -16.39 -47.20 -25.32
CA ILE B 207 -17.66 -47.39 -26.01
C ILE B 207 -18.69 -47.99 -25.06
N LEU B 208 -18.28 -49.01 -24.30
CA LEU B 208 -19.21 -49.65 -23.37
C LEU B 208 -19.68 -48.68 -22.30
N TRP B 209 -18.74 -47.88 -21.76
CA TRP B 209 -19.13 -46.90 -20.75
C TRP B 209 -20.11 -45.88 -21.34
N LEU B 210 -19.83 -45.39 -22.55
CA LEU B 210 -20.76 -44.46 -23.18
C LEU B 210 -22.14 -45.10 -23.28
N VAL B 211 -22.21 -46.29 -23.87
CA VAL B 211 -23.49 -46.89 -24.20
C VAL B 211 -24.29 -47.20 -22.93
N PHE B 212 -23.63 -47.67 -21.88
CA PHE B 212 -24.34 -48.16 -20.71
C PHE B 212 -24.49 -47.13 -19.59
N ASP B 213 -23.82 -45.99 -19.67
CA ASP B 213 -24.00 -44.92 -18.68
C ASP B 213 -24.50 -43.62 -19.31
N THR B 214 -23.79 -43.11 -20.32
CA THR B 214 -24.10 -41.78 -20.83
C THR B 214 -25.49 -41.75 -21.46
N ALA B 215 -25.79 -42.73 -22.31
CA ALA B 215 -27.11 -42.80 -22.93
C ALA B 215 -28.20 -42.91 -21.87
N LYS B 216 -27.95 -43.69 -20.82
CA LYS B 216 -28.92 -43.81 -19.74
C LYS B 216 -29.15 -42.47 -19.05
N LEU B 217 -28.08 -41.73 -18.79
CA LEU B 217 -28.21 -40.47 -18.07
C LEU B 217 -29.04 -39.47 -18.86
N GLY B 218 -28.80 -39.36 -20.16
CA GLY B 218 -29.58 -38.47 -20.99
C GLY B 218 -28.76 -37.96 -22.15
N GLN B 219 -29.40 -37.08 -22.93
CA GLN B 219 -28.74 -36.50 -24.10
C GLN B 219 -27.63 -35.55 -23.70
N GLN B 220 -27.80 -34.82 -22.60
CA GLN B 220 -26.87 -33.75 -22.25
C GLN B 220 -25.46 -34.27 -22.03
N GLN B 221 -25.32 -35.48 -21.47
CA GLN B 221 -23.99 -36.02 -21.25
C GLN B 221 -23.33 -36.43 -22.56
N LEU B 222 -24.12 -36.97 -23.50
CA LEU B 222 -23.59 -37.21 -24.83
C LEU B 222 -23.15 -35.91 -25.48
N VAL B 223 -23.91 -34.83 -25.27
CA VAL B 223 -23.51 -33.53 -25.79
C VAL B 223 -22.21 -33.08 -25.14
N SER B 224 -22.03 -33.37 -23.85
CA SER B 224 -20.77 -33.03 -23.18
C SER B 224 -19.60 -33.79 -23.80
N PHE B 225 -19.79 -35.07 -24.07
CA PHE B 225 -18.73 -35.86 -24.71
C PHE B 225 -18.42 -35.33 -26.11
N GLY B 226 -19.47 -35.00 -26.88
CA GLY B 226 -19.25 -34.40 -28.18
C GLY B 226 -18.53 -33.08 -28.09
N GLY B 227 -18.86 -32.28 -27.08
CA GLY B 227 -18.16 -31.02 -26.88
C GLY B 227 -16.70 -31.22 -26.53
N LEU B 228 -16.39 -32.23 -25.73
CA LEU B 228 -14.99 -32.54 -25.44
C LEU B 228 -14.26 -32.91 -26.72
N ILE B 229 -14.87 -33.76 -27.55
CA ILE B 229 -14.25 -34.14 -28.81
C ILE B 229 -14.04 -32.91 -29.69
N ILE B 230 -15.05 -32.03 -29.72
CA ILE B 230 -14.98 -30.84 -30.58
C ILE B 230 -13.90 -29.89 -30.09
N TYR B 231 -13.80 -29.71 -28.76
CA TYR B 231 -12.74 -28.84 -28.23
C TYR B 231 -11.37 -29.39 -28.54
N THR B 232 -11.19 -30.72 -28.45
CA THR B 232 -9.90 -31.28 -28.80
C THR B 232 -9.60 -31.11 -30.29
N SER B 233 -10.61 -31.34 -31.14
CA SER B 233 -10.42 -31.14 -32.57
C SER B 233 -10.06 -29.70 -32.89
N LEU B 234 -10.76 -28.75 -32.28
CA LEU B 234 -10.47 -27.34 -32.51
C LEU B 234 -9.07 -26.99 -32.04
N THR B 235 -8.66 -27.52 -30.88
CA THR B 235 -7.31 -27.25 -30.41
C THR B 235 -6.28 -27.79 -31.39
N PHE B 236 -6.52 -28.98 -31.95
CA PHE B 236 -5.59 -29.55 -32.91
C PHE B 236 -5.54 -28.73 -34.19
N LEU B 237 -6.70 -28.31 -34.69
CA LEU B 237 -6.74 -27.65 -35.99
C LEU B 237 -5.99 -26.34 -36.00
N PHE B 238 -6.07 -25.57 -34.91
CA PHE B 238 -5.37 -24.29 -34.78
C PHE B 238 -4.05 -24.43 -34.04
N SER B 239 -3.41 -25.58 -34.15
CA SER B 239 -2.17 -25.84 -33.42
C SER B 239 -1.00 -25.11 -34.07
N LYS B 240 0.00 -24.77 -33.25
CA LYS B 240 1.18 -24.09 -33.76
C LYS B 240 1.94 -24.97 -34.74
N HIS B 241 2.08 -26.25 -34.42
CA HIS B 241 2.78 -27.21 -35.28
C HIS B 241 1.93 -28.46 -35.40
N PRO B 242 0.89 -28.44 -36.23
CA PRO B 242 -0.03 -29.58 -36.30
C PRO B 242 0.65 -30.89 -36.68
N THR B 243 1.78 -30.84 -37.38
CA THR B 243 2.46 -32.06 -37.80
C THR B 243 3.46 -32.58 -36.77
N LYS B 244 3.72 -31.83 -35.71
CA LYS B 244 4.69 -32.23 -34.69
C LYS B 244 4.01 -32.66 -33.39
N VAL B 245 2.74 -33.04 -33.46
CA VAL B 245 1.97 -33.34 -32.26
C VAL B 245 2.39 -34.70 -31.71
N TYR B 246 2.74 -34.73 -30.43
CA TYR B 246 3.01 -35.96 -29.69
C TYR B 246 1.74 -36.31 -28.92
N TRP B 247 1.07 -37.40 -29.33
CA TRP B 247 -0.28 -37.67 -28.86
C TRP B 247 -0.34 -38.38 -27.51
N ARG B 248 0.78 -38.87 -26.99
CA ARG B 248 0.75 -39.52 -25.69
C ARG B 248 0.26 -38.59 -24.58
N PRO B 249 0.82 -37.39 -24.40
CA PRO B 249 0.37 -36.54 -23.29
C PRO B 249 -1.10 -36.17 -23.37
N VAL B 250 -1.64 -35.93 -24.57
CA VAL B 250 -3.02 -35.48 -24.67
C VAL B 250 -3.97 -36.58 -24.19
N PHE B 251 -3.78 -37.80 -24.71
CA PHE B 251 -4.66 -38.89 -24.32
C PHE B 251 -4.46 -39.27 -22.87
N TRP B 252 -3.23 -39.22 -22.38
CA TRP B 252 -2.99 -39.55 -20.97
C TRP B 252 -3.61 -38.50 -20.05
N GLY B 253 -3.52 -37.23 -20.41
CA GLY B 253 -4.17 -36.21 -19.60
C GLY B 253 -5.68 -36.35 -19.58
N ILE B 254 -6.27 -36.62 -20.74
CA ILE B 254 -7.72 -36.81 -20.78
C ILE B 254 -8.11 -38.04 -19.96
N GLY B 255 -7.33 -39.12 -20.06
CA GLY B 255 -7.63 -40.30 -19.27
C GLY B 255 -7.50 -40.05 -17.77
N LEU B 256 -6.47 -39.30 -17.37
CA LEU B 256 -6.33 -38.96 -15.95
C LEU B 256 -7.49 -38.10 -15.46
N GLN B 257 -7.93 -37.15 -16.28
CA GLN B 257 -9.11 -36.36 -15.91
C GLN B 257 -10.33 -37.27 -15.76
N PHE B 258 -10.53 -38.19 -16.69
CA PHE B 258 -11.69 -39.07 -16.62
C PHE B 258 -11.63 -39.97 -15.40
N LEU B 259 -10.43 -40.46 -15.07
CA LEU B 259 -10.27 -41.31 -13.89
C LEU B 259 -10.53 -40.51 -12.61
N LEU B 260 -10.03 -39.28 -12.53
CA LEU B 260 -10.31 -38.44 -11.37
C LEU B 260 -11.80 -38.17 -11.24
N GLY B 261 -12.46 -37.88 -12.36
CA GLY B 261 -13.89 -37.65 -12.32
C GLY B 261 -14.67 -38.87 -11.86
N LEU B 262 -14.31 -40.05 -12.37
CA LEU B 262 -14.96 -41.27 -11.92
C LEU B 262 -14.73 -41.50 -10.43
N LEU B 263 -13.50 -41.30 -9.96
CA LEU B 263 -13.19 -41.56 -8.56
C LEU B 263 -13.94 -40.62 -7.64
N ILE B 264 -14.02 -39.34 -8.00
CA ILE B 264 -14.55 -38.35 -7.07
C ILE B 264 -16.06 -38.16 -7.20
N LEU B 265 -16.62 -38.28 -8.40
CA LEU B 265 -18.03 -37.98 -8.64
C LEU B 265 -18.90 -39.21 -8.76
N ARG B 266 -18.32 -40.42 -8.85
CA ARG B 266 -19.10 -41.62 -9.13
C ARG B 266 -18.82 -42.74 -8.14
N THR B 267 -18.21 -42.44 -7.00
CA THR B 267 -17.90 -43.45 -6.00
C THR B 267 -18.10 -42.88 -4.61
N GLU B 268 -18.69 -43.68 -3.72
CA GLU B 268 -18.92 -43.22 -2.35
C GLU B 268 -17.63 -42.87 -1.63
N PRO B 269 -16.56 -43.67 -1.69
CA PRO B 269 -15.33 -43.28 -0.98
C PRO B 269 -14.80 -41.91 -1.39
N GLY B 270 -14.61 -41.69 -2.70
CA GLY B 270 -14.08 -40.42 -3.15
C GLY B 270 -15.03 -39.27 -2.88
N PHE B 271 -16.33 -39.50 -3.07
CA PHE B 271 -17.30 -38.44 -2.82
C PHE B 271 -17.28 -38.03 -1.35
N MET B 272 -17.28 -39.00 -0.44
CA MET B 272 -17.22 -38.68 0.98
C MET B 272 -15.91 -37.99 1.33
N ALA B 273 -14.79 -38.47 0.77
CA ALA B 273 -13.50 -37.87 1.07
C ALA B 273 -13.47 -36.40 0.66
N PHE B 274 -13.94 -36.10 -0.55
CA PHE B 274 -13.88 -34.72 -1.02
C PHE B 274 -14.92 -33.83 -0.36
N ASP B 275 -16.09 -34.38 -0.01
CA ASP B 275 -17.06 -33.60 0.77
C ASP B 275 -16.47 -33.25 2.13
N TRP B 276 -15.81 -34.21 2.79
CA TRP B 276 -15.16 -33.92 4.07
C TRP B 276 -14.07 -32.88 3.91
N LEU B 277 -13.25 -33.01 2.85
CA LEU B 277 -12.16 -32.07 2.65
C LEU B 277 -12.70 -30.66 2.43
N GLY B 278 -13.78 -30.54 1.65
CA GLY B 278 -14.40 -29.23 1.48
C GLY B 278 -14.98 -28.68 2.76
N LYS B 279 -15.59 -29.56 3.57
CA LYS B 279 -16.16 -29.12 4.84
C LYS B 279 -15.08 -28.64 5.80
N GLN B 280 -13.90 -29.23 5.75
CA GLN B 280 -12.81 -28.77 6.62
C GLN B 280 -12.40 -27.34 6.27
N VAL B 281 -12.36 -27.00 4.98
CA VAL B 281 -11.96 -25.66 4.57
C VAL B 281 -12.96 -24.64 5.08
N GLN B 282 -14.25 -24.98 5.08
CA GLN B 282 -15.26 -24.06 5.60
C GLN B 282 -15.04 -23.78 7.08
N THR B 283 -14.69 -24.80 7.86
CA THR B 283 -14.33 -24.57 9.25
C THR B 283 -13.09 -23.70 9.35
N PHE B 284 -12.10 -23.96 8.49
CA PHE B 284 -10.83 -23.24 8.58
C PHE B 284 -10.99 -21.76 8.28
N LEU B 285 -11.84 -21.40 7.31
CA LEU B 285 -11.97 -20.00 6.93
C LEU B 285 -12.69 -19.17 7.98
N GLY B 286 -13.30 -19.81 8.99
CA GLY B 286 -13.98 -19.07 10.04
C GLY B 286 -13.05 -18.46 11.07
N TYR B 287 -11.80 -18.94 11.14
CA TYR B 287 -10.88 -18.46 12.16
C TYR B 287 -10.46 -17.02 11.94
N SER B 288 -10.48 -16.54 10.69
CA SER B 288 -10.09 -15.17 10.42
C SER B 288 -11.03 -14.17 11.08
N ASP B 289 -12.23 -14.61 11.47
CA ASP B 289 -13.15 -13.72 12.15
C ASP B 289 -12.57 -13.20 13.46
N ALA B 290 -11.72 -13.99 14.12
CA ALA B 290 -11.12 -13.53 15.37
C ALA B 290 -10.30 -12.27 15.16
N GLY B 291 -9.45 -12.25 14.14
CA GLY B 291 -8.71 -11.05 13.82
C GLY B 291 -9.59 -9.94 13.27
N ALA B 292 -10.55 -10.31 12.41
CA ALA B 292 -11.38 -9.29 11.77
C ALA B 292 -12.20 -8.53 12.80
N SER B 293 -12.73 -9.22 13.81
CA SER B 293 -13.52 -8.56 14.83
C SER B 293 -12.69 -7.55 15.61
N PHE B 294 -11.45 -7.91 15.95
CA PHE B 294 -10.61 -6.99 16.71
C PHE B 294 -10.19 -5.80 15.88
N VAL B 295 -9.69 -6.03 14.66
CA VAL B 295 -9.18 -4.93 13.86
C VAL B 295 -10.31 -4.00 13.45
N PHE B 296 -11.44 -4.55 13.03
CA PHE B 296 -12.55 -3.76 12.51
C PHE B 296 -13.72 -3.66 13.47
N GLY B 297 -13.59 -4.17 14.69
CA GLY B 297 -14.66 -4.07 15.67
C GLY B 297 -15.71 -5.14 15.48
N GLU B 298 -16.72 -5.08 16.35
CA GLU B 298 -17.83 -6.02 16.28
C GLU B 298 -18.82 -5.69 15.15
N LYS B 299 -18.69 -4.51 14.54
CA LYS B 299 -19.52 -4.12 13.41
C LYS B 299 -18.83 -4.39 12.07
N TYR B 300 -17.82 -5.25 12.07
CA TYR B 300 -17.12 -5.56 10.83
C TYR B 300 -18.02 -6.20 9.79
N THR B 301 -19.15 -6.76 10.21
CA THR B 301 -20.11 -7.33 9.26
C THR B 301 -20.94 -6.27 8.56
N ASP B 302 -20.88 -5.01 8.99
CA ASP B 302 -21.58 -3.95 8.26
C ASP B 302 -21.01 -3.75 6.87
N HIS B 303 -19.74 -4.09 6.66
CA HIS B 303 -19.09 -4.08 5.34
C HIS B 303 -18.58 -5.50 5.13
N PHE B 304 -19.42 -6.37 4.57
CA PHE B 304 -19.13 -7.79 4.59
C PHE B 304 -17.86 -8.11 3.80
N PHE B 305 -17.78 -7.67 2.55
CA PHE B 305 -16.68 -8.10 1.70
C PHE B 305 -15.35 -7.60 2.23
N ALA B 306 -15.23 -6.30 2.46
CA ALA B 306 -13.93 -5.70 2.77
C ALA B 306 -13.43 -6.16 4.14
N PHE B 307 -14.32 -6.26 5.11
CA PHE B 307 -13.93 -6.51 6.49
C PHE B 307 -14.11 -7.97 6.93
N LYS B 308 -14.60 -8.85 6.05
CA LYS B 308 -14.71 -10.26 6.39
C LYS B 308 -14.12 -11.19 5.35
N VAL B 309 -14.20 -10.86 4.06
CA VAL B 309 -13.71 -11.76 3.03
C VAL B 309 -12.21 -11.62 2.83
N LEU B 310 -11.72 -10.39 2.68
CA LEU B 310 -10.28 -10.20 2.49
C LEU B 310 -9.46 -10.75 3.64
N PRO B 311 -9.85 -10.60 4.91
CA PRO B 311 -9.09 -11.25 5.99
C PRO B 311 -8.94 -12.74 5.80
N ILE B 312 -9.93 -13.40 5.20
CA ILE B 312 -9.78 -14.81 4.87
C ILE B 312 -8.61 -15.00 3.90
N VAL B 313 -8.50 -14.11 2.91
CA VAL B 313 -7.38 -14.19 1.97
C VAL B 313 -6.07 -13.99 2.71
N ILE B 314 -6.02 -13.04 3.64
CA ILE B 314 -4.78 -12.80 4.39
C ILE B 314 -4.40 -14.03 5.19
N PHE B 315 -5.37 -14.62 5.89
CA PHE B 315 -5.08 -15.79 6.73
C PHE B 315 -4.65 -16.97 5.88
N PHE B 316 -5.30 -17.18 4.73
CA PHE B 316 -4.91 -18.27 3.85
C PHE B 316 -3.52 -18.05 3.28
N SER B 317 -3.18 -16.81 2.92
CA SER B 317 -1.82 -16.52 2.47
C SER B 317 -0.81 -16.83 3.56
N THR B 318 -1.12 -16.44 4.81
CA THR B 318 -0.22 -16.73 5.92
C THR B 318 -0.03 -18.23 6.10
N VAL B 319 -1.13 -18.99 6.04
CA VAL B 319 -1.05 -20.43 6.24
C VAL B 319 -0.27 -21.08 5.10
N MET B 320 -0.47 -20.61 3.87
CA MET B 320 0.28 -21.16 2.74
C MET B 320 1.76 -20.87 2.89
N SER B 321 2.12 -19.68 3.36
CA SER B 321 3.53 -19.37 3.57
C SER B 321 4.12 -20.26 4.67
N MET B 322 3.38 -20.48 5.75
CA MET B 322 3.88 -21.36 6.80
C MET B 322 4.05 -22.78 6.29
N LEU B 323 3.10 -23.27 5.49
CA LEU B 323 3.23 -24.61 4.93
C LEU B 323 4.44 -24.71 4.00
N TYR B 324 4.65 -23.69 3.16
CA TYR B 324 5.80 -23.71 2.27
C TYR B 324 7.10 -23.72 3.07
N TYR B 325 7.13 -22.98 4.18
CA TYR B 325 8.29 -23.07 5.07
C TYR B 325 8.44 -24.48 5.62
N LEU B 326 7.34 -25.12 6.01
CA LEU B 326 7.41 -26.46 6.57
C LEU B 326 7.75 -27.51 5.51
N GLY B 327 7.58 -27.19 4.24
CA GLY B 327 7.99 -28.10 3.18
C GLY B 327 6.99 -29.16 2.79
N LEU B 328 5.77 -29.14 3.35
CA LEU B 328 4.76 -30.10 2.93
C LEU B 328 4.28 -29.81 1.52
N MET B 329 4.19 -28.53 1.14
CA MET B 329 3.69 -28.19 -0.18
C MET B 329 4.61 -28.73 -1.26
N GLN B 330 5.92 -28.63 -1.06
CA GLN B 330 6.85 -29.21 -2.03
C GLN B 330 6.71 -30.73 -2.07
N TRP B 331 6.48 -31.37 -0.94
CA TRP B 331 6.28 -32.82 -0.92
C TRP B 331 5.09 -33.21 -1.79
N ILE B 332 3.95 -32.56 -1.58
CA ILE B 332 2.75 -32.89 -2.34
C ILE B 332 2.95 -32.57 -3.82
N ILE B 333 3.55 -31.41 -4.10
CA ILE B 333 3.80 -31.02 -5.49
C ILE B 333 4.70 -32.04 -6.16
N ARG B 334 5.75 -32.51 -5.47
CA ARG B 334 6.63 -33.50 -6.06
C ARG B 334 5.89 -34.81 -6.33
N LYS B 335 5.03 -35.23 -5.41
CA LYS B 335 4.29 -36.47 -5.63
C LYS B 335 3.41 -36.35 -6.87
N VAL B 336 2.60 -35.28 -6.95
CA VAL B 336 1.70 -35.13 -8.09
C VAL B 336 2.48 -34.96 -9.37
N GLY B 337 3.56 -34.19 -9.33
CA GLY B 337 4.36 -33.97 -10.53
C GLY B 337 5.04 -35.22 -11.02
N TRP B 338 5.53 -36.07 -10.10
CA TRP B 338 6.10 -37.33 -10.53
C TRP B 338 5.03 -38.22 -11.17
N VAL B 339 3.83 -38.23 -10.59
CA VAL B 339 2.75 -39.03 -11.20
C VAL B 339 2.49 -38.55 -12.63
N MET B 340 2.31 -37.25 -12.80
CA MET B 340 2.03 -36.71 -14.13
C MET B 340 3.20 -36.99 -15.09
N LEU B 341 4.43 -36.80 -14.63
CA LEU B 341 5.60 -36.99 -15.48
C LEU B 341 5.70 -38.44 -15.94
N VAL B 342 5.47 -39.38 -15.03
CA VAL B 342 5.60 -40.79 -15.41
C VAL B 342 4.46 -41.22 -16.31
N THR B 343 3.27 -40.61 -16.15
CA THR B 343 2.14 -41.01 -16.98
C THR B 343 2.13 -40.30 -18.34
N MET B 344 2.23 -38.98 -18.34
CA MET B 344 2.11 -38.21 -19.57
C MET B 344 3.43 -38.00 -20.30
N GLY B 345 4.56 -38.29 -19.65
CA GLY B 345 5.84 -38.13 -20.31
C GLY B 345 6.26 -36.69 -20.53
N THR B 346 5.69 -35.76 -19.76
CA THR B 346 6.01 -34.34 -19.90
C THR B 346 7.36 -34.04 -19.26
N SER B 347 7.91 -32.87 -19.61
CA SER B 347 9.21 -32.47 -19.08
C SER B 347 9.11 -32.21 -17.58
N PRO B 348 10.20 -32.45 -16.84
CA PRO B 348 10.12 -32.24 -15.38
C PRO B 348 9.71 -30.84 -14.98
N VAL B 349 10.20 -29.82 -15.69
CA VAL B 349 9.91 -28.44 -15.28
C VAL B 349 8.43 -28.14 -15.46
N GLU B 350 7.87 -28.49 -16.62
CA GLU B 350 6.46 -28.20 -16.85
C GLU B 350 5.55 -29.03 -15.95
N SER B 351 5.93 -30.29 -15.69
CA SER B 351 5.14 -31.11 -14.78
C SER B 351 5.14 -30.52 -13.37
N VAL B 352 6.32 -30.10 -12.90
CA VAL B 352 6.41 -29.53 -11.56
C VAL B 352 5.61 -28.24 -11.48
N VAL B 353 5.69 -27.40 -12.51
CA VAL B 353 4.95 -26.13 -12.45
C VAL B 353 3.45 -26.37 -12.52
N ALA B 354 3.01 -27.36 -13.32
CA ALA B 354 1.59 -27.66 -13.37
C ALA B 354 1.09 -28.18 -12.04
N SER B 355 1.85 -29.07 -11.41
CA SER B 355 1.46 -29.58 -10.09
C SER B 355 1.41 -28.45 -9.06
N GLY B 356 2.41 -27.57 -9.08
CA GLY B 356 2.41 -26.46 -8.14
C GLY B 356 1.26 -25.50 -8.34
N ASN B 357 0.87 -25.27 -9.60
CA ASN B 357 -0.17 -24.30 -9.89
C ASN B 357 -1.51 -24.70 -9.28
N ILE B 358 -1.67 -25.96 -8.89
CA ILE B 358 -2.91 -26.38 -8.22
C ILE B 358 -3.11 -25.57 -6.94
N PHE B 359 -2.02 -25.24 -6.24
CA PHE B 359 -2.09 -24.56 -4.95
C PHE B 359 -1.59 -23.13 -4.99
N ILE B 360 -0.76 -22.76 -5.96
CA ILE B 360 -0.06 -21.48 -5.97
C ILE B 360 -0.53 -20.67 -7.16
N GLY B 361 -0.56 -19.35 -6.98
CA GLY B 361 -1.00 -18.47 -8.04
C GLY B 361 -0.05 -18.44 -9.22
N GLN B 362 -0.59 -18.03 -10.37
CA GLN B 362 0.18 -18.01 -11.61
C GLN B 362 1.48 -17.19 -11.45
N THR B 363 1.42 -16.09 -10.72
CA THR B 363 2.57 -15.18 -10.62
C THR B 363 3.63 -15.68 -9.66
N GLU B 364 3.36 -16.72 -8.87
CA GLU B 364 4.33 -17.27 -7.93
C GLU B 364 4.71 -18.71 -8.21
N SER B 365 3.96 -19.42 -9.04
CA SER B 365 4.27 -20.81 -9.35
C SER B 365 5.61 -20.93 -10.06
N PRO B 366 5.92 -20.05 -11.02
CA PRO B 366 7.21 -20.16 -11.71
C PRO B 366 8.41 -19.99 -10.79
N LEU B 367 8.24 -19.37 -9.62
CA LEU B 367 9.36 -19.20 -8.70
C LEU B 367 9.91 -20.54 -8.24
N LEU B 368 9.15 -21.63 -8.38
CA LEU B 368 9.63 -22.95 -8.01
C LEU B 368 10.79 -23.40 -8.89
N VAL B 369 10.89 -22.89 -10.11
CA VAL B 369 11.94 -23.27 -11.04
C VAL B 369 12.65 -22.02 -11.56
N ARG B 370 12.70 -20.99 -10.73
CA ARG B 370 13.24 -19.70 -11.18
C ARG B 370 14.64 -19.81 -11.77
N PRO B 371 15.60 -20.52 -11.15
CA PRO B 371 16.95 -20.56 -11.72
C PRO B 371 17.01 -21.12 -13.12
N TYR B 372 16.13 -22.06 -13.46
CA TYR B 372 16.20 -22.79 -14.72
C TYR B 372 15.28 -22.20 -15.79
N LEU B 373 14.61 -21.08 -15.51
CA LEU B 373 13.70 -20.49 -16.47
C LEU B 373 14.40 -20.06 -17.75
N PRO B 374 15.59 -19.47 -17.68
CA PRO B 374 16.25 -19.00 -18.91
C PRO B 374 16.57 -20.10 -19.91
N TYR B 375 16.66 -21.35 -19.48
CA TYR B 375 17.07 -22.44 -20.35
C TYR B 375 15.90 -23.31 -20.82
N VAL B 376 14.67 -22.93 -20.50
CA VAL B 376 13.52 -23.70 -20.95
C VAL B 376 13.25 -23.43 -22.43
N THR B 377 12.53 -24.37 -23.05
CA THR B 377 12.17 -24.23 -24.46
C THR B 377 10.88 -23.40 -24.58
N LYS B 378 10.48 -23.12 -25.82
CA LYS B 378 9.25 -22.36 -26.03
C LYS B 378 8.03 -23.16 -25.59
N SER B 379 8.01 -24.46 -25.87
CA SER B 379 6.88 -25.28 -25.48
C SER B 379 6.73 -25.33 -23.96
N GLU B 380 7.83 -25.46 -23.23
CA GLU B 380 7.77 -25.47 -21.78
C GLU B 380 7.27 -24.13 -21.24
N LEU B 381 7.72 -23.03 -21.83
CA LEU B 381 7.24 -21.72 -21.40
C LEU B 381 5.74 -21.57 -21.64
N HIS B 382 5.27 -22.01 -22.81
CA HIS B 382 3.84 -21.96 -23.10
C HIS B 382 3.06 -22.83 -22.12
N ALA B 383 3.59 -24.01 -21.79
CA ALA B 383 2.92 -24.88 -20.83
C ALA B 383 2.86 -24.23 -19.45
N ILE B 384 3.94 -23.56 -19.05
CA ILE B 384 3.94 -22.86 -17.76
C ILE B 384 2.85 -21.81 -17.74
N MET B 385 2.75 -21.02 -18.82
CA MET B 385 1.74 -19.96 -18.85
C MET B 385 0.33 -20.55 -18.89
N THR B 386 0.13 -21.63 -19.64
CA THR B 386 -1.19 -22.26 -19.70
C THR B 386 -1.60 -22.79 -18.34
N ALA B 387 -0.67 -23.44 -17.64
CA ALA B 387 -0.97 -23.93 -16.30
C ALA B 387 -1.32 -22.78 -15.37
N GLY B 388 -0.55 -21.68 -15.45
CA GLY B 388 -0.87 -20.53 -14.63
C GLY B 388 -2.25 -19.98 -14.91
N PHE B 389 -2.65 -19.95 -16.17
CA PHE B 389 -3.95 -19.41 -16.55
C PHE B 389 -5.10 -20.35 -16.25
N SER B 390 -4.85 -21.65 -16.09
CA SER B 390 -5.90 -22.65 -16.00
C SER B 390 -6.27 -23.02 -14.57
N THR B 391 -5.64 -22.42 -13.57
CA THR B 391 -5.89 -22.78 -12.18
C THR B 391 -6.02 -21.51 -11.35
N ILE B 392 -6.49 -21.70 -10.11
CA ILE B 392 -6.62 -20.59 -9.15
C ILE B 392 -5.61 -20.82 -8.04
N ALA B 393 -5.51 -19.87 -7.12
CA ALA B 393 -4.61 -19.96 -5.99
C ALA B 393 -5.39 -20.34 -4.73
N GLY B 394 -4.67 -20.93 -3.78
CA GLY B 394 -5.31 -21.32 -2.53
C GLY B 394 -5.69 -20.14 -1.67
N SER B 395 -5.04 -19.00 -1.87
CA SER B 395 -5.36 -17.82 -1.07
C SER B 395 -6.76 -17.31 -1.35
N VAL B 396 -7.27 -17.48 -2.58
CA VAL B 396 -8.57 -16.97 -2.95
C VAL B 396 -9.66 -18.04 -2.88
N LEU B 397 -9.32 -19.27 -2.50
CA LEU B 397 -10.33 -20.29 -2.35
C LEU B 397 -11.35 -19.90 -1.27
N GLY B 398 -10.87 -19.31 -0.18
CA GLY B 398 -11.76 -18.95 0.91
C GLY B 398 -12.82 -17.95 0.50
N ALA B 399 -12.46 -16.95 -0.31
CA ALA B 399 -13.45 -15.98 -0.75
C ALA B 399 -14.52 -16.65 -1.61
N TYR B 400 -14.11 -17.52 -2.53
CA TYR B 400 -15.07 -18.21 -3.39
C TYR B 400 -16.01 -19.07 -2.55
N ILE B 401 -15.47 -19.77 -1.55
CA ILE B 401 -16.33 -20.56 -0.68
C ILE B 401 -17.27 -19.66 0.11
N SER B 402 -16.79 -18.49 0.54
CA SER B 402 -17.63 -17.56 1.29
C SER B 402 -18.78 -17.04 0.46
N PHE B 403 -18.57 -16.84 -0.85
CA PHE B 403 -19.65 -16.39 -1.70
C PHE B 403 -20.80 -17.40 -1.69
N GLY B 404 -20.48 -18.69 -1.70
CA GLY B 404 -21.49 -19.74 -1.68
C GLY B 404 -21.23 -20.83 -2.68
N VAL B 405 -20.10 -20.77 -3.37
CA VAL B 405 -19.74 -21.77 -4.37
C VAL B 405 -19.31 -23.05 -3.67
N SER B 406 -19.67 -24.19 -4.26
CA SER B 406 -19.36 -25.48 -3.65
C SER B 406 -17.85 -25.64 -3.51
N SER B 407 -17.42 -25.99 -2.30
CA SER B 407 -15.99 -26.20 -2.05
C SER B 407 -15.49 -27.48 -2.70
N SER B 408 -16.29 -28.55 -2.66
CA SER B 408 -15.88 -29.81 -3.25
C SER B 408 -15.66 -29.68 -4.74
N HIS B 409 -16.58 -29.01 -5.44
CA HIS B 409 -16.43 -28.81 -6.87
C HIS B 409 -15.20 -27.96 -7.17
N LEU B 410 -14.95 -26.93 -6.37
CA LEU B 410 -13.77 -26.10 -6.57
C LEU B 410 -12.49 -26.92 -6.43
N LEU B 411 -12.42 -27.75 -5.39
CA LEU B 411 -11.23 -28.58 -5.19
C LEU B 411 -11.06 -29.58 -6.34
N THR B 412 -12.17 -30.19 -6.78
CA THR B 412 -12.08 -31.16 -7.86
C THR B 412 -11.62 -30.50 -9.16
N ALA B 413 -12.15 -29.32 -9.46
CA ALA B 413 -11.72 -28.61 -10.66
C ALA B 413 -10.25 -28.20 -10.56
N SER B 414 -9.82 -27.75 -9.38
CA SER B 414 -8.42 -27.39 -9.20
C SER B 414 -7.51 -28.59 -9.43
N VAL B 415 -7.91 -29.76 -8.91
CA VAL B 415 -7.09 -30.95 -9.11
C VAL B 415 -7.10 -31.37 -10.57
N MET B 416 -8.26 -31.33 -11.22
CA MET B 416 -8.36 -31.80 -12.60
C MET B 416 -7.72 -30.87 -13.60
N SER B 417 -7.54 -29.59 -13.26
CA SER B 417 -7.07 -28.62 -14.24
C SER B 417 -5.65 -28.93 -14.72
N ALA B 418 -4.78 -29.40 -13.82
CA ALA B 418 -3.37 -29.57 -14.19
C ALA B 418 -3.18 -30.51 -15.37
N PRO B 419 -3.68 -31.75 -15.35
CA PRO B 419 -3.53 -32.60 -16.54
C PRO B 419 -4.20 -32.01 -17.77
N ALA B 420 -5.35 -31.35 -17.61
CA ALA B 420 -5.98 -30.70 -18.75
C ALA B 420 -5.09 -29.59 -19.28
N ALA B 421 -4.51 -28.79 -18.39
CA ALA B 421 -3.63 -27.72 -18.83
C ALA B 421 -2.44 -28.26 -19.60
N LEU B 422 -1.82 -29.33 -19.10
CA LEU B 422 -0.65 -29.89 -19.79
C LEU B 422 -1.03 -30.49 -21.13
N ALA B 423 -2.16 -31.21 -21.19
CA ALA B 423 -2.58 -31.83 -22.44
C ALA B 423 -2.89 -30.77 -23.49
N ILE B 424 -3.62 -29.73 -23.11
CA ILE B 424 -3.98 -28.68 -24.06
C ILE B 424 -2.74 -27.91 -24.48
N SER B 425 -1.80 -27.67 -23.55
CA SER B 425 -0.56 -27.00 -23.92
C SER B 425 0.24 -27.83 -24.92
N LYS B 426 0.33 -29.14 -24.68
CA LYS B 426 1.11 -29.99 -25.59
C LYS B 426 0.45 -30.10 -26.96
N LEU B 427 -0.88 -30.15 -27.00
CA LEU B 427 -1.56 -30.24 -28.29
C LEU B 427 -1.48 -28.92 -29.04
N PHE B 428 -1.71 -27.80 -28.34
CA PHE B 428 -1.73 -26.49 -28.99
C PHE B 428 -0.33 -26.07 -29.43
N TRP B 429 0.67 -26.29 -28.58
CA TRP B 429 2.05 -25.91 -28.87
C TRP B 429 2.96 -27.10 -28.54
N PRO B 430 3.13 -28.03 -29.48
CA PRO B 430 3.94 -29.22 -29.21
C PRO B 430 5.42 -28.88 -29.19
N GLU B 431 6.20 -29.82 -28.64
CA GLU B 431 7.63 -29.62 -28.47
C GLU B 431 8.37 -29.96 -29.76
N THR B 432 9.22 -29.04 -30.20
CA THR B 432 10.08 -29.25 -31.36
C THR B 432 11.55 -29.04 -31.04
N GLU B 433 11.92 -29.01 -29.76
CA GLU B 433 13.29 -28.78 -29.33
C GLU B 433 13.68 -29.86 -28.33
N THR B 434 14.94 -29.79 -27.87
CA THR B 434 15.46 -30.75 -26.91
C THR B 434 15.46 -30.13 -25.52
N PRO B 435 14.73 -30.66 -24.56
CA PRO B 435 14.75 -30.08 -23.21
C PRO B 435 16.12 -30.23 -22.56
N LYS B 436 16.53 -29.20 -21.82
CA LYS B 436 17.83 -29.16 -21.18
C LYS B 436 17.81 -29.55 -19.71
N ILE B 437 16.76 -29.16 -18.99
CA ILE B 437 16.69 -29.38 -17.55
C ILE B 437 16.27 -30.81 -17.27
N ASN B 438 16.73 -31.36 -16.15
CA ASN B 438 16.53 -32.74 -15.78
C ASN B 438 15.61 -32.82 -14.55
N LEU B 439 15.27 -34.06 -14.18
CA LEU B 439 14.32 -34.27 -13.09
C LEU B 439 14.87 -33.77 -11.76
N LYS B 440 16.15 -34.06 -11.47
CA LYS B 440 16.71 -33.66 -10.19
C LYS B 440 16.70 -32.14 -10.02
N ASN B 441 17.07 -31.41 -11.08
CA ASN B 441 17.07 -29.96 -11.00
C ASN B 441 15.66 -29.40 -10.88
N ALA B 442 14.70 -29.99 -11.61
CA ALA B 442 13.33 -29.49 -11.56
C ALA B 442 12.70 -29.74 -10.19
N MET B 443 13.00 -30.89 -9.57
CA MET B 443 12.32 -31.25 -8.33
C MET B 443 12.82 -30.46 -7.13
N LYS B 444 14.10 -30.06 -7.11
CA LYS B 444 14.60 -29.25 -6.01
C LYS B 444 13.98 -27.85 -6.10
N MET B 445 13.33 -27.43 -5.02
CA MET B 445 12.63 -26.15 -4.97
C MET B 445 13.26 -25.31 -3.87
N GLU B 446 14.06 -24.32 -4.26
CA GLU B 446 14.70 -23.44 -3.30
C GLU B 446 13.65 -22.78 -2.40
N SER B 447 13.72 -23.07 -1.11
CA SER B 447 12.78 -22.52 -0.15
C SER B 447 13.10 -21.06 0.13
N GLY B 448 12.14 -20.36 0.73
CA GLY B 448 12.32 -18.96 1.04
C GLY B 448 13.29 -18.76 2.20
N ASP B 449 13.64 -17.49 2.41
CA ASP B 449 14.61 -17.11 3.44
C ASP B 449 13.83 -16.72 4.70
N SER B 450 13.35 -17.74 5.40
CA SER B 450 12.62 -17.57 6.66
C SER B 450 13.35 -18.37 7.74
N ARG B 451 13.73 -17.68 8.83
CA ARG B 451 14.52 -18.34 9.86
C ARG B 451 13.67 -19.24 10.75
N ASN B 452 12.38 -18.93 10.93
CA ASN B 452 11.53 -19.73 11.80
C ASN B 452 10.09 -19.61 11.31
N LEU B 453 9.20 -20.37 11.95
CA LEU B 453 7.82 -20.44 11.49
C LEU B 453 7.11 -19.11 11.61
N LEU B 454 7.33 -18.40 12.71
CA LEU B 454 6.64 -17.12 12.92
C LEU B 454 7.09 -16.08 11.91
N GLU B 455 8.37 -16.09 11.53
CA GLU B 455 8.84 -15.19 10.48
C GLU B 455 8.17 -15.52 9.15
N ALA B 456 7.99 -16.82 8.86
CA ALA B 456 7.28 -17.20 7.65
C ALA B 456 5.84 -16.70 7.68
N ALA B 457 5.19 -16.81 8.84
CA ALA B 457 3.82 -16.30 8.96
C ALA B 457 3.78 -14.80 8.71
N THR B 458 4.73 -14.05 9.28
CA THR B 458 4.72 -12.60 9.08
C THR B 458 5.01 -12.23 7.64
N GLN B 459 5.90 -12.98 6.97
CA GLN B 459 6.18 -12.69 5.57
C GLN B 459 4.97 -12.98 4.69
N GLY B 460 4.25 -14.07 4.97
CA GLY B 460 3.03 -14.33 4.25
C GLY B 460 1.98 -13.26 4.50
N ALA B 461 1.87 -12.81 5.74
CA ALA B 461 0.92 -11.75 6.05
C ALA B 461 1.25 -10.46 5.30
N SER B 462 2.53 -10.08 5.28
CA SER B 462 2.91 -8.83 4.64
C SER B 462 2.63 -8.86 3.14
N SER B 463 2.84 -10.01 2.49
CA SER B 463 2.64 -10.11 1.06
C SER B 463 1.19 -9.87 0.67
N SER B 464 0.24 -10.23 1.53
CA SER B 464 -1.17 -10.19 1.16
C SER B 464 -1.69 -8.78 0.98
N ILE B 465 -0.96 -7.75 1.42
CA ILE B 465 -1.47 -6.39 1.36
C ILE B 465 -1.77 -6.00 -0.09
N SER B 466 -0.80 -6.21 -0.97
CA SER B 466 -1.00 -5.82 -2.37
C SER B 466 -2.07 -6.68 -3.04
N LEU B 467 -2.14 -7.96 -2.68
CA LEU B 467 -3.17 -8.82 -3.27
C LEU B 467 -4.56 -8.29 -2.96
N VAL B 468 -4.86 -8.01 -1.69
CA VAL B 468 -6.19 -7.55 -1.33
C VAL B 468 -6.45 -6.16 -1.88
N ALA B 469 -5.44 -5.28 -1.86
CA ALA B 469 -5.65 -3.95 -2.41
C ALA B 469 -5.98 -4.01 -3.89
N ASN B 470 -5.23 -4.80 -4.66
CA ASN B 470 -5.50 -4.92 -6.08
C ASN B 470 -6.86 -5.55 -6.32
N ILE B 471 -7.24 -6.55 -5.52
CA ILE B 471 -8.55 -7.17 -5.69
C ILE B 471 -9.65 -6.14 -5.51
N ALA B 472 -9.57 -5.36 -4.43
CA ALA B 472 -10.62 -4.39 -4.14
C ALA B 472 -10.69 -3.32 -5.24
N VAL B 473 -9.54 -2.80 -5.66
CA VAL B 473 -9.54 -1.73 -6.65
C VAL B 473 -10.03 -2.25 -7.99
N ASN B 474 -9.59 -3.44 -8.39
CA ASN B 474 -10.05 -4.01 -9.65
C ASN B 474 -11.55 -4.26 -9.63
N LEU B 475 -12.09 -4.76 -8.51
CA LEU B 475 -13.53 -4.97 -8.44
C LEU B 475 -14.28 -3.65 -8.55
N ILE B 476 -13.81 -2.61 -7.85
CA ILE B 476 -14.48 -1.31 -7.95
C ILE B 476 -14.48 -0.82 -9.39
N ALA B 477 -13.32 -0.87 -10.04
CA ALA B 477 -13.22 -0.33 -11.40
C ALA B 477 -14.07 -1.13 -12.37
N PHE B 478 -14.02 -2.46 -12.28
CA PHE B 478 -14.78 -3.30 -13.21
C PHE B 478 -16.27 -3.12 -13.02
N LEU B 479 -16.74 -3.03 -11.76
CA LEU B 479 -18.17 -2.85 -11.56
C LEU B 479 -18.63 -1.47 -12.02
N ALA B 480 -17.80 -0.44 -11.85
CA ALA B 480 -18.16 0.87 -12.36
C ALA B 480 -18.21 0.88 -13.88
N LEU B 481 -17.26 0.21 -14.52
CA LEU B 481 -17.27 0.12 -15.98
C LEU B 481 -18.48 -0.67 -16.46
N LEU B 482 -18.85 -1.73 -15.74
CA LEU B 482 -20.03 -2.50 -16.12
C LEU B 482 -21.28 -1.64 -16.03
N SER B 483 -21.43 -0.88 -14.95
CA SER B 483 -22.61 -0.02 -14.83
C SER B 483 -22.64 1.04 -15.94
N PHE B 484 -21.49 1.65 -16.23
CA PHE B 484 -21.46 2.66 -17.28
C PHE B 484 -21.78 2.05 -18.63
N MET B 485 -21.23 0.87 -18.92
CA MET B 485 -21.51 0.22 -20.20
C MET B 485 -22.97 -0.16 -20.33
N ASN B 486 -23.58 -0.66 -19.24
CA ASN B 486 -24.99 -1.00 -19.28
C ASN B 486 -25.83 0.24 -19.53
N SER B 487 -25.50 1.36 -18.89
CA SER B 487 -26.25 2.58 -19.12
C SER B 487 -26.07 3.09 -20.54
N ALA B 488 -24.86 3.01 -21.08
CA ALA B 488 -24.62 3.46 -22.45
C ALA B 488 -25.37 2.59 -23.46
N LEU B 489 -25.40 1.27 -23.22
CA LEU B 489 -26.11 0.38 -24.14
C LEU B 489 -27.61 0.55 -24.04
N SER B 490 -28.12 0.85 -22.83
CA SER B 490 -29.53 1.19 -22.71
C SER B 490 -29.85 2.48 -23.46
N TRP B 491 -28.96 3.47 -23.38
CA TRP B 491 -29.17 4.71 -24.12
C TRP B 491 -29.17 4.46 -25.63
N LEU B 492 -28.25 3.63 -26.11
CA LEU B 492 -28.23 3.30 -27.53
C LEU B 492 -29.40 2.43 -27.93
N GLY B 493 -29.76 1.47 -27.08
CA GLY B 493 -30.84 0.56 -27.42
C GLY B 493 -32.19 1.24 -27.57
N ASN B 494 -32.43 2.29 -26.79
CA ASN B 494 -33.73 2.95 -26.82
C ASN B 494 -34.02 3.59 -28.17
N MET B 495 -33.00 3.85 -28.99
CA MET B 495 -33.23 4.42 -30.31
C MET B 495 -33.85 3.44 -31.28
N PHE B 496 -33.88 2.15 -30.94
CA PHE B 496 -34.56 1.13 -31.74
C PHE B 496 -35.73 0.52 -30.98
N ASP B 497 -36.25 1.22 -29.98
CA ASP B 497 -37.35 0.73 -29.16
C ASP B 497 -36.97 -0.57 -28.44
N TYR B 498 -35.70 -0.71 -28.11
CA TYR B 498 -35.18 -1.87 -27.37
C TYR B 498 -34.28 -1.36 -26.25
N PRO B 499 -34.86 -0.72 -25.24
CA PRO B 499 -34.04 -0.22 -24.12
C PRO B 499 -33.48 -1.31 -23.22
N GLN B 500 -33.77 -2.58 -23.49
CA GLN B 500 -33.26 -3.69 -22.68
C GLN B 500 -31.87 -4.13 -23.09
N LEU B 501 -31.31 -3.56 -24.15
CA LEU B 501 -29.98 -3.94 -24.59
C LEU B 501 -28.98 -3.74 -23.45
N SER B 502 -28.14 -4.76 -23.21
CA SER B 502 -27.19 -4.71 -22.13
C SER B 502 -26.03 -5.65 -22.44
N PHE B 503 -24.98 -5.56 -21.62
CA PHE B 503 -23.83 -6.45 -21.76
C PHE B 503 -24.25 -7.90 -21.54
N GLU B 504 -25.10 -8.14 -20.56
CA GLU B 504 -25.55 -9.51 -20.28
C GLU B 504 -26.32 -10.08 -21.46
N VAL B 505 -27.17 -9.27 -22.09
CA VAL B 505 -27.97 -9.76 -23.21
C VAL B 505 -27.07 -10.18 -24.36
N ILE B 506 -26.05 -9.37 -24.66
CA ILE B 506 -25.13 -9.71 -25.75
C ILE B 506 -24.33 -10.96 -25.40
N CYS B 507 -23.87 -11.07 -24.15
CA CYS B 507 -23.12 -12.26 -23.77
C CYS B 507 -23.98 -13.51 -23.84
N SER B 508 -25.26 -13.39 -23.50
CA SER B 508 -26.14 -14.56 -23.50
C SER B 508 -26.18 -15.23 -24.87
N TYR B 509 -25.96 -14.46 -25.93
CA TYR B 509 -25.95 -15.00 -27.29
C TYR B 509 -24.54 -15.27 -27.82
N VAL B 510 -23.57 -14.43 -27.47
CA VAL B 510 -22.23 -14.61 -28.01
C VAL B 510 -21.60 -15.91 -27.51
N PHE B 511 -21.71 -16.19 -26.22
CA PHE B 511 -21.05 -17.34 -25.61
C PHE B 511 -21.96 -18.53 -25.40
N MET B 512 -23.22 -18.46 -25.87
CA MET B 512 -24.11 -19.60 -25.71
C MET B 512 -23.59 -20.86 -26.36
N PRO B 513 -23.03 -20.84 -27.58
CA PRO B 513 -22.53 -22.09 -28.16
C PRO B 513 -21.48 -22.78 -27.31
N PHE B 514 -20.60 -22.02 -26.65
CA PHE B 514 -19.61 -22.64 -25.79
C PHE B 514 -20.26 -23.36 -24.61
N ALA B 515 -21.29 -22.75 -24.02
CA ALA B 515 -21.98 -23.40 -22.90
C ALA B 515 -22.75 -24.63 -23.37
N PHE B 516 -23.35 -24.57 -24.55
CA PHE B 516 -24.13 -25.71 -25.03
C PHE B 516 -23.25 -26.94 -25.25
N MET B 517 -22.05 -26.73 -25.81
CA MET B 517 -21.16 -27.86 -26.05
C MET B 517 -20.69 -28.48 -24.75
N MET B 518 -20.70 -27.72 -23.65
CA MET B 518 -20.31 -28.27 -22.35
C MET B 518 -21.41 -29.13 -21.74
N GLY B 519 -22.58 -29.22 -22.37
CA GLY B 519 -23.65 -30.08 -21.89
C GLY B 519 -24.74 -29.37 -21.11
N VAL B 520 -24.72 -28.05 -21.04
CA VAL B 520 -25.79 -27.31 -20.39
C VAL B 520 -27.02 -27.32 -21.30
N ASP B 521 -28.19 -27.52 -20.70
CA ASP B 521 -29.41 -27.57 -21.48
C ASP B 521 -29.65 -26.23 -22.17
N TRP B 522 -30.58 -26.22 -23.12
CA TRP B 522 -30.80 -25.05 -23.96
C TRP B 522 -31.12 -23.82 -23.11
N GLN B 523 -32.04 -23.95 -22.16
CA GLN B 523 -32.48 -22.80 -21.38
C GLN B 523 -31.33 -22.22 -20.57
N ASP B 524 -30.58 -23.08 -19.88
CA ASP B 524 -29.53 -22.61 -18.99
C ASP B 524 -28.25 -22.24 -19.72
N SER B 525 -28.11 -22.59 -21.00
CA SER B 525 -26.91 -22.21 -21.74
C SER B 525 -26.80 -20.70 -21.86
N PHE B 526 -27.93 -20.01 -22.06
CA PHE B 526 -27.89 -18.56 -22.16
C PHE B 526 -27.50 -17.93 -20.84
N MET B 527 -27.87 -18.54 -19.72
CA MET B 527 -27.49 -17.99 -18.41
C MET B 527 -26.01 -18.27 -18.13
N VAL B 528 -25.52 -19.45 -18.51
CA VAL B 528 -24.11 -19.75 -18.33
C VAL B 528 -23.25 -18.86 -19.22
N ALA B 529 -23.76 -18.49 -20.39
CA ALA B 529 -23.04 -17.60 -21.27
C ALA B 529 -22.74 -16.27 -20.59
N LYS B 530 -23.67 -15.76 -19.78
CA LYS B 530 -23.42 -14.51 -19.08
C LYS B 530 -22.25 -14.65 -18.12
N LEU B 531 -22.18 -15.76 -17.38
CA LEU B 531 -21.05 -15.98 -16.48
C LEU B 531 -19.75 -16.13 -17.26
N ILE B 532 -19.80 -16.81 -18.40
CA ILE B 532 -18.62 -16.96 -19.23
C ILE B 532 -18.11 -15.59 -19.67
N GLY B 533 -19.01 -14.72 -20.11
CA GLY B 533 -18.62 -13.39 -20.50
C GLY B 533 -18.05 -12.59 -19.33
N TYR B 534 -18.69 -12.69 -18.16
CA TYR B 534 -18.18 -12.01 -16.98
C TYR B 534 -16.75 -12.43 -16.69
N LYS B 535 -16.48 -13.73 -16.72
CA LYS B 535 -15.12 -14.21 -16.46
C LYS B 535 -14.15 -13.74 -17.53
N THR B 536 -14.56 -13.83 -18.80
CA THR B 536 -13.65 -13.49 -19.88
C THR B 536 -13.27 -12.01 -19.85
N PHE B 537 -14.21 -11.13 -19.55
CA PHE B 537 -13.99 -9.70 -19.75
C PHE B 537 -13.49 -8.98 -18.51
N PHE B 538 -13.92 -9.35 -17.30
CA PHE B 538 -13.47 -8.64 -16.10
C PHE B 538 -12.61 -9.54 -15.21
N ASN B 539 -13.17 -10.63 -14.66
CA ASN B 539 -12.40 -11.57 -13.86
C ASN B 539 -13.31 -12.69 -13.37
N GLU B 540 -12.75 -13.66 -12.64
CA GLU B 540 -13.54 -14.74 -12.09
C GLU B 540 -14.25 -14.38 -10.79
N PHE B 541 -13.86 -13.28 -10.14
CA PHE B 541 -14.54 -12.87 -8.92
C PHE B 541 -15.98 -12.45 -9.19
N VAL B 542 -16.21 -11.66 -10.24
CA VAL B 542 -17.55 -11.20 -10.55
C VAL B 542 -18.40 -12.36 -11.04
N ALA B 543 -17.84 -13.25 -11.85
CA ALA B 543 -18.59 -14.40 -12.32
C ALA B 543 -19.00 -15.29 -11.16
N TYR B 544 -18.11 -15.49 -10.19
CA TYR B 544 -18.47 -16.28 -9.02
C TYR B 544 -19.48 -15.55 -8.14
N GLN B 545 -19.40 -14.22 -8.06
CA GLN B 545 -20.43 -13.48 -7.34
C GLN B 545 -21.80 -13.68 -7.96
N GLN B 546 -21.88 -13.60 -9.29
CA GLN B 546 -23.15 -13.83 -9.97
C GLN B 546 -23.61 -15.27 -9.79
N LEU B 547 -22.67 -16.22 -9.84
CA LEU B 547 -23.03 -17.61 -9.63
C LEU B 547 -23.58 -17.82 -8.22
N SER B 548 -22.99 -17.16 -7.23
CA SER B 548 -23.51 -17.25 -5.87
C SER B 548 -24.89 -16.62 -5.76
N LYS B 549 -25.12 -15.51 -6.48
CA LYS B 549 -26.47 -14.94 -6.52
C LYS B 549 -27.46 -15.97 -7.05
N LEU B 550 -27.11 -16.62 -8.15
CA LEU B 550 -28.01 -17.61 -8.75
C LEU B 550 -28.21 -18.81 -7.82
N ILE B 551 -27.15 -19.26 -7.17
CA ILE B 551 -27.24 -20.40 -6.26
C ILE B 551 -28.16 -20.06 -5.10
N SER B 552 -28.00 -18.87 -4.53
CA SER B 552 -28.89 -18.45 -3.44
C SER B 552 -30.33 -18.34 -3.92
N LEU B 553 -30.54 -17.77 -5.12
CA LEU B 553 -31.89 -17.66 -5.65
C LEU B 553 -32.53 -19.04 -5.80
N ARG B 554 -31.78 -20.02 -6.32
CA ARG B 554 -32.30 -21.37 -6.41
C ARG B 554 -32.58 -21.95 -5.02
N GLN B 555 -31.66 -21.75 -4.08
CA GLN B 555 -31.81 -22.33 -2.76
C GLN B 555 -32.98 -21.72 -1.98
N VAL B 556 -33.39 -20.50 -2.33
CA VAL B 556 -34.53 -19.90 -1.65
C VAL B 556 -35.81 -20.66 -1.96
N GLY B 557 -35.97 -21.09 -3.21
CA GLY B 557 -37.13 -21.84 -3.63
C GLY B 557 -38.23 -21.02 -4.28
N GLY B 558 -37.97 -19.75 -4.60
CA GLY B 558 -38.96 -18.92 -5.21
C GLY B 558 -39.27 -19.35 -6.63
N PRO B 559 -40.17 -18.61 -7.27
CA PRO B 559 -40.57 -18.97 -8.64
C PRO B 559 -39.37 -18.96 -9.58
N LYS B 560 -39.37 -19.92 -10.52
CA LYS B 560 -38.28 -20.04 -11.46
C LYS B 560 -38.39 -19.06 -12.62
N PHE B 561 -39.61 -18.61 -12.94
CA PHE B 561 -39.83 -17.61 -13.96
C PHE B 561 -40.72 -16.51 -13.40
N VAL B 562 -40.29 -15.27 -13.56
CA VAL B 562 -41.07 -14.10 -13.15
C VAL B 562 -41.16 -13.18 -14.36
N ASP B 563 -42.38 -12.95 -14.86
CA ASP B 563 -42.61 -12.11 -16.02
C ASP B 563 -41.84 -12.63 -17.24
N GLY B 564 -41.66 -13.95 -17.32
CA GLY B 564 -40.98 -14.56 -18.44
C GLY B 564 -39.47 -14.60 -18.34
N VAL B 565 -38.89 -14.10 -17.25
CA VAL B 565 -37.44 -14.10 -17.06
C VAL B 565 -37.07 -15.22 -16.10
N GLN B 566 -36.14 -16.07 -16.51
CA GLN B 566 -35.68 -17.16 -15.66
C GLN B 566 -34.83 -16.60 -14.53
N GLN B 567 -35.09 -17.06 -13.31
CA GLN B 567 -34.40 -16.55 -12.13
C GLN B 567 -33.19 -17.38 -11.75
N TYR B 568 -33.28 -18.70 -11.87
CA TYR B 568 -32.17 -19.57 -11.49
C TYR B 568 -32.17 -20.80 -12.40
N MET B 569 -31.04 -21.50 -12.39
CA MET B 569 -30.83 -22.66 -13.25
C MET B 569 -30.64 -23.91 -12.39
N SER B 570 -30.58 -25.06 -13.07
CA SER B 570 -30.48 -26.34 -12.38
C SER B 570 -29.15 -26.44 -11.63
N MET B 571 -29.05 -27.46 -10.77
CA MET B 571 -27.84 -27.66 -9.98
C MET B 571 -26.71 -28.24 -10.83
N ARG B 572 -27.03 -29.09 -11.81
CA ARG B 572 -26.00 -29.57 -12.72
C ARG B 572 -25.39 -28.42 -13.52
N SER B 573 -26.24 -27.50 -13.98
CA SER B 573 -25.72 -26.33 -14.68
C SER B 573 -24.83 -25.49 -13.78
N GLU B 574 -25.21 -25.36 -12.50
CA GLU B 574 -24.37 -24.64 -11.56
C GLU B 574 -23.02 -25.33 -11.38
N ALA B 575 -23.02 -26.67 -11.30
CA ALA B 575 -21.76 -27.39 -11.18
C ALA B 575 -20.89 -27.20 -12.41
N ILE B 576 -21.50 -27.25 -13.60
CA ILE B 576 -20.74 -27.06 -14.82
C ILE B 576 -20.16 -25.65 -14.88
N SER B 577 -20.93 -24.66 -14.46
CA SER B 577 -20.41 -23.29 -14.42
C SER B 577 -19.27 -23.18 -13.42
N THR B 578 -19.38 -23.85 -12.27
CA THR B 578 -18.30 -23.81 -11.29
C THR B 578 -17.01 -24.40 -11.87
N TYR B 579 -17.13 -25.51 -12.59
CA TYR B 579 -15.95 -26.09 -13.24
C TYR B 579 -15.41 -25.16 -14.31
N ALA B 580 -16.29 -24.55 -15.11
CA ALA B 580 -15.85 -23.70 -16.20
C ALA B 580 -15.15 -22.44 -15.72
N LEU B 581 -15.58 -21.90 -14.57
CA LEU B 581 -15.10 -20.59 -14.11
C LEU B 581 -13.86 -20.67 -13.25
N CYS B 582 -13.28 -21.85 -13.06
CA CYS B 582 -12.13 -22.03 -12.17
C CYS B 582 -10.86 -21.72 -12.95
N GLY B 583 -10.43 -20.46 -12.91
CA GLY B 583 -9.22 -20.06 -13.57
C GLY B 583 -8.95 -18.57 -13.49
N PHE B 584 -7.68 -18.18 -13.65
CA PHE B 584 -7.27 -16.77 -13.69
C PHE B 584 -7.15 -16.25 -15.11
N ALA B 585 -7.79 -16.91 -16.08
CA ALA B 585 -7.64 -16.54 -17.48
C ALA B 585 -8.57 -15.37 -17.80
N ASN B 586 -7.98 -14.20 -18.05
CA ASN B 586 -8.74 -13.04 -18.51
C ASN B 586 -7.77 -12.11 -19.24
N PHE B 587 -8.32 -11.28 -20.12
CA PHE B 587 -7.48 -10.43 -20.95
C PHE B 587 -6.68 -9.45 -20.11
N GLY B 588 -7.15 -9.11 -18.91
CA GLY B 588 -6.48 -8.12 -18.09
C GLY B 588 -5.24 -8.59 -17.37
N SER B 589 -5.04 -9.90 -17.23
CA SER B 589 -3.89 -10.45 -16.53
C SER B 589 -2.74 -10.78 -17.47
N LEU B 590 -2.92 -10.62 -18.78
CA LEU B 590 -1.83 -10.88 -19.71
C LEU B 590 -0.64 -9.97 -19.42
N GLY B 591 -0.92 -8.69 -19.15
CA GLY B 591 0.16 -7.76 -18.90
C GLY B 591 0.95 -8.10 -17.65
N ILE B 592 0.26 -8.39 -16.55
CA ILE B 592 0.96 -8.69 -15.30
C ILE B 592 1.71 -10.02 -15.43
N VAL B 593 1.11 -11.00 -16.10
CA VAL B 593 1.80 -12.28 -16.28
C VAL B 593 3.08 -12.07 -17.08
N ILE B 594 3.00 -11.34 -18.18
CA ILE B 594 4.18 -11.09 -19.00
C ILE B 594 5.23 -10.33 -18.21
N GLY B 595 4.79 -9.30 -17.47
CA GLY B 595 5.74 -8.54 -16.67
C GLY B 595 6.47 -9.39 -15.64
N GLY B 596 5.72 -10.22 -14.91
CA GLY B 596 6.35 -11.04 -13.90
C GLY B 596 7.28 -12.08 -14.49
N LEU B 597 6.89 -12.71 -15.59
CA LEU B 597 7.73 -13.74 -16.18
C LEU B 597 8.98 -13.13 -16.80
N THR B 598 8.86 -11.96 -17.45
CA THR B 598 10.05 -11.28 -17.94
C THR B 598 10.95 -10.84 -16.80
N SER B 599 10.36 -10.39 -15.69
CA SER B 599 11.16 -10.01 -14.53
C SER B 599 11.96 -11.20 -14.01
N MET B 600 11.34 -12.37 -13.96
CA MET B 600 12.07 -13.56 -13.52
C MET B 600 13.11 -13.98 -14.56
N ALA B 601 12.83 -13.80 -15.84
CA ALA B 601 13.73 -14.19 -16.92
C ALA B 601 13.82 -13.05 -17.94
N PRO B 602 14.65 -12.03 -17.68
CA PRO B 602 14.73 -10.91 -18.63
C PRO B 602 15.17 -11.31 -20.02
N SER B 603 16.05 -12.31 -20.15
CA SER B 603 16.59 -12.65 -21.46
C SER B 603 15.51 -13.20 -22.39
N ARG B 604 14.44 -13.78 -21.82
CA ARG B 604 13.41 -14.45 -22.60
C ARG B 604 12.20 -13.56 -22.86
N LYS B 605 12.37 -12.24 -22.85
CA LYS B 605 11.23 -11.35 -23.04
C LYS B 605 10.57 -11.58 -24.39
N ARG B 606 11.36 -11.79 -25.44
CA ARG B 606 10.78 -11.98 -26.77
C ARG B 606 9.91 -13.23 -26.82
N ASP B 607 10.37 -14.33 -26.22
CA ASP B 607 9.61 -15.57 -26.28
C ASP B 607 8.36 -15.49 -25.41
N ILE B 608 8.45 -14.84 -24.25
CA ILE B 608 7.31 -14.80 -23.34
C ILE B 608 6.11 -14.13 -23.99
N THR B 609 6.35 -13.01 -24.66
CA THR B 609 5.25 -12.27 -25.27
C THR B 609 4.57 -13.08 -26.37
N ALA B 610 5.34 -13.86 -27.12
CA ALA B 610 4.80 -14.52 -28.30
C ALA B 610 3.67 -15.49 -27.95
N GLY B 611 3.87 -16.31 -26.92
CA GLY B 611 2.93 -17.36 -26.60
C GLY B 611 1.91 -17.05 -25.52
N ALA B 612 1.83 -15.81 -25.06
CA ALA B 612 0.95 -15.50 -23.93
C ALA B 612 -0.51 -15.63 -24.31
N MET B 613 -0.90 -15.11 -25.47
CA MET B 613 -2.30 -15.22 -25.89
C MET B 613 -2.69 -16.67 -26.12
N ARG B 614 -1.81 -17.45 -26.75
CA ARG B 614 -2.10 -18.86 -26.96
C ARG B 614 -2.21 -19.60 -25.63
N ALA B 615 -1.37 -19.24 -24.65
CA ALA B 615 -1.47 -19.86 -23.34
C ALA B 615 -2.79 -19.50 -22.66
N LEU B 616 -3.25 -18.26 -22.82
CA LEU B 616 -4.53 -17.87 -22.23
C LEU B 616 -5.68 -18.65 -22.87
N ILE B 617 -5.65 -18.79 -24.20
CA ILE B 617 -6.69 -19.54 -24.89
C ILE B 617 -6.63 -21.01 -24.48
N ALA B 618 -5.43 -21.55 -24.33
CA ALA B 618 -5.27 -22.93 -23.89
C ALA B 618 -5.81 -23.13 -22.48
N GLY B 619 -5.57 -22.16 -21.59
CA GLY B 619 -6.14 -22.26 -20.26
C GLY B 619 -7.65 -22.25 -20.28
N THR B 620 -8.24 -21.37 -21.08
CA THR B 620 -9.69 -21.35 -21.18
C THR B 620 -10.22 -22.68 -21.74
N ILE B 621 -9.53 -23.24 -22.74
CA ILE B 621 -9.97 -24.50 -23.32
C ILE B 621 -9.83 -25.64 -22.31
N ALA B 622 -8.77 -25.62 -21.51
CA ALA B 622 -8.62 -26.63 -20.47
C ALA B 622 -9.75 -26.54 -19.44
N CYS B 623 -10.11 -25.31 -19.05
CA CYS B 623 -11.23 -25.16 -18.14
C CYS B 623 -12.52 -25.69 -18.75
N PHE B 624 -12.74 -25.41 -20.05
CA PHE B 624 -13.93 -25.91 -20.71
C PHE B 624 -13.91 -27.44 -20.80
N LEU B 625 -12.74 -28.04 -20.98
CA LEU B 625 -12.66 -29.50 -21.02
C LEU B 625 -12.99 -30.11 -19.67
N THR B 626 -12.48 -29.50 -18.59
CA THR B 626 -12.85 -29.98 -17.26
C THR B 626 -14.35 -29.87 -17.05
N ALA B 627 -14.95 -28.76 -17.47
CA ALA B 627 -16.40 -28.61 -17.37
C ALA B 627 -17.11 -29.66 -18.20
N CYS B 628 -16.58 -29.99 -19.38
CA CYS B 628 -17.18 -31.02 -20.21
C CYS B 628 -17.18 -32.37 -19.51
N ILE B 629 -16.07 -32.74 -18.89
CA ILE B 629 -16.01 -34.02 -18.20
C ILE B 629 -16.98 -34.02 -17.02
N ALA B 630 -16.98 -32.94 -16.23
CA ALA B 630 -17.92 -32.85 -15.10
C ALA B 630 -19.35 -32.99 -15.58
N GLY B 631 -19.69 -32.33 -16.70
CA GLY B 631 -21.04 -32.44 -17.22
C GLY B 631 -21.38 -33.84 -17.69
N MET B 632 -20.44 -34.51 -18.36
CA MET B 632 -20.72 -35.84 -18.86
C MET B 632 -20.79 -36.88 -17.75
N LEU B 633 -20.27 -36.57 -16.57
CA LEU B 633 -20.35 -37.50 -15.44
C LEU B 633 -21.49 -37.22 -14.48
N THR B 634 -22.00 -36.00 -14.44
CA THR B 634 -23.12 -35.67 -13.55
C THR B 634 -24.44 -36.10 -14.19
N ASN B 635 -25.44 -36.31 -13.33
CA ASN B 635 -26.77 -36.73 -13.75
C ASN B 635 -27.77 -35.60 -13.55
N THR B 636 -28.85 -35.65 -14.33
CA THR B 636 -29.89 -34.64 -14.24
C THR B 636 -30.84 -34.97 -13.09
N PRO B 637 -31.02 -34.06 -12.11
CA PRO B 637 -31.95 -34.33 -11.02
C PRO B 637 -33.41 -34.06 -11.40
N GLU C 105 -0.28 -30.70 -43.76
CA GLU C 105 -0.88 -29.41 -43.43
C GLU C 105 -0.79 -28.46 -44.62
N ARG C 106 -1.09 -28.97 -45.81
CA ARG C 106 -1.06 -28.12 -46.99
C ARG C 106 -2.10 -27.01 -46.90
N MET C 107 -3.27 -27.32 -46.36
CA MET C 107 -4.31 -26.30 -46.21
C MET C 107 -3.83 -25.17 -45.30
N CYS C 108 -3.15 -25.50 -44.20
CA CYS C 108 -2.63 -24.47 -43.32
C CYS C 108 -1.60 -23.60 -44.04
N GLY C 109 -0.72 -24.22 -44.82
CA GLY C 109 0.25 -23.45 -45.57
C GLY C 109 -0.40 -22.51 -46.57
N ARG C 110 -1.42 -23.01 -47.29
CA ARG C 110 -2.12 -22.16 -48.25
C ARG C 110 -2.80 -20.99 -47.55
N MET C 111 -3.44 -21.25 -46.41
CA MET C 111 -4.09 -20.17 -45.67
C MET C 111 -3.07 -19.13 -45.21
N SER C 112 -1.93 -19.59 -44.71
CA SER C 112 -0.89 -18.64 -44.28
C SER C 112 -0.38 -17.81 -45.46
N ASP C 113 -0.17 -18.45 -46.61
CA ASP C 113 0.28 -17.72 -47.78
C ASP C 113 -0.74 -16.68 -48.19
N PHE C 114 -2.03 -17.05 -48.19
CA PHE C 114 -3.07 -16.09 -48.53
C PHE C 114 -3.06 -14.90 -47.57
N CYS C 115 -2.96 -15.18 -46.27
CA CYS C 115 -2.95 -14.10 -45.29
C CYS C 115 -1.77 -13.18 -45.51
N ARG C 116 -0.58 -13.75 -45.73
CA ARG C 116 0.60 -12.91 -45.94
C ARG C 116 0.49 -12.08 -47.22
N GLU C 117 -0.07 -12.66 -48.28
CA GLU C 117 -0.05 -12.01 -49.58
C GLU C 117 -0.85 -10.71 -49.57
N HIS C 118 -2.02 -10.71 -48.91
CA HIS C 118 -2.95 -9.58 -48.96
C HIS C 118 -3.36 -9.19 -47.54
N LYS C 119 -2.38 -9.05 -46.65
CA LYS C 119 -2.68 -8.69 -45.28
C LYS C 119 -3.31 -7.30 -45.20
N THR C 120 -2.81 -6.36 -46.00
CA THR C 120 -3.31 -4.98 -45.92
C THR C 120 -4.78 -4.89 -46.31
N THR C 121 -5.18 -5.61 -47.36
CA THR C 121 -6.55 -5.48 -47.86
C THR C 121 -7.54 -6.18 -46.94
N LEU C 122 -7.13 -7.25 -46.26
CA LEU C 122 -8.06 -8.00 -45.43
C LEU C 122 -8.48 -7.18 -44.21
N ARG C 123 -7.52 -6.59 -43.50
CA ARG C 123 -7.85 -5.82 -42.32
C ARG C 123 -8.58 -4.53 -42.70
N TYR C 124 -8.18 -3.92 -43.83
CA TYR C 124 -8.89 -2.74 -44.29
C TYR C 124 -10.34 -3.07 -44.62
N ILE C 125 -10.59 -4.22 -45.25
CA ILE C 125 -11.96 -4.62 -45.55
C ILE C 125 -12.74 -4.87 -44.26
N ILE C 126 -12.11 -5.51 -43.28
CA ILE C 126 -12.80 -5.77 -42.02
C ILE C 126 -13.19 -4.44 -41.34
N TRP C 127 -12.25 -3.49 -41.30
CA TRP C 127 -12.56 -2.19 -40.71
C TRP C 127 -13.65 -1.47 -41.48
N GLY C 128 -13.61 -1.55 -42.81
CA GLY C 128 -14.66 -0.94 -43.60
C GLY C 128 -16.01 -1.55 -43.33
N ILE C 129 -16.06 -2.87 -43.14
CA ILE C 129 -17.31 -3.54 -42.81
C ILE C 129 -17.83 -3.06 -41.46
N LEU C 130 -16.94 -2.94 -40.47
CA LEU C 130 -17.36 -2.45 -39.16
C LEU C 130 -17.91 -1.03 -39.26
N ILE C 131 -17.22 -0.16 -40.02
CA ILE C 131 -17.68 1.21 -40.18
C ILE C 131 -19.03 1.24 -40.88
N ALA C 132 -19.21 0.40 -41.90
CA ALA C 132 -20.49 0.33 -42.59
C ALA C 132 -21.60 -0.12 -41.64
N GLY C 133 -21.30 -1.09 -40.78
CA GLY C 133 -22.29 -1.52 -39.80
C GLY C 133 -22.67 -0.41 -38.85
N TYR C 134 -21.68 0.34 -38.35
CA TYR C 134 -21.97 1.46 -37.47
C TYR C 134 -22.82 2.51 -38.17
N LEU C 135 -22.48 2.84 -39.42
CA LEU C 135 -23.25 3.83 -40.18
C LEU C 135 -24.67 3.33 -40.42
N ALA C 136 -24.82 2.03 -40.69
CA ALA C 136 -26.15 1.47 -40.86
C ALA C 136 -26.97 1.59 -39.58
N LEU C 137 -26.35 1.32 -38.44
CA LEU C 137 -27.06 1.47 -37.17
C LEU C 137 -27.49 2.92 -36.96
N VAL C 138 -26.60 3.87 -37.26
CA VAL C 138 -26.91 5.27 -37.05
C VAL C 138 -28.06 5.71 -37.95
N ILE C 139 -27.98 5.35 -39.24
CA ILE C 139 -29.02 5.77 -40.18
C ILE C 139 -30.35 5.12 -39.82
N ALA C 140 -30.33 3.85 -39.40
CA ALA C 140 -31.57 3.20 -38.98
C ALA C 140 -32.18 3.91 -37.78
N ALA C 141 -31.34 4.25 -36.79
CA ALA C 141 -31.86 4.96 -35.61
C ALA C 141 -32.44 6.31 -36.01
N CYS C 142 -31.78 7.02 -36.93
CA CYS C 142 -32.31 8.30 -37.39
C CYS C 142 -33.63 8.13 -38.13
N VAL C 143 -33.75 7.07 -38.94
CA VAL C 143 -34.98 6.85 -39.70
C VAL C 143 -36.14 6.54 -38.77
N MET C 144 -35.91 5.66 -37.79
CA MET C 144 -37.00 5.29 -36.89
C MET C 144 -37.50 6.51 -36.12
N ASN C 145 -36.58 7.34 -35.63
CA ASN C 145 -36.95 8.58 -34.96
C ASN C 145 -35.73 9.50 -34.98
N PHE C 146 -35.93 10.74 -35.42
CA PHE C 146 -34.82 11.66 -35.59
C PHE C 146 -34.54 12.45 -34.32
N HIS C 147 -35.57 13.01 -33.70
CA HIS C 147 -35.36 13.77 -32.47
C HIS C 147 -34.75 12.91 -31.37
N ARG C 148 -35.10 11.63 -31.33
CA ARG C 148 -34.58 10.76 -30.29
C ARG C 148 -33.12 10.37 -30.56
N ALA C 149 -32.73 10.30 -31.83
CA ALA C 149 -31.38 9.89 -32.21
C ALA C 149 -30.47 11.06 -32.56
N LEU C 150 -30.88 12.29 -32.23
CA LEU C 150 -30.09 13.45 -32.62
C LEU C 150 -28.67 13.44 -32.07
N PRO C 151 -28.44 13.23 -30.77
CA PRO C 151 -27.06 13.31 -30.27
C PRO C 151 -26.12 12.30 -30.93
N LEU C 152 -26.60 11.10 -31.23
CA LEU C 152 -25.75 10.13 -31.92
C LEU C 152 -25.36 10.64 -33.30
N PHE C 153 -26.32 11.24 -34.02
CA PHE C 153 -26.02 11.80 -35.32
C PHE C 153 -24.99 12.93 -35.19
N VAL C 154 -25.13 13.78 -34.19
CA VAL C 154 -24.18 14.88 -34.00
C VAL C 154 -22.79 14.34 -33.74
N ILE C 155 -22.69 13.33 -32.86
CA ILE C 155 -21.39 12.76 -32.54
C ILE C 155 -20.76 12.14 -33.79
N THR C 156 -21.54 11.40 -34.57
CA THR C 156 -21.01 10.81 -35.79
C THR C 156 -20.54 11.88 -36.77
N VAL C 157 -21.33 12.95 -36.92
CA VAL C 157 -20.97 14.01 -37.85
C VAL C 157 -19.66 14.67 -37.43
N VAL C 158 -19.52 14.98 -36.14
CA VAL C 158 -18.31 15.66 -35.69
C VAL C 158 -17.11 14.73 -35.83
N ALA C 159 -17.28 13.44 -35.53
CA ALA C 159 -16.18 12.50 -35.67
C ALA C 159 -15.73 12.41 -37.13
N ILE C 160 -16.68 12.31 -38.06
CA ILE C 160 -16.34 12.24 -39.47
C ILE C 160 -15.62 13.51 -39.90
N PHE C 161 -16.13 14.66 -39.47
CA PHE C 161 -15.51 15.94 -39.85
C PHE C 161 -14.07 16.00 -39.35
N PHE C 162 -13.83 15.61 -38.09
CA PHE C 162 -12.49 15.68 -37.56
C PHE C 162 -11.56 14.69 -38.25
N VAL C 163 -12.05 13.48 -38.56
CA VAL C 163 -11.21 12.50 -39.25
C VAL C 163 -10.81 13.03 -40.62
N VAL C 164 -11.78 13.56 -41.38
CA VAL C 164 -11.49 14.09 -42.71
C VAL C 164 -10.53 15.26 -42.62
N TRP C 165 -10.75 16.16 -41.65
CA TRP C 165 -9.87 17.30 -41.47
C TRP C 165 -8.45 16.86 -41.19
N ASP C 166 -8.28 15.91 -40.27
CA ASP C 166 -6.94 15.42 -39.94
C ASP C 166 -6.28 14.79 -41.16
N HIS C 167 -7.02 13.99 -41.92
CA HIS C 167 -6.44 13.38 -43.11
C HIS C 167 -6.00 14.43 -44.11
N LEU C 168 -6.85 15.44 -44.35
CA LEU C 168 -6.52 16.47 -45.32
C LEU C 168 -5.30 17.28 -44.88
N MET C 169 -5.24 17.65 -43.60
CA MET C 169 -4.09 18.40 -43.12
C MET C 169 -2.81 17.58 -43.23
N ALA C 170 -2.89 16.27 -42.91
CA ALA C 170 -1.71 15.42 -43.02
C ALA C 170 -1.26 15.29 -44.46
N LYS C 171 -2.20 15.19 -45.40
CA LYS C 171 -1.83 14.91 -46.79
C LYS C 171 -1.41 16.17 -47.55
N TYR C 172 -2.11 17.29 -47.34
CA TYR C 172 -1.90 18.49 -48.12
C TYR C 172 -1.19 19.60 -47.34
N GLU C 173 -0.34 19.25 -46.37
CA GLU C 173 0.30 20.26 -45.55
C GLU C 173 1.18 21.19 -46.40
N SER C 174 2.01 20.62 -47.27
CA SER C 174 2.94 21.43 -48.06
C SER C 174 2.18 22.39 -48.97
N GLN C 175 1.13 21.89 -49.63
CA GLN C 175 0.37 22.74 -50.54
C GLN C 175 -0.29 23.89 -49.80
N ILE C 176 -0.87 23.61 -48.64
CA ILE C 176 -1.51 24.67 -47.85
C ILE C 176 -0.48 25.69 -47.39
N ALA C 177 0.69 25.22 -46.94
CA ALA C 177 1.73 26.13 -46.50
C ALA C 177 2.18 27.04 -47.64
N ARG C 178 2.40 26.47 -48.83
CA ARG C 178 2.80 27.27 -49.98
C ARG C 178 1.72 28.28 -50.34
N PHE C 179 0.45 27.86 -50.29
CA PHE C 179 -0.64 28.78 -50.60
C PHE C 179 -0.69 29.93 -49.59
N LEU C 180 -0.41 29.64 -48.32
CA LEU C 180 -0.45 30.68 -47.31
C LEU C 180 0.77 31.60 -47.40
N SER C 181 1.89 31.13 -47.93
CA SER C 181 3.14 31.87 -47.87
C SER C 181 3.04 33.30 -48.40
N PRO C 182 2.47 33.56 -49.59
CA PRO C 182 2.47 34.94 -50.10
C PRO C 182 1.79 35.93 -49.18
N GLY C 183 0.69 35.54 -48.55
CA GLY C 183 0.03 36.42 -47.61
C GLY C 183 0.91 36.76 -46.43
N GLN C 184 1.65 35.77 -45.92
CA GLN C 184 2.58 36.03 -44.83
C GLN C 184 3.66 37.01 -45.27
N ARG C 185 4.16 36.87 -46.49
CA ARG C 185 5.18 37.79 -46.98
C ARG C 185 4.64 39.22 -47.07
N LEU C 186 3.42 39.38 -47.59
CA LEU C 186 2.84 40.71 -47.67
C LEU C 186 2.64 41.30 -46.28
N LEU C 187 2.15 40.49 -45.34
CA LEU C 187 1.93 40.99 -43.98
C LEU C 187 3.26 41.37 -43.34
N ASP C 188 4.31 40.58 -43.55
CA ASP C 188 5.62 40.95 -43.03
C ASP C 188 6.10 42.26 -43.64
N SER C 189 5.85 42.45 -44.94
CA SER C 189 6.28 43.68 -45.61
C SER C 189 5.59 44.90 -45.01
N HIS C 190 4.29 44.78 -44.73
CA HIS C 190 3.51 45.92 -44.25
C HIS C 190 3.44 46.00 -42.72
N TRP C 191 4.05 45.06 -42.01
CA TRP C 191 3.92 45.01 -40.56
C TRP C 191 4.55 46.20 -39.87
N PHE C 192 5.65 46.73 -40.39
CA PHE C 192 6.35 47.81 -39.69
C PHE C 192 5.42 48.97 -39.41
N TRP C 193 4.45 49.22 -40.29
CA TRP C 193 3.46 50.26 -40.07
C TRP C 193 2.11 49.72 -39.60
N LEU C 194 1.76 48.48 -39.92
CA LEU C 194 0.47 47.94 -39.51
C LEU C 194 0.44 47.54 -38.03
N LYS C 195 1.60 47.35 -37.40
CA LYS C 195 1.61 46.94 -36.00
C LYS C 195 1.04 48.04 -35.11
N TRP C 196 1.36 49.30 -35.39
CA TRP C 196 0.82 50.39 -34.58
C TRP C 196 -0.69 50.47 -34.72
N VAL C 197 -1.21 50.28 -35.92
CA VAL C 197 -2.66 50.31 -36.12
C VAL C 197 -3.31 49.17 -35.35
N ILE C 198 -2.76 47.97 -35.44
CA ILE C 198 -3.36 46.83 -34.75
C ILE C 198 -3.33 47.05 -33.24
N TRP C 199 -2.19 47.51 -32.71
CA TRP C 199 -2.08 47.72 -31.27
C TRP C 199 -3.01 48.81 -30.79
N GLY C 200 -3.12 49.91 -31.55
CA GLY C 200 -4.05 50.95 -31.20
C GLY C 200 -5.49 50.47 -31.19
N CYS C 201 -5.85 49.65 -32.19
CA CYS C 201 -7.20 49.11 -32.22
C CYS C 201 -7.46 48.22 -31.01
N LEU C 202 -6.50 47.37 -30.64
CA LEU C 202 -6.68 46.52 -29.48
C LEU C 202 -6.82 47.33 -28.20
N ILE C 203 -5.99 48.36 -28.04
CA ILE C 203 -6.07 49.20 -26.84
C ILE C 203 -7.40 49.92 -26.79
N LEU C 204 -7.85 50.46 -27.93
CA LEU C 204 -9.15 51.13 -27.96
C LEU C 204 -10.27 50.16 -27.61
N GLY C 205 -10.21 48.93 -28.12
CA GLY C 205 -11.21 47.94 -27.77
C GLY C 205 -11.22 47.64 -26.28
N VAL C 206 -10.04 47.49 -25.69
CA VAL C 206 -9.96 47.25 -24.26
C VAL C 206 -10.58 48.41 -23.48
N ILE C 207 -10.25 49.65 -23.88
CA ILE C 207 -10.79 50.82 -23.19
C ILE C 207 -12.30 50.87 -23.31
N LEU C 208 -12.82 50.64 -24.52
CA LEU C 208 -14.26 50.68 -24.74
C LEU C 208 -14.96 49.60 -23.92
N TRP C 209 -14.40 48.39 -23.90
CA TRP C 209 -15.02 47.33 -23.10
C TRP C 209 -15.02 47.70 -21.63
N LEU C 210 -13.90 48.22 -21.12
CA LEU C 210 -13.88 48.64 -19.73
C LEU C 210 -14.98 49.64 -19.46
N VAL C 211 -15.02 50.72 -20.26
CA VAL C 211 -15.91 51.83 -19.97
C VAL C 211 -17.37 51.39 -20.05
N PHE C 212 -17.72 50.55 -21.03
CA PHE C 212 -19.11 50.25 -21.29
C PHE C 212 -19.61 48.98 -20.62
N ASP C 213 -18.74 48.16 -20.05
CA ASP C 213 -19.17 46.99 -19.29
C ASP C 213 -18.72 47.03 -17.84
N THR C 214 -17.42 47.19 -17.58
CA THR C 214 -16.92 47.04 -16.22
C THR C 214 -17.48 48.12 -15.31
N ALA C 215 -17.45 49.38 -15.77
CA ALA C 215 -18.00 50.47 -14.98
C ALA C 215 -19.48 50.22 -14.69
N LYS C 216 -20.23 49.72 -15.68
CA LYS C 216 -21.64 49.42 -15.46
C LYS C 216 -21.82 48.33 -14.40
N LEU C 217 -20.99 47.29 -14.45
CA LEU C 217 -21.15 46.18 -13.52
C LEU C 217 -20.94 46.64 -12.07
N GLY C 218 -19.91 47.44 -11.84
CA GLY C 218 -19.66 47.96 -10.51
C GLY C 218 -18.18 48.20 -10.29
N GLN C 219 -17.86 48.62 -9.07
CA GLN C 219 -16.48 48.91 -8.71
C GLN C 219 -15.64 47.64 -8.65
N GLN C 220 -16.23 46.53 -8.20
CA GLN C 220 -15.45 45.34 -7.91
C GLN C 220 -14.75 44.80 -9.15
N GLN C 221 -15.38 44.92 -10.32
CA GLN C 221 -14.74 44.42 -11.53
C GLN C 221 -13.58 45.32 -11.95
N LEU C 222 -13.72 46.62 -11.75
CA LEU C 222 -12.58 47.52 -11.95
C LEU C 222 -11.44 47.16 -11.01
N VAL C 223 -11.77 46.80 -9.76
CA VAL C 223 -10.75 46.38 -8.82
C VAL C 223 -10.10 45.08 -9.28
N SER C 224 -10.88 44.18 -9.90
CA SER C 224 -10.32 42.96 -10.45
C SER C 224 -9.33 43.26 -11.56
N PHE C 225 -9.68 44.19 -12.46
CA PHE C 225 -8.77 44.58 -13.53
C PHE C 225 -7.51 45.22 -12.97
N GLY C 226 -7.66 46.09 -11.97
CA GLY C 226 -6.50 46.67 -11.32
C GLY C 226 -5.62 45.62 -10.66
N GLY C 227 -6.25 44.62 -10.04
CA GLY C 227 -5.49 43.53 -9.46
C GLY C 227 -4.74 42.71 -10.50
N LEU C 228 -5.35 42.49 -11.65
CA LEU C 228 -4.65 41.81 -12.73
C LEU C 228 -3.42 42.61 -13.16
N ILE C 229 -3.59 43.92 -13.33
CA ILE C 229 -2.47 44.78 -13.70
C ILE C 229 -1.39 44.74 -12.62
N ILE C 230 -1.79 44.77 -11.36
CA ILE C 230 -0.83 44.77 -10.26
C ILE C 230 -0.09 43.45 -10.18
N TYR C 231 -0.80 42.33 -10.39
CA TYR C 231 -0.13 41.03 -10.39
C TYR C 231 0.87 40.93 -11.51
N THR C 232 0.53 41.44 -12.71
CA THR C 232 1.48 41.41 -13.80
C THR C 232 2.70 42.29 -13.51
N SER C 233 2.47 43.49 -12.96
CA SER C 233 3.57 44.37 -12.60
C SER C 233 4.47 43.73 -11.56
N LEU C 234 3.88 43.11 -10.54
CA LEU C 234 4.67 42.45 -9.50
C LEU C 234 5.47 41.30 -10.08
N THR C 235 4.88 40.51 -10.98
CA THR C 235 5.61 39.42 -11.61
C THR C 235 6.79 39.96 -12.41
N PHE C 236 6.58 41.07 -13.12
CA PHE C 236 7.67 41.65 -13.90
C PHE C 236 8.78 42.17 -12.99
N LEU C 237 8.42 42.85 -11.91
CA LEU C 237 9.42 43.50 -11.07
C LEU C 237 10.37 42.49 -10.43
N PHE C 238 9.84 41.35 -9.99
CA PHE C 238 10.65 40.31 -9.35
C PHE C 238 11.07 39.23 -10.35
N SER C 239 11.25 39.59 -11.61
CA SER C 239 11.58 38.63 -12.64
C SER C 239 13.04 38.22 -12.54
N LYS C 240 13.34 37.00 -12.99
CA LYS C 240 14.72 36.51 -12.97
C LYS C 240 15.61 37.34 -13.87
N HIS C 241 15.12 37.69 -15.06
CA HIS C 241 15.87 38.50 -16.03
C HIS C 241 14.95 39.59 -16.56
N PRO C 242 14.75 40.66 -15.79
CA PRO C 242 13.77 41.68 -16.20
C PRO C 242 14.09 42.32 -17.55
N THR C 243 15.34 42.30 -17.97
CA THR C 243 15.73 42.92 -19.24
C THR C 243 15.63 41.98 -20.43
N LYS C 244 15.37 40.69 -20.21
CA LYS C 244 15.28 39.70 -21.27
C LYS C 244 13.84 39.25 -21.52
N VAL C 245 12.86 40.06 -21.14
CA VAL C 245 11.46 39.67 -21.22
C VAL C 245 10.99 39.74 -22.68
N TYR C 246 10.41 38.65 -23.15
CA TYR C 246 9.74 38.59 -24.45
C TYR C 246 8.25 38.78 -24.19
N TRP C 247 7.70 39.92 -24.62
CA TRP C 247 6.35 40.31 -24.21
C TRP C 247 5.25 39.68 -25.03
N ARG C 248 5.56 39.03 -26.16
CA ARG C 248 4.50 38.41 -26.95
C ARG C 248 3.74 37.36 -26.16
N PRO C 249 4.38 36.36 -25.54
CA PRO C 249 3.61 35.33 -24.84
C PRO C 249 2.74 35.87 -23.71
N VAL C 250 3.20 36.88 -22.98
CA VAL C 250 2.43 37.37 -21.84
C VAL C 250 1.12 37.99 -22.31
N PHE C 251 1.20 38.90 -23.29
CA PHE C 251 -0.01 39.54 -23.79
C PHE C 251 -0.91 38.55 -24.50
N TRP C 252 -0.33 37.61 -25.24
CA TRP C 252 -1.16 36.62 -25.94
C TRP C 252 -1.87 35.70 -24.95
N GLY C 253 -1.18 35.28 -23.88
CA GLY C 253 -1.83 34.46 -22.88
C GLY C 253 -2.96 35.20 -22.18
N ILE C 254 -2.71 36.47 -21.83
CA ILE C 254 -3.77 37.25 -21.19
C ILE C 254 -4.96 37.42 -22.14
N GLY C 255 -4.68 37.67 -23.42
CA GLY C 255 -5.77 37.79 -24.38
C GLY C 255 -6.54 36.51 -24.57
N LEU C 256 -5.84 35.37 -24.59
CA LEU C 256 -6.52 34.09 -24.70
C LEU C 256 -7.38 33.82 -23.47
N GLN C 257 -6.88 34.16 -22.28
CA GLN C 257 -7.71 34.02 -21.09
C GLN C 257 -8.96 34.89 -21.18
N PHE C 258 -8.80 36.13 -21.62
CA PHE C 258 -9.93 37.04 -21.71
C PHE C 258 -10.94 36.54 -22.74
N LEU C 259 -10.46 36.00 -23.86
CA LEU C 259 -11.36 35.46 -24.87
C LEU C 259 -12.11 34.24 -24.35
N LEU C 260 -11.41 33.35 -23.64
CA LEU C 260 -12.08 32.19 -23.07
C LEU C 260 -13.13 32.63 -22.06
N GLY C 261 -12.80 33.60 -21.22
CA GLY C 261 -13.78 34.09 -20.26
C GLY C 261 -15.00 34.70 -20.92
N LEU C 262 -14.79 35.51 -21.96
CA LEU C 262 -15.92 36.07 -22.68
C LEU C 262 -16.77 34.99 -23.32
N LEU C 263 -16.13 34.00 -23.94
CA LEU C 263 -16.88 32.96 -24.63
C LEU C 263 -17.70 32.13 -23.65
N ILE C 264 -17.12 31.78 -22.50
CA ILE C 264 -17.79 30.84 -21.61
C ILE C 264 -18.73 31.52 -20.62
N LEU C 265 -18.39 32.72 -20.16
CA LEU C 265 -19.13 33.39 -19.10
C LEU C 265 -20.06 34.50 -19.60
N ARG C 266 -19.95 34.90 -20.87
CA ARG C 266 -20.68 36.06 -21.37
C ARG C 266 -21.44 35.76 -22.66
N THR C 267 -21.67 34.48 -22.97
CA THR C 267 -22.40 34.11 -24.17
C THR C 267 -23.25 32.88 -23.88
N GLU C 268 -24.48 32.89 -24.41
CA GLU C 268 -25.38 31.75 -24.20
C GLU C 268 -24.81 30.46 -24.76
N PRO C 269 -24.26 30.42 -25.98
CA PRO C 269 -23.73 29.13 -26.48
C PRO C 269 -22.67 28.53 -25.57
N GLY C 270 -21.64 29.30 -25.22
CA GLY C 270 -20.59 28.76 -24.39
C GLY C 270 -21.08 28.41 -23.00
N PHE C 271 -21.95 29.24 -22.43
CA PHE C 271 -22.47 28.95 -21.10
C PHE C 271 -23.25 27.65 -21.09
N MET C 272 -24.13 27.46 -22.08
CA MET C 272 -24.89 26.22 -22.17
C MET C 272 -23.96 25.03 -22.39
N ALA C 273 -22.96 25.19 -23.27
CA ALA C 273 -22.05 24.08 -23.54
C ALA C 273 -21.32 23.65 -22.28
N PHE C 274 -20.80 24.60 -21.52
CA PHE C 274 -20.03 24.25 -20.34
C PHE C 274 -20.92 23.78 -19.20
N ASP C 275 -22.13 24.31 -19.08
CA ASP C 275 -23.07 23.78 -18.09
C ASP C 275 -23.41 22.33 -18.40
N TRP C 276 -23.66 22.02 -19.69
CA TRP C 276 -23.92 20.65 -20.08
C TRP C 276 -22.71 19.75 -19.79
N LEU C 277 -21.51 20.24 -20.11
CA LEU C 277 -20.32 19.44 -19.89
C LEU C 277 -20.11 19.15 -18.41
N GLY C 278 -20.36 20.14 -17.55
CA GLY C 278 -20.28 19.90 -16.13
C GLY C 278 -21.34 18.94 -15.64
N LYS C 279 -22.56 19.04 -16.18
CA LYS C 279 -23.62 18.14 -15.78
C LYS C 279 -23.33 16.70 -16.17
N GLN C 280 -22.65 16.49 -17.31
CA GLN C 280 -22.29 15.14 -17.70
C GLN C 280 -21.34 14.50 -16.69
N VAL C 281 -20.38 15.28 -16.18
CA VAL C 281 -19.42 14.73 -15.23
C VAL C 281 -20.12 14.28 -13.95
N GLN C 282 -21.13 15.02 -13.52
CA GLN C 282 -21.88 14.63 -12.34
C GLN C 282 -22.58 13.29 -12.54
N THR C 283 -23.14 13.07 -13.74
CA THR C 283 -23.70 11.76 -14.05
C THR C 283 -22.60 10.69 -14.04
N PHE C 284 -21.44 11.01 -14.60
CA PHE C 284 -20.39 10.02 -14.75
C PHE C 284 -19.82 9.58 -13.40
N LEU C 285 -19.69 10.50 -12.44
CA LEU C 285 -19.12 10.15 -11.15
C LEU C 285 -20.04 9.28 -10.31
N GLY C 286 -21.32 9.14 -10.70
CA GLY C 286 -22.24 8.30 -9.96
C GLY C 286 -22.05 6.82 -10.21
N TYR C 287 -21.36 6.44 -11.28
CA TYR C 287 -21.21 5.03 -11.63
C TYR C 287 -20.33 4.28 -10.64
N SER C 288 -19.41 4.97 -9.98
CA SER C 288 -18.54 4.29 -9.02
C SER C 288 -19.32 3.72 -7.84
N ASP C 289 -20.55 4.17 -7.62
CA ASP C 289 -21.35 3.65 -6.53
C ASP C 289 -21.60 2.16 -6.69
N ALA C 290 -21.67 1.66 -7.93
CA ALA C 290 -21.89 0.23 -8.13
C ALA C 290 -20.78 -0.59 -7.51
N GLY C 291 -19.52 -0.22 -7.77
CA GLY C 291 -18.42 -0.92 -7.13
C GLY C 291 -18.33 -0.64 -5.64
N ALA C 292 -18.58 0.60 -5.24
CA ALA C 292 -18.46 0.95 -3.83
C ALA C 292 -19.43 0.16 -2.97
N SER C 293 -20.67 -0.01 -3.46
CA SER C 293 -21.67 -0.75 -2.69
C SER C 293 -21.26 -2.20 -2.50
N PHE C 294 -20.73 -2.83 -3.55
CA PHE C 294 -20.34 -4.24 -3.43
C PHE C 294 -19.12 -4.40 -2.52
N VAL C 295 -18.08 -3.59 -2.73
CA VAL C 295 -16.86 -3.76 -1.94
C VAL C 295 -17.13 -3.42 -0.48
N PHE C 296 -17.85 -2.32 -0.22
CA PHE C 296 -18.06 -1.83 1.13
C PHE C 296 -19.47 -2.06 1.64
N GLY C 297 -20.31 -2.79 0.91
CA GLY C 297 -21.66 -3.09 1.37
C GLY C 297 -22.61 -1.95 1.10
N GLU C 298 -23.86 -2.15 1.52
CA GLU C 298 -24.88 -1.13 1.39
C GLU C 298 -24.75 -0.03 2.43
N LYS C 299 -23.91 -0.22 3.45
CA LYS C 299 -23.64 0.79 4.45
C LYS C 299 -22.41 1.62 4.14
N TYR C 300 -21.96 1.61 2.88
CA TYR C 300 -20.78 2.37 2.50
C TYR C 300 -20.97 3.86 2.70
N THR C 301 -22.21 4.33 2.79
CA THR C 301 -22.48 5.74 3.06
C THR C 301 -22.31 6.11 4.53
N ASP C 302 -22.13 5.13 5.42
CA ASP C 302 -21.83 5.44 6.80
C ASP C 302 -20.49 6.13 6.96
N HIS C 303 -19.56 5.91 6.03
CA HIS C 303 -18.26 6.59 5.98
C HIS C 303 -18.20 7.22 4.59
N PHE C 304 -18.68 8.46 4.47
CA PHE C 304 -18.92 9.03 3.16
C PHE C 304 -17.62 9.20 2.37
N PHE C 305 -16.62 9.87 2.97
CA PHE C 305 -15.44 10.21 2.19
C PHE C 305 -14.68 8.96 1.75
N ALA C 306 -14.34 8.10 2.70
CA ALA C 306 -13.43 6.98 2.40
C ALA C 306 -14.08 5.97 1.48
N PHE C 307 -15.36 5.70 1.66
CA PHE C 307 -16.04 4.63 0.94
C PHE C 307 -16.91 5.12 -0.22
N LYS C 308 -16.96 6.42 -0.48
CA LYS C 308 -17.71 6.93 -1.63
C LYS C 308 -16.92 7.90 -2.50
N VAL C 309 -16.05 8.72 -1.92
CA VAL C 309 -15.33 9.73 -2.70
C VAL C 309 -14.10 9.13 -3.36
N LEU C 310 -13.28 8.41 -2.60
CA LEU C 310 -12.08 7.81 -3.19
C LEU C 310 -12.40 6.86 -4.34
N PRO C 311 -13.44 6.03 -4.28
CA PRO C 311 -13.79 5.21 -5.45
C PRO C 311 -14.04 6.04 -6.70
N ILE C 312 -14.55 7.26 -6.56
CA ILE C 312 -14.67 8.14 -7.72
C ILE C 312 -13.31 8.43 -8.31
N VAL C 313 -12.32 8.67 -7.44
CA VAL C 313 -10.96 8.89 -7.91
C VAL C 313 -10.43 7.67 -8.63
N ILE C 314 -10.69 6.48 -8.09
CA ILE C 314 -10.23 5.25 -8.71
C ILE C 314 -10.85 5.09 -10.10
N PHE C 315 -12.17 5.30 -10.20
CA PHE C 315 -12.85 5.14 -11.47
C PHE C 315 -12.36 6.16 -12.49
N PHE C 316 -12.16 7.40 -12.06
CA PHE C 316 -11.67 8.43 -12.97
C PHE C 316 -10.25 8.12 -13.43
N SER C 317 -9.39 7.61 -12.54
CA SER C 317 -8.05 7.21 -12.95
C SER C 317 -8.12 6.10 -13.98
N THR C 318 -9.00 5.11 -13.76
CA THR C 318 -9.14 4.03 -14.73
C THR C 318 -9.60 4.54 -16.07
N VAL C 319 -10.58 5.45 -16.07
CA VAL C 319 -11.10 5.98 -17.32
C VAL C 319 -10.04 6.82 -18.03
N MET C 320 -9.25 7.59 -17.28
CA MET C 320 -8.18 8.36 -17.89
C MET C 320 -7.13 7.45 -18.51
N SER C 321 -6.80 6.33 -17.85
CA SER C 321 -5.85 5.39 -18.42
C SER C 321 -6.39 4.77 -19.70
N MET C 322 -7.68 4.41 -19.69
CA MET C 322 -8.28 3.84 -20.90
C MET C 322 -8.28 4.86 -22.04
N LEU C 323 -8.60 6.12 -21.75
CA LEU C 323 -8.57 7.15 -22.78
C LEU C 323 -7.16 7.35 -23.32
N TYR C 324 -6.16 7.37 -22.44
CA TYR C 324 -4.79 7.52 -22.89
C TYR C 324 -4.38 6.36 -23.79
N TYR C 325 -4.83 5.15 -23.44
CA TYR C 325 -4.59 4.01 -24.33
C TYR C 325 -5.26 4.22 -25.68
N LEU C 326 -6.50 4.73 -25.68
CA LEU C 326 -7.22 4.94 -26.92
C LEU C 326 -6.65 6.07 -27.75
N GLY C 327 -5.86 6.95 -27.15
CA GLY C 327 -5.19 8.01 -27.89
C GLY C 327 -5.99 9.27 -28.12
N LEU C 328 -7.18 9.39 -27.53
CA LEU C 328 -7.92 10.64 -27.65
C LEU C 328 -7.28 11.77 -26.86
N MET C 329 -6.69 11.45 -25.70
CA MET C 329 -6.12 12.48 -24.86
C MET C 329 -4.94 13.15 -25.56
N GLN C 330 -4.10 12.37 -26.25
CA GLN C 330 -3.02 12.96 -27.01
C GLN C 330 -3.56 13.82 -28.15
N TRP C 331 -4.65 13.39 -28.79
CA TRP C 331 -5.25 14.19 -29.85
C TRP C 331 -5.66 15.57 -29.33
N ILE C 332 -6.39 15.59 -28.21
CA ILE C 332 -6.85 16.87 -27.66
C ILE C 332 -5.66 17.71 -27.20
N ILE C 333 -4.70 17.07 -26.54
CA ILE C 333 -3.52 17.79 -26.07
C ILE C 333 -2.77 18.40 -27.23
N ARG C 334 -2.62 17.66 -28.33
CA ARG C 334 -1.93 18.19 -29.50
C ARG C 334 -2.69 19.37 -30.09
N LYS C 335 -4.02 19.28 -30.16
CA LYS C 335 -4.78 20.40 -30.70
C LYS C 335 -4.56 21.66 -29.86
N VAL C 336 -4.75 21.54 -28.55
CA VAL C 336 -4.63 22.71 -27.68
C VAL C 336 -3.21 23.25 -27.69
N GLY C 337 -2.22 22.35 -27.68
CA GLY C 337 -0.84 22.77 -27.69
C GLY C 337 -0.43 23.45 -28.97
N TRP C 338 -0.94 22.98 -30.11
CA TRP C 338 -0.67 23.67 -31.35
C TRP C 338 -1.29 25.06 -31.35
N VAL C 339 -2.51 25.18 -30.83
CA VAL C 339 -3.13 26.50 -30.75
C VAL C 339 -2.26 27.45 -29.92
N MET C 340 -1.86 27.00 -28.72
CA MET C 340 -1.06 27.85 -27.86
C MET C 340 0.29 28.18 -28.51
N LEU C 341 0.92 27.18 -29.13
CA LEU C 341 2.23 27.41 -29.75
C LEU C 341 2.14 28.42 -30.89
N VAL C 342 1.10 28.32 -31.72
CA VAL C 342 0.99 29.23 -32.84
C VAL C 342 0.61 30.63 -32.37
N THR C 343 -0.12 30.75 -31.27
CA THR C 343 -0.53 32.07 -30.81
C THR C 343 0.54 32.74 -29.95
N MET C 344 1.03 32.04 -28.92
CA MET C 344 1.95 32.63 -27.97
C MET C 344 3.41 32.50 -28.37
N GLY C 345 3.73 31.68 -29.35
CA GLY C 345 5.11 31.52 -29.77
C GLY C 345 5.97 30.77 -28.77
N THR C 346 5.38 29.96 -27.91
CA THR C 346 6.12 29.21 -26.91
C THR C 346 6.78 27.98 -27.52
N SER C 347 7.73 27.42 -26.79
CA SER C 347 8.45 26.25 -27.27
C SER C 347 7.51 25.05 -27.34
N PRO C 348 7.73 24.12 -28.27
CA PRO C 348 6.83 22.96 -28.38
C PRO C 348 6.72 22.15 -27.10
N VAL C 349 7.83 21.95 -26.39
CA VAL C 349 7.80 21.10 -25.21
C VAL C 349 6.97 21.74 -24.11
N GLU C 350 7.18 23.03 -23.84
CA GLU C 350 6.43 23.69 -22.79
C GLU C 350 4.96 23.82 -23.16
N SER C 351 4.66 24.09 -24.43
CA SER C 351 3.27 24.15 -24.87
C SER C 351 2.58 22.81 -24.69
N VAL C 352 3.25 21.72 -25.08
CA VAL C 352 2.64 20.40 -24.96
C VAL C 352 2.43 20.05 -23.49
N VAL C 353 3.39 20.37 -22.63
CA VAL C 353 3.24 20.03 -21.22
C VAL C 353 2.14 20.86 -20.57
N ALA C 354 2.02 22.14 -20.95
CA ALA C 354 0.96 22.97 -20.40
C ALA C 354 -0.41 22.44 -20.84
N SER C 355 -0.53 22.09 -22.12
CA SER C 355 -1.80 21.54 -22.60
C SER C 355 -2.13 20.24 -21.88
N GLY C 356 -1.14 19.37 -21.70
CA GLY C 356 -1.38 18.11 -21.00
C GLY C 356 -1.78 18.30 -19.55
N ASN C 357 -1.19 19.30 -18.89
CA ASN C 357 -1.46 19.51 -17.48
C ASN C 357 -2.92 19.85 -17.20
N ILE C 358 -3.67 20.26 -18.22
CA ILE C 358 -5.09 20.52 -18.03
C ILE C 358 -5.80 19.26 -17.54
N PHE C 359 -5.38 18.09 -18.02
CA PHE C 359 -6.03 16.82 -17.70
C PHE C 359 -5.21 15.92 -16.81
N ILE C 360 -3.89 16.09 -16.77
CA ILE C 360 -2.98 15.16 -16.12
C ILE C 360 -2.30 15.85 -14.94
N GLY C 361 -2.03 15.06 -13.90
CA GLY C 361 -1.39 15.61 -12.71
C GLY C 361 0.04 16.05 -12.97
N GLN C 362 0.51 16.94 -12.09
CA GLN C 362 1.85 17.49 -12.23
C GLN C 362 2.92 16.40 -12.31
N THR C 363 2.75 15.32 -11.55
CA THR C 363 3.77 14.28 -11.47
C THR C 363 3.77 13.34 -12.67
N GLU C 364 2.74 13.40 -13.53
CA GLU C 364 2.68 12.54 -14.69
C GLU C 364 2.67 13.29 -16.02
N SER C 365 2.43 14.61 -16.00
CA SER C 365 2.40 15.39 -17.23
C SER C 365 3.78 15.38 -17.91
N PRO C 366 4.88 15.52 -17.16
CA PRO C 366 6.19 15.51 -17.82
C PRO C 366 6.52 14.20 -18.53
N LEU C 367 5.85 13.10 -18.18
CA LEU C 367 6.12 11.83 -18.87
C LEU C 367 5.79 11.90 -20.34
N LEU C 368 4.99 12.88 -20.77
CA LEU C 368 4.70 13.05 -22.19
C LEU C 368 5.94 13.42 -23.00
N VAL C 369 6.94 14.02 -22.37
CA VAL C 369 8.15 14.44 -23.05
C VAL C 369 9.37 13.89 -22.31
N ARG C 370 9.20 12.72 -21.69
CA ARG C 370 10.26 12.18 -20.85
C ARG C 370 11.59 12.04 -21.59
N PRO C 371 11.64 11.51 -22.81
CA PRO C 371 12.95 11.33 -23.46
C PRO C 371 13.71 12.63 -23.66
N TYR C 372 13.02 13.74 -23.87
CA TYR C 372 13.65 15.00 -24.22
C TYR C 372 13.86 15.92 -23.02
N LEU C 373 13.56 15.47 -21.81
CA LEU C 373 13.70 16.32 -20.63
C LEU C 373 15.15 16.74 -20.41
N PRO C 374 16.13 15.86 -20.59
CA PRO C 374 17.52 16.25 -20.29
C PRO C 374 18.04 17.39 -21.13
N TYR C 375 17.46 17.65 -22.30
CA TYR C 375 17.97 18.67 -23.21
C TYR C 375 17.19 19.97 -23.15
N VAL C 376 16.22 20.09 -22.24
CA VAL C 376 15.45 21.33 -22.14
C VAL C 376 16.29 22.40 -21.46
N THR C 377 15.90 23.66 -21.68
CA THR C 377 16.56 24.79 -21.06
C THR C 377 15.99 25.03 -19.68
N LYS C 378 16.58 25.97 -18.95
CA LYS C 378 16.07 26.31 -17.62
C LYS C 378 14.67 26.92 -17.70
N SER C 379 14.44 27.79 -18.69
CA SER C 379 13.13 28.41 -18.82
C SER C 379 12.05 27.37 -19.10
N GLU C 380 12.34 26.40 -19.97
CA GLU C 380 11.37 25.35 -20.25
C GLU C 380 11.08 24.53 -19.01
N LEU C 381 12.11 24.22 -18.22
CA LEU C 381 11.90 23.46 -17.00
C LEU C 381 11.02 24.25 -16.02
N HIS C 382 11.30 25.55 -15.88
CA HIS C 382 10.48 26.38 -15.00
C HIS C 382 9.03 26.43 -15.50
N ALA C 383 8.84 26.52 -16.81
CA ALA C 383 7.49 26.52 -17.36
C ALA C 383 6.78 25.21 -17.08
N ILE C 384 7.50 24.08 -17.20
CA ILE C 384 6.91 22.78 -16.90
C ILE C 384 6.45 22.74 -15.45
N MET C 385 7.30 23.20 -14.54
CA MET C 385 6.94 23.15 -13.12
C MET C 385 5.78 24.10 -12.82
N THR C 386 5.78 25.29 -13.42
CA THR C 386 4.68 26.23 -13.20
C THR C 386 3.36 25.65 -13.70
N ALA C 387 3.38 25.04 -14.88
CA ALA C 387 2.16 24.42 -15.40
C ALA C 387 1.69 23.31 -14.50
N GLY C 388 2.62 22.49 -14.00
CA GLY C 388 2.22 21.44 -13.06
C GLY C 388 1.58 22.00 -11.81
N PHE C 389 2.13 23.11 -11.29
CA PHE C 389 1.60 23.70 -10.06
C PHE C 389 0.31 24.48 -10.27
N SER C 390 0.01 24.88 -11.49
CA SER C 390 -1.11 25.79 -11.76
C SER C 390 -2.40 25.09 -12.15
N THR C 391 -2.41 23.76 -12.21
CA THR C 391 -3.57 23.01 -12.66
C THR C 391 -3.81 21.82 -11.75
N ILE C 392 -4.99 21.22 -11.90
CA ILE C 392 -5.35 20.02 -11.15
C ILE C 392 -5.44 18.86 -12.12
N ALA C 393 -5.66 17.65 -11.59
CA ALA C 393 -5.78 16.45 -12.40
C ALA C 393 -7.24 16.05 -12.55
N GLY C 394 -7.53 15.32 -13.62
CA GLY C 394 -8.89 14.87 -13.85
C GLY C 394 -9.33 13.80 -12.86
N SER C 395 -8.38 13.09 -12.26
CA SER C 395 -8.73 12.04 -11.31
C SER C 395 -9.38 12.62 -10.05
N VAL C 396 -9.01 13.85 -9.67
CA VAL C 396 -9.53 14.46 -8.45
C VAL C 396 -10.67 15.43 -8.74
N LEU C 397 -11.06 15.60 -10.01
CA LEU C 397 -12.21 16.46 -10.31
C LEU C 397 -13.47 15.91 -9.66
N GLY C 398 -13.64 14.59 -9.65
CA GLY C 398 -14.84 14.00 -9.11
C GLY C 398 -15.04 14.29 -7.64
N ALA C 399 -13.97 14.23 -6.85
CA ALA C 399 -14.08 14.53 -5.43
C ALA C 399 -14.51 15.98 -5.21
N TYR C 400 -13.90 16.91 -5.94
CA TYR C 400 -14.27 18.32 -5.79
C TYR C 400 -15.72 18.55 -6.16
N ILE C 401 -16.18 17.91 -7.24
CA ILE C 401 -17.59 18.05 -7.62
C ILE C 401 -18.49 17.43 -6.56
N SER C 402 -18.06 16.31 -5.97
CA SER C 402 -18.85 15.67 -4.91
C SER C 402 -18.97 16.57 -3.69
N PHE C 403 -17.92 17.32 -3.36
CA PHE C 403 -18.00 18.22 -2.21
C PHE C 403 -19.12 19.24 -2.39
N GLY C 404 -19.30 19.76 -3.61
CA GLY C 404 -20.34 20.72 -3.88
C GLY C 404 -19.85 21.90 -4.70
N VAL C 405 -18.60 21.85 -5.14
CA VAL C 405 -18.02 22.93 -5.93
C VAL C 405 -18.57 22.85 -7.35
N SER C 406 -18.80 24.01 -7.96
CA SER C 406 -19.37 24.05 -9.30
C SER C 406 -18.44 23.34 -10.29
N SER C 407 -19.01 22.43 -11.07
CA SER C 407 -18.22 21.71 -12.07
C SER C 407 -17.85 22.61 -13.23
N SER C 408 -18.78 23.47 -13.67
CA SER C 408 -18.50 24.33 -14.81
C SER C 408 -17.35 25.29 -14.49
N HIS C 409 -17.37 25.88 -13.30
CA HIS C 409 -16.29 26.78 -12.91
C HIS C 409 -14.96 26.04 -12.82
N LEU C 410 -14.97 24.81 -12.29
CA LEU C 410 -13.73 24.04 -12.23
C LEU C 410 -13.18 23.77 -13.62
N LEU C 411 -14.05 23.37 -14.56
CA LEU C 411 -13.61 23.12 -15.92
C LEU C 411 -13.07 24.39 -16.57
N THR C 412 -13.75 25.51 -16.37
CA THR C 412 -13.30 26.76 -16.98
C THR C 412 -11.95 27.19 -16.41
N ALA C 413 -11.77 27.07 -15.09
CA ALA C 413 -10.49 27.42 -14.49
C ALA C 413 -9.39 26.50 -14.98
N SER C 414 -9.68 25.20 -15.10
CA SER C 414 -8.67 24.27 -15.61
C SER C 414 -8.27 24.63 -17.03
N VAL C 415 -9.24 24.99 -17.88
CA VAL C 415 -8.91 25.37 -19.25
C VAL C 415 -8.11 26.67 -19.27
N MET C 416 -8.51 27.65 -18.46
CA MET C 416 -7.86 28.95 -18.48
C MET C 416 -6.48 28.94 -17.85
N SER C 417 -6.17 27.94 -17.02
CA SER C 417 -4.91 27.96 -16.28
C SER C 417 -3.70 27.83 -17.20
N ALA C 418 -3.80 27.02 -18.26
CA ALA C 418 -2.64 26.75 -19.09
C ALA C 418 -2.04 28.01 -19.71
N PRO C 419 -2.80 28.84 -20.43
CA PRO C 419 -2.20 30.09 -20.94
C PRO C 419 -1.71 31.00 -19.84
N ALA C 420 -2.42 31.05 -18.71
CA ALA C 420 -1.94 31.86 -17.59
C ALA C 420 -0.61 31.31 -17.08
N ALA C 421 -0.52 29.99 -16.94
CA ALA C 421 0.72 29.39 -16.46
C ALA C 421 1.88 29.71 -17.39
N LEU C 422 1.66 29.59 -18.71
CA LEU C 422 2.73 29.86 -19.64
C LEU C 422 3.13 31.34 -19.63
N ALA C 423 2.15 32.24 -19.59
CA ALA C 423 2.46 33.66 -19.59
C ALA C 423 3.24 34.05 -18.34
N ILE C 424 2.80 33.56 -17.18
CA ILE C 424 3.49 33.91 -15.94
C ILE C 424 4.88 33.28 -15.90
N SER C 425 5.02 32.06 -16.42
CA SER C 425 6.34 31.45 -16.50
C SER C 425 7.27 32.25 -17.39
N LYS C 426 6.79 32.71 -18.54
CA LYS C 426 7.63 33.45 -19.47
C LYS C 426 8.01 34.81 -18.90
N LEU C 427 7.08 35.47 -18.21
CA LEU C 427 7.40 36.77 -17.62
C LEU C 427 8.34 36.63 -16.44
N PHE C 428 8.08 35.66 -15.56
CA PHE C 428 8.88 35.49 -14.35
C PHE C 428 10.28 34.98 -14.67
N TRP C 429 10.38 34.03 -15.59
CA TRP C 429 11.66 33.43 -15.98
C TRP C 429 11.74 33.39 -17.50
N PRO C 430 12.15 34.48 -18.14
CA PRO C 430 12.19 34.51 -19.60
C PRO C 430 13.33 33.66 -20.15
N GLU C 431 13.23 33.36 -21.44
CA GLU C 431 14.19 32.50 -22.10
C GLU C 431 15.44 33.27 -22.51
N THR C 432 16.60 32.73 -22.15
CA THR C 432 17.88 33.32 -22.53
C THR C 432 18.78 32.32 -23.25
N GLU C 433 18.25 31.18 -23.70
CA GLU C 433 19.01 30.15 -24.37
C GLU C 433 18.32 29.76 -25.66
N THR C 434 18.93 28.83 -26.40
CA THR C 434 18.38 28.35 -27.66
C THR C 434 17.71 27.01 -27.44
N PRO C 435 16.40 26.87 -27.66
CA PRO C 435 15.76 25.56 -27.49
C PRO C 435 16.26 24.56 -28.52
N LYS C 436 16.44 23.31 -28.07
CA LYS C 436 16.95 22.25 -28.90
C LYS C 436 15.87 21.37 -29.51
N ILE C 437 14.79 21.11 -28.76
CA ILE C 437 13.76 20.18 -29.21
C ILE C 437 12.84 20.88 -30.20
N ASN C 438 12.28 20.11 -31.12
CA ASN C 438 11.46 20.63 -32.21
C ASN C 438 10.00 20.21 -32.03
N LEU C 439 9.15 20.69 -32.92
CA LEU C 439 7.72 20.41 -32.82
C LEU C 439 7.42 18.93 -32.99
N LYS C 440 8.05 18.29 -33.99
CA LYS C 440 7.75 16.88 -34.26
C LYS C 440 8.12 16.01 -33.06
N ASN C 441 9.28 16.25 -32.46
CA ASN C 441 9.69 15.46 -31.30
C ASN C 441 8.77 15.72 -30.11
N ALA C 442 8.37 16.97 -29.90
CA ALA C 442 7.51 17.28 -28.76
C ALA C 442 6.13 16.67 -28.92
N MET C 443 5.60 16.65 -30.14
CA MET C 443 4.21 16.22 -30.32
C MET C 443 4.04 14.71 -30.21
N LYS C 444 5.05 13.92 -30.58
CA LYS C 444 4.96 12.48 -30.43
C LYS C 444 5.00 12.12 -28.94
N MET C 445 3.99 11.38 -28.48
CA MET C 445 3.86 11.02 -27.07
C MET C 445 3.86 9.50 -26.97
N GLU C 446 4.99 8.94 -26.57
CA GLU C 446 5.10 7.49 -26.42
C GLU C 446 4.02 6.96 -25.48
N SER C 447 3.13 6.13 -26.02
CA SER C 447 2.05 5.57 -25.24
C SER C 447 2.56 4.49 -24.29
N GLY C 448 1.73 4.14 -23.32
CA GLY C 448 2.10 3.14 -22.34
C GLY C 448 2.11 1.74 -22.95
N ASP C 449 2.62 0.80 -22.15
CA ASP C 449 2.76 -0.59 -22.58
C ASP C 449 1.53 -1.36 -22.12
N SER C 450 0.43 -1.16 -22.83
CA SER C 450 -0.83 -1.86 -22.57
C SER C 450 -1.25 -2.58 -23.84
N ARG C 451 -1.46 -3.89 -23.74
CA ARG C 451 -1.76 -4.69 -24.92
C ARG C 451 -3.21 -4.51 -25.38
N ASN C 452 -4.13 -4.24 -24.46
CA ASN C 452 -5.54 -4.13 -24.79
C ASN C 452 -6.21 -3.17 -23.82
N LEU C 453 -7.47 -2.87 -24.09
CA LEU C 453 -8.19 -1.86 -23.30
C LEU C 453 -8.36 -2.31 -21.85
N LEU C 454 -8.68 -3.59 -21.63
CA LEU C 454 -8.88 -4.06 -20.26
C LEU C 454 -7.60 -4.03 -19.45
N GLU C 455 -6.46 -4.32 -20.08
CA GLU C 455 -5.18 -4.20 -19.38
C GLU C 455 -4.91 -2.75 -19.01
N ALA C 456 -5.24 -1.81 -19.90
CA ALA C 456 -5.10 -0.40 -19.57
C ALA C 456 -5.98 -0.03 -18.39
N ALA C 457 -7.21 -0.54 -18.35
CA ALA C 457 -8.10 -0.27 -17.23
C ALA C 457 -7.52 -0.81 -15.94
N THR C 458 -6.98 -2.02 -15.97
CA THR C 458 -6.41 -2.60 -14.76
C THR C 458 -5.17 -1.83 -14.30
N GLN C 459 -4.34 -1.37 -15.24
CA GLN C 459 -3.17 -0.60 -14.85
C GLN C 459 -3.57 0.75 -14.25
N GLY C 460 -4.57 1.40 -14.82
CA GLY C 460 -5.07 2.63 -14.23
C GLY C 460 -5.64 2.40 -12.85
N ALA C 461 -6.36 1.30 -12.67
CA ALA C 461 -6.91 0.96 -11.36
C ALA C 461 -5.78 0.77 -10.34
N SER C 462 -4.76 -0.02 -10.71
CA SER C 462 -3.69 -0.32 -9.76
C SER C 462 -2.96 0.94 -9.30
N SER C 463 -2.73 1.88 -10.21
CA SER C 463 -1.99 3.08 -9.86
C SER C 463 -2.70 3.91 -8.79
N SER C 464 -4.03 3.86 -8.76
CA SER C 464 -4.80 4.74 -7.89
C SER C 464 -4.61 4.39 -6.41
N ILE C 465 -4.06 3.23 -6.08
CA ILE C 465 -3.94 2.82 -4.68
C ILE C 465 -3.11 3.84 -3.90
N SER C 466 -1.93 4.18 -4.41
CA SER C 466 -1.07 5.11 -3.69
C SER C 466 -1.67 6.50 -3.67
N LEU C 467 -2.34 6.91 -4.74
CA LEU C 467 -2.97 8.23 -4.77
C LEU C 467 -3.98 8.36 -3.63
N VAL C 468 -4.91 7.42 -3.52
CA VAL C 468 -5.95 7.52 -2.50
C VAL C 468 -5.35 7.36 -1.11
N ALA C 469 -4.37 6.46 -0.96
CA ALA C 469 -3.76 6.28 0.35
C ALA C 469 -3.07 7.57 0.81
N ASN C 470 -2.30 8.19 -0.08
CA ASN C 470 -1.62 9.42 0.27
C ASN C 470 -2.62 10.54 0.56
N ILE C 471 -3.69 10.61 -0.22
CA ILE C 471 -4.71 11.64 0.03
C ILE C 471 -5.28 11.49 1.43
N ALA C 472 -5.68 10.25 1.78
CA ALA C 472 -6.30 10.03 3.09
C ALA C 472 -5.33 10.34 4.21
N VAL C 473 -4.08 9.87 4.10
CA VAL C 473 -3.12 10.05 5.19
C VAL C 473 -2.76 11.52 5.34
N ASN C 474 -2.56 12.22 4.22
CA ASN C 474 -2.25 13.65 4.28
C ASN C 474 -3.41 14.43 4.89
N LEU C 475 -4.64 14.10 4.52
CA LEU C 475 -5.79 14.78 5.12
C LEU C 475 -5.84 14.56 6.62
N ILE C 476 -5.63 13.31 7.06
CA ILE C 476 -5.65 13.03 8.50
C ILE C 476 -4.59 13.86 9.21
N ALA C 477 -3.36 13.84 8.69
CA ALA C 477 -2.27 14.54 9.35
C ALA C 477 -2.51 16.04 9.38
N PHE C 478 -2.94 16.61 8.26
CA PHE C 478 -3.14 18.06 8.19
C PHE C 478 -4.27 18.50 9.11
N LEU C 479 -5.37 17.74 9.16
CA LEU C 479 -6.46 18.13 10.05
C LEU C 479 -6.06 18.00 11.51
N ALA C 480 -5.27 16.98 11.85
CA ALA C 480 -4.80 16.87 13.23
C ALA C 480 -3.87 18.02 13.59
N LEU C 481 -2.98 18.40 12.66
CA LEU C 481 -2.10 19.54 12.91
C LEU C 481 -2.89 20.83 13.03
N LEU C 482 -3.94 20.99 12.22
CA LEU C 482 -4.77 22.18 12.33
C LEU C 482 -5.45 22.26 13.69
N SER C 483 -6.00 21.13 14.16
CA SER C 483 -6.63 21.14 15.48
C SER C 483 -5.63 21.45 16.57
N PHE C 484 -4.44 20.85 16.51
CA PHE C 484 -3.43 21.11 17.52
C PHE C 484 -3.00 22.57 17.50
N MET C 485 -2.79 23.13 16.31
CA MET C 485 -2.38 24.53 16.21
C MET C 485 -3.46 25.46 16.73
N ASN C 486 -4.72 25.17 16.42
CA ASN C 486 -5.81 26.01 16.92
C ASN C 486 -5.87 25.95 18.45
N SER C 487 -5.70 24.77 19.03
CA SER C 487 -5.71 24.66 20.48
C SER C 487 -4.53 25.39 21.11
N ALA C 488 -3.34 25.28 20.51
CA ALA C 488 -2.17 25.97 21.04
C ALA C 488 -2.32 27.48 20.95
N LEU C 489 -2.88 27.98 19.84
CA LEU C 489 -3.07 29.41 19.70
C LEU C 489 -4.16 29.94 20.63
N SER C 490 -5.19 29.14 20.88
CA SER C 490 -6.17 29.52 21.90
C SER C 490 -5.53 29.57 23.28
N TRP C 491 -4.65 28.60 23.59
CA TRP C 491 -3.95 28.63 24.87
C TRP C 491 -3.08 29.88 24.98
N LEU C 492 -2.37 30.24 23.91
CA LEU C 492 -1.54 31.44 23.94
C LEU C 492 -2.39 32.70 23.94
N GLY C 493 -3.50 32.71 23.19
CA GLY C 493 -4.34 33.89 23.13
C GLY C 493 -4.98 34.26 24.45
N ASN C 494 -5.32 33.26 25.27
CA ASN C 494 -6.01 33.53 26.53
C ASN C 494 -5.15 34.34 27.49
N MET C 495 -3.83 34.36 27.29
CA MET C 495 -2.96 35.14 28.17
C MET C 495 -3.08 36.64 27.91
N PHE C 496 -3.74 37.05 26.83
CA PHE C 496 -4.02 38.45 26.55
C PHE C 496 -5.51 38.73 26.53
N ASP C 497 -6.32 37.87 27.17
CA ASP C 497 -7.77 38.01 27.20
C ASP C 497 -8.35 37.95 25.79
N TYR C 498 -7.70 37.20 24.91
CA TYR C 498 -8.16 36.99 23.54
C TYR C 498 -8.08 35.50 23.21
N PRO C 499 -8.94 34.69 23.82
CA PRO C 499 -8.92 33.25 23.53
C PRO C 499 -9.44 32.89 22.15
N GLN C 500 -9.85 33.85 21.34
CA GLN C 500 -10.35 33.59 19.99
C GLN C 500 -9.23 33.50 18.95
N LEU C 501 -7.98 33.74 19.35
CA LEU C 501 -6.88 33.64 18.40
C LEU C 501 -6.84 32.25 17.78
N SER C 502 -6.72 32.21 16.45
CA SER C 502 -6.71 30.95 15.73
C SER C 502 -5.99 31.12 14.41
N PHE C 503 -5.74 30.00 13.73
CA PHE C 503 -5.11 30.03 12.43
C PHE C 503 -5.98 30.77 11.42
N GLU C 504 -7.30 30.54 11.47
CA GLU C 504 -8.19 31.22 10.54
C GLU C 504 -8.17 32.72 10.76
N VAL C 505 -8.14 33.17 12.01
CA VAL C 505 -8.14 34.61 12.29
C VAL C 505 -6.89 35.26 11.71
N ILE C 506 -5.73 34.61 11.87
CA ILE C 506 -4.50 35.18 11.33
C ILE C 506 -4.53 35.19 9.81
N CYS C 507 -5.03 34.12 9.19
CA CYS C 507 -5.10 34.09 7.73
C CYS C 507 -6.06 35.16 7.21
N SER C 508 -7.14 35.42 7.94
CA SER C 508 -8.13 36.39 7.48
C SER C 508 -7.50 37.76 7.26
N TYR C 509 -6.43 38.08 7.99
CA TYR C 509 -5.74 39.35 7.85
C TYR C 509 -4.49 39.25 6.98
N VAL C 510 -3.77 38.14 7.04
CA VAL C 510 -2.53 38.03 6.28
C VAL C 510 -2.81 38.03 4.78
N PHE C 511 -3.80 37.28 4.34
CA PHE C 511 -4.08 37.09 2.92
C PHE C 511 -5.22 37.94 2.40
N MET C 512 -5.80 38.81 3.24
CA MET C 512 -6.89 39.65 2.77
C MET C 512 -6.49 40.54 1.58
N PRO C 513 -5.32 41.17 1.57
CA PRO C 513 -4.98 42.00 0.40
C PRO C 513 -4.98 41.23 -0.92
N PHE C 514 -4.56 39.97 -0.92
CA PHE C 514 -4.59 39.18 -2.15
C PHE C 514 -6.03 38.98 -2.61
N ALA C 515 -6.95 38.69 -1.69
CA ALA C 515 -8.33 38.49 -2.05
C ALA C 515 -8.98 39.78 -2.55
N PHE C 516 -8.63 40.91 -1.93
CA PHE C 516 -9.24 42.17 -2.34
C PHE C 516 -8.85 42.54 -3.77
N MET C 517 -7.59 42.34 -4.13
CA MET C 517 -7.15 42.66 -5.49
C MET C 517 -7.86 41.80 -6.53
N MET C 518 -8.32 40.62 -6.14
CA MET C 518 -9.06 39.76 -7.06
C MET C 518 -10.49 40.23 -7.28
N GLY C 519 -10.94 41.26 -6.57
CA GLY C 519 -12.27 41.81 -6.76
C GLY C 519 -13.31 41.37 -5.76
N VAL C 520 -12.92 40.65 -4.72
CA VAL C 520 -13.86 40.27 -3.67
C VAL C 520 -14.15 41.49 -2.81
N ASP C 521 -15.42 41.68 -2.47
CA ASP C 521 -15.80 42.83 -1.67
C ASP C 521 -15.14 42.78 -0.30
N TRP C 522 -15.20 43.91 0.41
CA TRP C 522 -14.45 44.03 1.66
C TRP C 522 -14.83 42.94 2.65
N GLN C 523 -16.14 42.71 2.83
CA GLN C 523 -16.58 41.75 3.84
C GLN C 523 -16.11 40.33 3.51
N ASP C 524 -16.26 39.92 2.25
CA ASP C 524 -15.93 38.55 1.87
C ASP C 524 -14.44 38.34 1.62
N SER C 525 -13.65 39.41 1.55
CA SER C 525 -12.21 39.24 1.34
C SER C 525 -11.58 38.52 2.53
N PHE C 526 -12.05 38.82 3.75
CA PHE C 526 -11.51 38.14 4.93
C PHE C 526 -11.87 36.67 4.94
N MET C 527 -13.05 36.31 4.42
CA MET C 527 -13.43 34.90 4.36
C MET C 527 -12.65 34.17 3.26
N VAL C 528 -12.42 34.83 2.13
CA VAL C 528 -11.62 34.21 1.07
C VAL C 528 -10.17 34.06 1.52
N ALA C 529 -9.69 34.97 2.36
CA ALA C 529 -8.32 34.86 2.87
C ALA C 529 -8.13 33.57 3.63
N LYS C 530 -9.14 33.12 4.39
CA LYS C 530 -9.03 31.87 5.11
C LYS C 530 -8.85 30.70 4.16
N LEU C 531 -9.62 30.68 3.06
CA LEU C 531 -9.46 29.61 2.07
C LEU C 531 -8.09 29.69 1.40
N ILE C 532 -7.61 30.89 1.13
CA ILE C 532 -6.29 31.05 0.52
C ILE C 532 -5.23 30.48 1.43
N GLY C 533 -5.31 30.78 2.73
CA GLY C 533 -4.37 30.22 3.68
C GLY C 533 -4.47 28.71 3.78
N TYR C 534 -5.69 28.18 3.79
CA TYR C 534 -5.86 26.74 3.83
C TYR C 534 -5.17 26.08 2.64
N LYS C 535 -5.36 26.63 1.44
CA LYS C 535 -4.73 26.07 0.26
C LYS C 535 -3.21 26.19 0.33
N THR C 536 -2.72 27.36 0.76
CA THR C 536 -1.28 27.60 0.76
C THR C 536 -0.57 26.67 1.73
N PHE C 537 -1.16 26.43 2.91
CA PHE C 537 -0.42 25.76 3.97
C PHE C 537 -0.63 24.26 4.04
N PHE C 538 -1.82 23.73 3.69
CA PHE C 538 -2.03 22.29 3.73
C PHE C 538 -2.27 21.70 2.34
N ASN C 539 -3.35 22.10 1.67
CA ASN C 539 -3.62 21.61 0.31
C ASN C 539 -4.93 22.21 -0.19
N GLU C 540 -5.30 21.90 -1.43
CA GLU C 540 -6.55 22.39 -2.00
C GLU C 540 -7.76 21.56 -1.58
N PHE C 541 -7.56 20.36 -1.03
CA PHE C 541 -8.70 19.55 -0.60
C PHE C 541 -9.41 20.19 0.59
N VAL C 542 -8.65 20.66 1.58
CA VAL C 542 -9.26 21.27 2.76
C VAL C 542 -9.92 22.58 2.39
N ALA C 543 -9.27 23.39 1.54
CA ALA C 543 -9.87 24.64 1.13
C ALA C 543 -11.19 24.40 0.39
N TYR C 544 -11.22 23.39 -0.47
CA TYR C 544 -12.46 23.06 -1.18
C TYR C 544 -13.51 22.50 -0.22
N GLN C 545 -13.10 21.74 0.80
CA GLN C 545 -14.05 21.29 1.80
C GLN C 545 -14.69 22.46 2.53
N GLN C 546 -13.88 23.44 2.92
CA GLN C 546 -14.42 24.63 3.58
C GLN C 546 -15.30 25.43 2.63
N LEU C 547 -14.90 25.53 1.37
CA LEU C 547 -15.71 26.22 0.39
C LEU C 547 -17.06 25.53 0.20
N SER C 548 -17.08 24.20 0.19
CA SER C 548 -18.33 23.48 0.11
C SER C 548 -19.18 23.69 1.36
N LYS C 549 -18.55 23.76 2.53
CA LYS C 549 -19.30 24.11 3.74
C LYS C 549 -19.99 25.46 3.57
N LEU C 550 -19.23 26.46 3.09
CA LEU C 550 -19.81 27.79 2.91
C LEU C 550 -20.90 27.80 1.86
N ILE C 551 -20.70 27.06 0.77
CA ILE C 551 -21.70 27.01 -0.30
C ILE C 551 -22.99 26.38 0.22
N SER C 552 -22.87 25.29 0.97
CA SER C 552 -24.06 24.67 1.57
C SER C 552 -24.73 25.62 2.55
N LEU C 553 -23.94 26.31 3.37
CA LEU C 553 -24.52 27.26 4.32
C LEU C 553 -25.31 28.34 3.60
N ARG C 554 -24.75 28.87 2.50
CA ARG C 554 -25.48 29.86 1.72
C ARG C 554 -26.73 29.26 1.11
N GLN C 555 -26.63 28.05 0.56
CA GLN C 555 -27.77 27.42 -0.12
C GLN C 555 -28.89 27.07 0.84
N VAL C 556 -28.58 26.88 2.12
CA VAL C 556 -29.63 26.58 3.09
C VAL C 556 -30.57 27.77 3.24
N GLY C 557 -30.02 28.98 3.26
CA GLY C 557 -30.82 30.19 3.37
C GLY C 557 -30.94 30.76 4.76
N GLY C 558 -30.17 30.24 5.73
CA GLY C 558 -30.25 30.72 7.07
C GLY C 558 -29.69 32.13 7.21
N PRO C 559 -29.68 32.65 8.43
CA PRO C 559 -29.18 34.01 8.65
C PRO C 559 -27.74 34.16 8.19
N LYS C 560 -27.44 35.32 7.62
CA LYS C 560 -26.08 35.58 7.12
C LYS C 560 -25.14 36.01 8.23
N PHE C 561 -25.65 36.56 9.33
CA PHE C 561 -24.85 36.94 10.48
C PHE C 561 -25.49 36.37 11.74
N VAL C 562 -24.70 35.68 12.55
CA VAL C 562 -25.14 35.14 13.83
C VAL C 562 -24.16 35.64 14.88
N ASP C 563 -24.64 36.44 15.82
CA ASP C 563 -23.81 37.02 16.88
C ASP C 563 -22.65 37.83 16.29
N GLY C 564 -22.88 38.46 15.14
CA GLY C 564 -21.88 39.29 14.50
C GLY C 564 -20.88 38.55 13.64
N VAL C 565 -21.01 37.24 13.50
CA VAL C 565 -20.09 36.43 12.68
C VAL C 565 -20.79 36.10 11.37
N GLN C 566 -20.12 36.43 10.25
CA GLN C 566 -20.67 36.12 8.94
C GLN C 566 -20.60 34.62 8.68
N GLN C 567 -21.70 34.06 8.19
CA GLN C 567 -21.80 32.62 7.98
C GLN C 567 -21.45 32.22 6.55
N TYR C 568 -21.85 33.00 5.56
CA TYR C 568 -21.59 32.66 4.16
C TYR C 568 -21.41 33.94 3.36
N MET C 569 -20.84 33.79 2.17
CA MET C 569 -20.50 34.90 1.30
C MET C 569 -21.31 34.82 0.00
N SER C 570 -21.18 35.85 -0.82
CA SER C 570 -21.94 35.93 -2.06
C SER C 570 -21.51 34.83 -3.03
N MET C 571 -22.31 34.65 -4.08
CA MET C 571 -22.02 33.62 -5.07
C MET C 571 -20.87 34.03 -5.98
N ARG C 572 -20.73 35.32 -6.28
CA ARG C 572 -19.58 35.78 -7.06
C ARG C 572 -18.29 35.54 -6.31
N SER C 573 -18.29 35.81 -5.00
CA SER C 573 -17.11 35.51 -4.19
C SER C 573 -16.80 34.02 -4.18
N GLU C 574 -17.85 33.19 -4.14
CA GLU C 574 -17.63 31.75 -4.21
C GLU C 574 -17.00 31.36 -5.54
N ALA C 575 -17.47 31.95 -6.64
CA ALA C 575 -16.88 31.64 -7.95
C ALA C 575 -15.42 32.07 -8.00
N ILE C 576 -15.12 33.26 -7.47
CA ILE C 576 -13.74 33.74 -7.47
C ILE C 576 -12.85 32.83 -6.64
N SER C 577 -13.36 32.36 -5.49
CA SER C 577 -12.59 31.43 -4.67
C SER C 577 -12.37 30.11 -5.40
N THR C 578 -13.39 29.64 -6.13
CA THR C 578 -13.24 28.39 -6.88
C THR C 578 -12.15 28.53 -7.94
N TYR C 579 -12.12 29.67 -8.63
CA TYR C 579 -11.06 29.92 -9.61
C TYR C 579 -9.70 30.01 -8.93
N ALA C 580 -9.63 30.70 -7.79
CA ALA C 580 -8.35 30.90 -7.11
C ALA C 580 -7.78 29.60 -6.57
N LEU C 581 -8.62 28.67 -6.14
CA LEU C 581 -8.17 27.47 -5.45
C LEU C 581 -7.87 26.31 -6.39
N CYS C 582 -7.95 26.51 -7.70
CA CYS C 582 -7.76 25.43 -8.67
C CYS C 582 -6.26 25.30 -8.95
N GLY C 583 -5.59 24.45 -8.17
CA GLY C 583 -4.18 24.21 -8.37
C GLY C 583 -3.57 23.29 -7.33
N PHE C 584 -2.46 22.65 -7.67
CA PHE C 584 -1.72 21.79 -6.75
C PHE C 584 -0.55 22.53 -6.10
N ALA C 585 -0.59 23.86 -6.08
CA ALA C 585 0.53 24.65 -5.55
C ALA C 585 0.42 24.72 -4.04
N ASN C 586 1.36 24.05 -3.36
CA ASN C 586 1.47 24.13 -1.91
C ASN C 586 2.90 23.78 -1.53
N PHE C 587 3.32 24.27 -0.36
CA PHE C 587 4.69 24.07 0.06
C PHE C 587 5.04 22.59 0.23
N GLY C 588 4.04 21.76 0.52
CA GLY C 588 4.30 20.36 0.79
C GLY C 588 4.58 19.50 -0.42
N SER C 589 4.22 19.95 -1.62
CA SER C 589 4.42 19.18 -2.84
C SER C 589 5.72 19.53 -3.55
N LEU C 590 6.48 20.50 -3.03
CA LEU C 590 7.75 20.84 -3.64
C LEU C 590 8.69 19.65 -3.61
N GLY C 591 8.73 18.93 -2.49
CA GLY C 591 9.63 17.80 -2.38
C GLY C 591 9.30 16.69 -3.35
N ILE C 592 8.01 16.32 -3.45
CA ILE C 592 7.64 15.24 -4.34
C ILE C 592 7.83 15.65 -5.79
N VAL C 593 7.53 16.91 -6.12
CA VAL C 593 7.73 17.37 -7.49
C VAL C 593 9.21 17.30 -7.86
N ILE C 594 10.08 17.79 -6.97
CA ILE C 594 11.51 17.76 -7.25
C ILE C 594 11.99 16.31 -7.37
N GLY C 595 11.53 15.45 -6.47
CA GLY C 595 11.94 14.06 -6.54
C GLY C 595 11.54 13.39 -7.84
N GLY C 596 10.28 13.58 -8.26
CA GLY C 596 9.83 12.96 -9.49
C GLY C 596 10.56 13.50 -10.72
N LEU C 597 10.77 14.81 -10.76
CA LEU C 597 11.42 15.39 -11.94
C LEU C 597 12.89 14.99 -12.00
N THR C 598 13.57 14.92 -10.85
CA THR C 598 14.94 14.41 -10.83
C THR C 598 14.98 12.95 -11.23
N SER C 599 13.99 12.16 -10.78
CA SER C 599 13.94 10.76 -11.16
C SER C 599 13.82 10.60 -12.67
N MET C 600 12.98 11.43 -13.30
CA MET C 600 12.86 11.38 -14.75
C MET C 600 14.13 11.87 -15.43
N ALA C 601 14.79 12.88 -14.87
CA ALA C 601 16.00 13.47 -15.44
C ALA C 601 17.05 13.63 -14.36
N PRO C 602 17.78 12.56 -14.02
CA PRO C 602 18.78 12.67 -12.95
C PRO C 602 19.85 13.72 -13.22
N SER C 603 20.25 13.91 -14.49
CA SER C 603 21.35 14.82 -14.78
C SER C 603 21.00 16.26 -14.45
N ARG C 604 19.71 16.60 -14.45
CA ARG C 604 19.26 17.97 -14.26
C ARG C 604 18.85 18.27 -12.82
N LYS C 605 19.38 17.53 -11.85
CA LYS C 605 18.96 17.72 -10.47
C LYS C 605 19.27 19.15 -10.00
N ARG C 606 20.43 19.68 -10.36
CA ARG C 606 20.80 21.02 -9.91
C ARG C 606 19.83 22.07 -10.45
N ASP C 607 19.46 21.96 -11.73
CA ASP C 607 18.57 22.94 -12.32
C ASP C 607 17.15 22.82 -11.77
N ILE C 608 16.69 21.60 -11.52
CA ILE C 608 15.31 21.40 -11.05
C ILE C 608 15.11 22.10 -9.71
N THR C 609 16.06 21.94 -8.80
CA THR C 609 15.91 22.50 -7.46
C THR C 609 15.86 24.02 -7.50
N ALA C 610 16.64 24.65 -8.39
CA ALA C 610 16.80 26.10 -8.35
C ALA C 610 15.47 26.81 -8.59
N GLY C 611 14.69 26.38 -9.58
CA GLY C 611 13.50 27.09 -9.97
C GLY C 611 12.19 26.59 -9.40
N ALA C 612 12.23 25.66 -8.44
CA ALA C 612 10.98 25.07 -7.96
C ALA C 612 10.14 26.07 -7.19
N MET C 613 10.76 26.85 -6.31
CA MET C 613 10.01 27.84 -5.56
C MET C 613 9.43 28.91 -6.48
N ARG C 614 10.22 29.36 -7.45
CA ARG C 614 9.71 30.35 -8.39
C ARG C 614 8.56 29.78 -9.22
N ALA C 615 8.66 28.49 -9.61
CA ALA C 615 7.55 27.88 -10.33
C ALA C 615 6.30 27.77 -9.47
N LEU C 616 6.45 27.49 -8.18
CA LEU C 616 5.30 27.43 -7.30
C LEU C 616 4.65 28.80 -7.16
N ILE C 617 5.46 29.85 -7.00
CA ILE C 617 4.92 31.20 -6.90
C ILE C 617 4.25 31.60 -8.20
N ALA C 618 4.85 31.22 -9.33
CA ALA C 618 4.24 31.52 -10.63
C ALA C 618 2.90 30.81 -10.79
N GLY C 619 2.81 29.55 -10.35
CA GLY C 619 1.54 28.86 -10.40
C GLY C 619 0.48 29.56 -9.56
N THR C 620 0.85 29.98 -8.34
CA THR C 620 -0.11 30.69 -7.52
C THR C 620 -0.53 32.00 -8.18
N ILE C 621 0.41 32.72 -8.79
CA ILE C 621 0.07 33.99 -9.45
C ILE C 621 -0.83 33.74 -10.65
N ALA C 622 -0.58 32.67 -11.39
CA ALA C 622 -1.45 32.34 -12.52
C ALA C 622 -2.86 32.02 -12.05
N CYS C 623 -2.98 31.29 -10.94
CA CYS C 623 -4.30 31.02 -10.39
C CYS C 623 -4.99 32.32 -10.00
N PHE C 624 -4.25 33.23 -9.37
CA PHE C 624 -4.83 34.51 -8.99
C PHE C 624 -5.24 35.33 -10.20
N LEU C 625 -4.48 35.25 -11.30
CA LEU C 625 -4.85 35.98 -12.51
C LEU C 625 -6.13 35.41 -13.12
N THR C 626 -6.27 34.08 -13.13
CA THR C 626 -7.51 33.49 -13.61
C THR C 626 -8.68 33.95 -12.73
N ALA C 627 -8.48 33.98 -11.41
CA ALA C 627 -9.53 34.47 -10.52
C ALA C 627 -9.84 35.92 -10.80
N CYS C 628 -8.82 36.73 -11.10
CA CYS C 628 -9.05 38.14 -11.42
C CYS C 628 -9.91 38.29 -12.66
N ILE C 629 -9.63 37.52 -13.71
CA ILE C 629 -10.44 37.61 -14.91
C ILE C 629 -11.87 37.16 -14.64
N ALA C 630 -12.02 36.04 -13.93
CA ALA C 630 -13.37 35.56 -13.59
C ALA C 630 -14.14 36.62 -12.81
N GLY C 631 -13.47 37.28 -11.87
CA GLY C 631 -14.13 38.33 -11.11
C GLY C 631 -14.51 39.52 -11.97
N MET C 632 -13.61 39.93 -12.88
CA MET C 632 -13.89 41.09 -13.70
C MET C 632 -14.98 40.83 -14.73
N LEU C 633 -15.27 39.56 -15.04
CA LEU C 633 -16.32 39.24 -16.00
C LEU C 633 -17.65 38.89 -15.35
N THR C 634 -17.67 38.47 -14.09
CA THR C 634 -18.92 38.15 -13.41
C THR C 634 -19.58 39.42 -12.87
N ASN C 635 -20.89 39.34 -12.67
CA ASN C 635 -21.69 40.46 -12.21
C ASN C 635 -22.18 40.20 -10.78
N THR C 636 -22.48 41.29 -10.08
CA THR C 636 -22.97 41.20 -8.71
C THR C 636 -24.46 40.90 -8.70
N PRO C 637 -24.93 39.81 -8.09
CA PRO C 637 -26.36 39.54 -8.04
C PRO C 637 -27.09 40.34 -6.96
C8 U08 D . 6.16 -3.23 12.53
C5 U08 D . 6.36 -1.47 14.36
C6 U08 D . 3.90 -4.46 16.78
N1 U08 D . 7.35 -0.66 13.76
C2 U08 D . 6.93 -3.69 14.70
N3 U08 D . 6.21 -3.44 11.39
C4 U08 D . 4.93 -4.55 15.60
O2 U08 D . 7.45 -4.73 13.84
N2 U08 D . 8.30 -0.99 12.79
O4 U08 D . 3.86 -3.10 17.26
N4 U08 D . 9.14 1.23 12.87
C7 U08 D . 5.68 -0.68 15.26
C1 U08 D . 6.08 -2.95 14.06
C10 U08 D . 6.24 0.57 15.22
C11 U08 D . 8.22 1.54 13.79
C12 U08 D . 9.18 -0.03 12.35
C3 U08 D . 6.10 -4.39 16.00
C9 U08 D . 7.30 0.54 14.26
N5 U08 D . 8.17 2.94 14.36
O1 U08 D . 4.68 -3.33 14.59
O3 U08 D . 6.68 -5.66 16.33
H1 U08 D . 2.93 -4.75 16.43
H2 U08 D . 4.21 -5.14 17.58
H3 U08 D . 7.72 -3.10 15.06
H4 U08 D . 4.83 -5.49 15.09
H5 U08 D . 8.10 -5.27 14.32
H6 U08 D . 3.89 -3.08 18.25
H7 U08 D . 4.83 -1.01 15.90
H8 U08 D . 5.94 1.44 15.81
H9 U08 D . 9.93 -0.29 11.59
H10 U08 D . 6.13 -3.70 16.90
H11 U08 D . 7.93 3.07 15.27
H12 U08 D . 8.38 3.75 13.76
H13 U08 D . 6.62 -5.81 17.23
#